data_8WQN
# 
_entry.id   8WQN 
# 
_audit_conform.dict_name       mmcif_pdbx.dic 
_audit_conform.dict_version    5.397 
_audit_conform.dict_location   http://mmcif.pdb.org/dictionaries/ascii/mmcif_pdbx.dic 
# 
loop_
_database_2.database_id 
_database_2.database_code 
_database_2.pdbx_database_accession 
_database_2.pdbx_DOI 
PDB   8WQN         pdb_00008wqn 10.2210/pdb8wqn/pdb 
WWPDB D_1300041467 ?            ?                   
# 
loop_
_pdbx_audit_revision_history.ordinal 
_pdbx_audit_revision_history.data_content_type 
_pdbx_audit_revision_history.major_revision 
_pdbx_audit_revision_history.minor_revision 
_pdbx_audit_revision_history.revision_date 
1 'Structure model' 1 0 2024-08-07 
2 'Structure model' 1 1 2024-09-25 
3 'Structure model' 1 2 2024-10-23 
# 
_pdbx_audit_revision_details.ordinal             1 
_pdbx_audit_revision_details.revision_ordinal    1 
_pdbx_audit_revision_details.data_content_type   'Structure model' 
_pdbx_audit_revision_details.provider            repository 
_pdbx_audit_revision_details.type                'Initial release' 
_pdbx_audit_revision_details.description         ? 
_pdbx_audit_revision_details.details             ? 
# 
loop_
_pdbx_audit_revision_group.ordinal 
_pdbx_audit_revision_group.revision_ordinal 
_pdbx_audit_revision_group.data_content_type 
_pdbx_audit_revision_group.group 
1 2 'Structure model' 'Database references' 
2 3 'Structure model' 'Structure summary'   
# 
loop_
_pdbx_audit_revision_category.ordinal 
_pdbx_audit_revision_category.revision_ordinal 
_pdbx_audit_revision_category.data_content_type 
_pdbx_audit_revision_category.category 
1 2 'Structure model' citation                  
2 2 'Structure model' citation_author           
3 3 'Structure model' pdbx_entry_details        
4 3 'Structure model' pdbx_modification_feature 
# 
loop_
_pdbx_audit_revision_item.ordinal 
_pdbx_audit_revision_item.revision_ordinal 
_pdbx_audit_revision_item.data_content_type 
_pdbx_audit_revision_item.item 
1 2 'Structure model' '_citation.journal_volume'          
2 2 'Structure model' '_citation.page_first'              
3 2 'Structure model' '_citation.page_last'               
4 2 'Structure model' '_citation_author.identifier_ORCID' 
# 
_pdbx_database_status.status_code                     REL 
_pdbx_database_status.status_code_sf                  REL 
_pdbx_database_status.status_code_mr                  ? 
_pdbx_database_status.entry_id                        8WQN 
_pdbx_database_status.recvd_initial_deposition_date   2023-10-12 
_pdbx_database_status.SG_entry                        N 
_pdbx_database_status.deposit_site                    PDBJ 
_pdbx_database_status.process_site                    PDBJ 
_pdbx_database_status.status_code_cs                  ? 
_pdbx_database_status.status_code_nmr_data            ? 
_pdbx_database_status.methods_development_category    ? 
_pdbx_database_status.pdb_format_compatible           Y 
# 
_pdbx_contact_author.id                 2 
_pdbx_contact_author.email              hsiao@gate.sinica.edu.tw 
_pdbx_contact_author.name_first         Chwan-Deng 
_pdbx_contact_author.name_last          Hsiao 
_pdbx_contact_author.name_mi            ? 
_pdbx_contact_author.role               'principal investigator/group leader' 
_pdbx_contact_author.identifier_ORCID   0000-0002-7012-1532 
# 
loop_
_audit_author.name 
_audit_author.pdbx_ordinal 
_audit_author.identifier_ORCID 
'Yen, C.Y.'   1 0000-0003-1400-6908 
'Lin, M.G.'   2 0000-0001-8542-0386 
'Sun, Y.J.'   3 0000-0003-4734-7848 
'Hsiao, C.D.' 4 0000-0002-7012-1532 
# 
_citation.abstract                  ? 
_citation.abstract_id_CAS           ? 
_citation.book_id_ISBN              ? 
_citation.book_publisher            ? 
_citation.book_publisher_city       ? 
_citation.book_title                ? 
_citation.coordinate_linkage        ? 
_citation.country                   UK 
_citation.database_id_Medline       ? 
_citation.details                   ? 
_citation.id                        primary 
_citation.journal_abbrev            'Nucleic Acids Res.' 
_citation.journal_id_ASTM           NARHAD 
_citation.journal_id_CSD            0389 
_citation.journal_id_ISSN           1362-4962 
_citation.journal_full              ? 
_citation.journal_issue             ? 
_citation.journal_volume            52 
_citation.language                  ? 
_citation.page_first                9966 
_citation.page_last                 9977 
_citation.title                     
'Unraveling the structure and function of a novel SegC protein interacting with the SegAB chromosome segregation complex in Archaea.' 
_citation.year                      2024 
_citation.database_id_CSD           ? 
_citation.pdbx_database_id_DOI      10.1093/nar/gkae660 
_citation.pdbx_database_id_PubMed   39077943 
_citation.pdbx_database_id_patent   ? 
_citation.unpublished_flag          ? 
# 
loop_
_citation_author.citation_id 
_citation_author.name 
_citation_author.ordinal 
_citation_author.identifier_ORCID 
primary 'Lin, M.G.'   1 ? 
primary 'Yen, C.Y.'   2 ? 
primary 'Shen, Y.Y.'  3 ? 
primary 'Huang, Y.S.' 4 ? 
primary 'Ng, I.W.'    5 ? 
primary 'Barilla, D.' 6 ? 
primary 'Sun, Y.J.'   7 ? 
primary 'Hsiao, C.D.' 8 ? 
# 
loop_
_entity.id 
_entity.type 
_entity.src_method 
_entity.pdbx_description 
_entity.formula_weight 
_entity.pdbx_number_of_molecules 
_entity.pdbx_ec 
_entity.pdbx_mutation 
_entity.pdbx_fragment 
_entity.details 
1 polymer man SegC  19895.371 1   ? ? ? 'C-terminal missing' 
2 water   nat water 18.015    127 ? ? ? ?                    
# 
_entity_poly.entity_id                      1 
_entity_poly.type                           'polypeptide(L)' 
_entity_poly.nstd_linkage                   no 
_entity_poly.nstd_monomer                   no 
_entity_poly.pdbx_seq_one_letter_code       
;MFEKLYSAIIYSDEFKKILLGRGVDDLEIASAYIAFLYEDLPIIGKNLCAAFLRMGLDAVYNVMPSGKVYSPRHKLYPIS
RYGIDGVCINCDGGKIILRISNKGYDPEDLLESKGLESRIFVSKNFKKKSMEIIEKIWDVNKIRLIARKEILERISAGGI
LHMIRLEHHHHHH
;
_entity_poly.pdbx_seq_one_letter_code_can   
;MFEKLYSAIIYSDEFKKILLGRGVDDLEIASAYIAFLYEDLPIIGKNLCAAFLRMGLDAVYNVMPSGKVYSPRHKLYPIS
RYGIDGVCINCDGGKIILRISNKGYDPEDLLESKGLESRIFVSKNFKKKSMEIIEKIWDVNKIRLIARKEILERISAGGI
LHMIRLEHHHHHH
;
_entity_poly.pdbx_strand_id                 A 
_entity_poly.pdbx_target_identifier         ? 
# 
_pdbx_entity_nonpoly.entity_id   2 
_pdbx_entity_nonpoly.name        water 
_pdbx_entity_nonpoly.comp_id     HOH 
# 
loop_
_entity_poly_seq.entity_id 
_entity_poly_seq.num 
_entity_poly_seq.mon_id 
_entity_poly_seq.hetero 
1 1   MET n 
1 2   PHE n 
1 3   GLU n 
1 4   LYS n 
1 5   LEU n 
1 6   TYR n 
1 7   SER n 
1 8   ALA n 
1 9   ILE n 
1 10  ILE n 
1 11  TYR n 
1 12  SER n 
1 13  ASP n 
1 14  GLU n 
1 15  PHE n 
1 16  LYS n 
1 17  LYS n 
1 18  ILE n 
1 19  LEU n 
1 20  LEU n 
1 21  GLY n 
1 22  ARG n 
1 23  GLY n 
1 24  VAL n 
1 25  ASP n 
1 26  ASP n 
1 27  LEU n 
1 28  GLU n 
1 29  ILE n 
1 30  ALA n 
1 31  SER n 
1 32  ALA n 
1 33  TYR n 
1 34  ILE n 
1 35  ALA n 
1 36  PHE n 
1 37  LEU n 
1 38  TYR n 
1 39  GLU n 
1 40  ASP n 
1 41  LEU n 
1 42  PRO n 
1 43  ILE n 
1 44  ILE n 
1 45  GLY n 
1 46  LYS n 
1 47  ASN n 
1 48  LEU n 
1 49  CYS n 
1 50  ALA n 
1 51  ALA n 
1 52  PHE n 
1 53  LEU n 
1 54  ARG n 
1 55  MET n 
1 56  GLY n 
1 57  LEU n 
1 58  ASP n 
1 59  ALA n 
1 60  VAL n 
1 61  TYR n 
1 62  ASN n 
1 63  VAL n 
1 64  MET n 
1 65  PRO n 
1 66  SER n 
1 67  GLY n 
1 68  LYS n 
1 69  VAL n 
1 70  TYR n 
1 71  SER n 
1 72  PRO n 
1 73  ARG n 
1 74  HIS n 
1 75  LYS n 
1 76  LEU n 
1 77  TYR n 
1 78  PRO n 
1 79  ILE n 
1 80  SER n 
1 81  ARG n 
1 82  TYR n 
1 83  GLY n 
1 84  ILE n 
1 85  ASP n 
1 86  GLY n 
1 87  VAL n 
1 88  CYS n 
1 89  ILE n 
1 90  ASN n 
1 91  CYS n 
1 92  ASP n 
1 93  GLY n 
1 94  GLY n 
1 95  LYS n 
1 96  ILE n 
1 97  ILE n 
1 98  LEU n 
1 99  ARG n 
1 100 ILE n 
1 101 SER n 
1 102 ASN n 
1 103 LYS n 
1 104 GLY n 
1 105 TYR n 
1 106 ASP n 
1 107 PRO n 
1 108 GLU n 
1 109 ASP n 
1 110 LEU n 
1 111 LEU n 
1 112 GLU n 
1 113 SER n 
1 114 LYS n 
1 115 GLY n 
1 116 LEU n 
1 117 GLU n 
1 118 SER n 
1 119 ARG n 
1 120 ILE n 
1 121 PHE n 
1 122 VAL n 
1 123 SER n 
1 124 LYS n 
1 125 ASN n 
1 126 PHE n 
1 127 LYS n 
1 128 LYS n 
1 129 LYS n 
1 130 SER n 
1 131 MET n 
1 132 GLU n 
1 133 ILE n 
1 134 ILE n 
1 135 GLU n 
1 136 LYS n 
1 137 ILE n 
1 138 TRP n 
1 139 ASP n 
1 140 VAL n 
1 141 ASN n 
1 142 LYS n 
1 143 ILE n 
1 144 ARG n 
1 145 LEU n 
1 146 ILE n 
1 147 ALA n 
1 148 ARG n 
1 149 LYS n 
1 150 GLU n 
1 151 ILE n 
1 152 LEU n 
1 153 GLU n 
1 154 ARG n 
1 155 ILE n 
1 156 SER n 
1 157 ALA n 
1 158 GLY n 
1 159 GLY n 
1 160 ILE n 
1 161 LEU n 
1 162 HIS n 
1 163 MET n 
1 164 ILE n 
1 165 ARG n 
1 166 LEU n 
1 167 GLU n 
1 168 HIS n 
1 169 HIS n 
1 170 HIS n 
1 171 HIS n 
1 172 HIS n 
1 173 HIS n 
# 
_entity_src_gen.entity_id                          1 
_entity_src_gen.pdbx_src_id                        1 
_entity_src_gen.pdbx_alt_source_flag               sample 
_entity_src_gen.pdbx_seq_type                      'Biological sequence' 
_entity_src_gen.pdbx_beg_seq_num                   1 
_entity_src_gen.pdbx_end_seq_num                   173 
_entity_src_gen.gene_src_common_name               ? 
_entity_src_gen.gene_src_genus                     ? 
_entity_src_gen.pdbx_gene_src_gene                 SSO0033 
_entity_src_gen.gene_src_species                   ? 
_entity_src_gen.gene_src_strain                    ? 
_entity_src_gen.gene_src_tissue                    ? 
_entity_src_gen.gene_src_tissue_fraction           ? 
_entity_src_gen.gene_src_details                   ? 
_entity_src_gen.pdbx_gene_src_fragment             ? 
_entity_src_gen.pdbx_gene_src_scientific_name      'Saccharolobus solfataricus P2' 
_entity_src_gen.pdbx_gene_src_ncbi_taxonomy_id     273057 
_entity_src_gen.pdbx_gene_src_variant              ? 
_entity_src_gen.pdbx_gene_src_cell_line            ? 
_entity_src_gen.pdbx_gene_src_atcc                 ? 
_entity_src_gen.pdbx_gene_src_organ                ? 
_entity_src_gen.pdbx_gene_src_organelle            ? 
_entity_src_gen.pdbx_gene_src_cell                 ? 
_entity_src_gen.pdbx_gene_src_cellular_location    ? 
_entity_src_gen.host_org_common_name               ? 
_entity_src_gen.pdbx_host_org_scientific_name      'Escherichia coli' 
_entity_src_gen.pdbx_host_org_ncbi_taxonomy_id     562 
_entity_src_gen.host_org_genus                     ? 
_entity_src_gen.pdbx_host_org_gene                 ? 
_entity_src_gen.pdbx_host_org_organ                ? 
_entity_src_gen.host_org_species                   ? 
_entity_src_gen.pdbx_host_org_tissue               ? 
_entity_src_gen.pdbx_host_org_tissue_fraction      ? 
_entity_src_gen.pdbx_host_org_strain               ? 
_entity_src_gen.pdbx_host_org_variant              ? 
_entity_src_gen.pdbx_host_org_cell_line            ? 
_entity_src_gen.pdbx_host_org_atcc                 ? 
_entity_src_gen.pdbx_host_org_culture_collection   ? 
_entity_src_gen.pdbx_host_org_cell                 ? 
_entity_src_gen.pdbx_host_org_organelle            ? 
_entity_src_gen.pdbx_host_org_cellular_location    ? 
_entity_src_gen.pdbx_host_org_vector_type          ? 
_entity_src_gen.pdbx_host_org_vector               ? 
_entity_src_gen.host_org_details                   ? 
_entity_src_gen.expression_system_id               ? 
_entity_src_gen.plasmid_name                       ? 
_entity_src_gen.plasmid_details                    ? 
_entity_src_gen.pdbx_description                   ? 
# 
loop_
_chem_comp.id 
_chem_comp.type 
_chem_comp.mon_nstd_flag 
_chem_comp.name 
_chem_comp.pdbx_synonyms 
_chem_comp.formula 
_chem_comp.formula_weight 
ALA 'L-peptide linking' y ALANINE         ? 'C3 H7 N O2'     89.093  
ARG 'L-peptide linking' y ARGININE        ? 'C6 H15 N4 O2 1' 175.209 
ASN 'L-peptide linking' y ASPARAGINE      ? 'C4 H8 N2 O3'    132.118 
ASP 'L-peptide linking' y 'ASPARTIC ACID' ? 'C4 H7 N O4'     133.103 
CYS 'L-peptide linking' y CYSTEINE        ? 'C3 H7 N O2 S'   121.158 
GLU 'L-peptide linking' y 'GLUTAMIC ACID' ? 'C5 H9 N O4'     147.129 
GLY 'peptide linking'   y GLYCINE         ? 'C2 H5 N O2'     75.067  
HIS 'L-peptide linking' y HISTIDINE       ? 'C6 H10 N3 O2 1' 156.162 
HOH non-polymer         . WATER           ? 'H2 O'           18.015  
ILE 'L-peptide linking' y ISOLEUCINE      ? 'C6 H13 N O2'    131.173 
LEU 'L-peptide linking' y LEUCINE         ? 'C6 H13 N O2'    131.173 
LYS 'L-peptide linking' y LYSINE          ? 'C6 H15 N2 O2 1' 147.195 
MET 'L-peptide linking' y METHIONINE      ? 'C5 H11 N O2 S'  149.211 
PHE 'L-peptide linking' y PHENYLALANINE   ? 'C9 H11 N O2'    165.189 
PRO 'L-peptide linking' y PROLINE         ? 'C5 H9 N O2'     115.130 
SER 'L-peptide linking' y SERINE          ? 'C3 H7 N O3'     105.093 
TRP 'L-peptide linking' y TRYPTOPHAN      ? 'C11 H12 N2 O2'  204.225 
TYR 'L-peptide linking' y TYROSINE        ? 'C9 H11 N O3'    181.189 
VAL 'L-peptide linking' y VALINE          ? 'C5 H11 N O2'    117.146 
# 
loop_
_pdbx_poly_seq_scheme.asym_id 
_pdbx_poly_seq_scheme.entity_id 
_pdbx_poly_seq_scheme.seq_id 
_pdbx_poly_seq_scheme.mon_id 
_pdbx_poly_seq_scheme.ndb_seq_num 
_pdbx_poly_seq_scheme.pdb_seq_num 
_pdbx_poly_seq_scheme.auth_seq_num 
_pdbx_poly_seq_scheme.pdb_mon_id 
_pdbx_poly_seq_scheme.auth_mon_id 
_pdbx_poly_seq_scheme.pdb_strand_id 
_pdbx_poly_seq_scheme.pdb_ins_code 
_pdbx_poly_seq_scheme.hetero 
A 1 1   MET 1   1   1   MET MET A . n 
A 1 2   PHE 2   2   2   PHE PHE A . n 
A 1 3   GLU 3   3   3   GLU GLU A . n 
A 1 4   LYS 4   4   4   LYS LYS A . n 
A 1 5   LEU 5   5   5   LEU LEU A . n 
A 1 6   TYR 6   6   6   TYR TYR A . n 
A 1 7   SER 7   7   7   SER SER A . n 
A 1 8   ALA 8   8   8   ALA ALA A . n 
A 1 9   ILE 9   9   9   ILE ILE A . n 
A 1 10  ILE 10  10  10  ILE ILE A . n 
A 1 11  TYR 11  11  11  TYR TYR A . n 
A 1 12  SER 12  12  12  SER SER A . n 
A 1 13  ASP 13  13  13  ASP ASP A . n 
A 1 14  GLU 14  14  14  GLU GLU A . n 
A 1 15  PHE 15  15  15  PHE PHE A . n 
A 1 16  LYS 16  16  16  LYS LYS A . n 
A 1 17  LYS 17  17  17  LYS LYS A . n 
A 1 18  ILE 18  18  18  ILE ILE A . n 
A 1 19  LEU 19  19  19  LEU LEU A . n 
A 1 20  LEU 20  20  20  LEU LEU A . n 
A 1 21  GLY 21  21  21  GLY GLY A . n 
A 1 22  ARG 22  22  22  ARG ARG A . n 
A 1 23  GLY 23  23  23  GLY GLY A . n 
A 1 24  VAL 24  24  24  VAL VAL A . n 
A 1 25  ASP 25  25  25  ASP ASP A . n 
A 1 26  ASP 26  26  26  ASP ASP A . n 
A 1 27  LEU 27  27  27  LEU LEU A . n 
A 1 28  GLU 28  28  28  GLU GLU A . n 
A 1 29  ILE 29  29  29  ILE ILE A . n 
A 1 30  ALA 30  30  30  ALA ALA A . n 
A 1 31  SER 31  31  31  SER SER A . n 
A 1 32  ALA 32  32  32  ALA ALA A . n 
A 1 33  TYR 33  33  33  TYR TYR A . n 
A 1 34  ILE 34  34  34  ILE ILE A . n 
A 1 35  ALA 35  35  35  ALA ALA A . n 
A 1 36  PHE 36  36  36  PHE PHE A . n 
A 1 37  LEU 37  37  37  LEU LEU A . n 
A 1 38  TYR 38  38  38  TYR TYR A . n 
A 1 39  GLU 39  39  39  GLU GLU A . n 
A 1 40  ASP 40  40  40  ASP ASP A . n 
A 1 41  LEU 41  41  41  LEU LEU A . n 
A 1 42  PRO 42  42  42  PRO PRO A . n 
A 1 43  ILE 43  43  43  ILE ILE A . n 
A 1 44  ILE 44  44  44  ILE ILE A . n 
A 1 45  GLY 45  45  45  GLY GLY A . n 
A 1 46  LYS 46  46  46  LYS LYS A . n 
A 1 47  ASN 47  47  47  ASN ASN A . n 
A 1 48  LEU 48  48  48  LEU LEU A . n 
A 1 49  CYS 49  49  49  CYS CYS A . n 
A 1 50  ALA 50  50  50  ALA ALA A . n 
A 1 51  ALA 51  51  51  ALA ALA A . n 
A 1 52  PHE 52  52  52  PHE PHE A . n 
A 1 53  LEU 53  53  53  LEU LEU A . n 
A 1 54  ARG 54  54  54  ARG ARG A . n 
A 1 55  MET 55  55  55  MET MET A . n 
A 1 56  GLY 56  56  56  GLY GLY A . n 
A 1 57  LEU 57  57  57  LEU LEU A . n 
A 1 58  ASP 58  58  58  ASP ASP A . n 
A 1 59  ALA 59  59  59  ALA ALA A . n 
A 1 60  VAL 60  60  60  VAL VAL A . n 
A 1 61  TYR 61  61  61  TYR TYR A . n 
A 1 62  ASN 62  62  62  ASN ASN A . n 
A 1 63  VAL 63  63  63  VAL VAL A . n 
A 1 64  MET 64  64  64  MET MET A . n 
A 1 65  PRO 65  65  65  PRO PRO A . n 
A 1 66  SER 66  66  66  SER SER A . n 
A 1 67  GLY 67  67  67  GLY GLY A . n 
A 1 68  LYS 68  68  68  LYS LYS A . n 
A 1 69  VAL 69  69  69  VAL VAL A . n 
A 1 70  TYR 70  70  70  TYR TYR A . n 
A 1 71  SER 71  71  71  SER SER A . n 
A 1 72  PRO 72  72  72  PRO PRO A . n 
A 1 73  ARG 73  73  73  ARG ARG A . n 
A 1 74  HIS 74  74  74  HIS HIS A . n 
A 1 75  LYS 75  75  75  LYS LYS A . n 
A 1 76  LEU 76  76  76  LEU LEU A . n 
A 1 77  TYR 77  77  77  TYR TYR A . n 
A 1 78  PRO 78  78  78  PRO PRO A . n 
A 1 79  ILE 79  79  79  ILE ILE A . n 
A 1 80  SER 80  80  80  SER SER A . n 
A 1 81  ARG 81  81  81  ARG ARG A . n 
A 1 82  TYR 82  82  82  TYR TYR A . n 
A 1 83  GLY 83  83  83  GLY GLY A . n 
A 1 84  ILE 84  84  84  ILE ILE A . n 
A 1 85  ASP 85  85  85  ASP ASP A . n 
A 1 86  GLY 86  86  86  GLY GLY A . n 
A 1 87  VAL 87  87  87  VAL VAL A . n 
A 1 88  CYS 88  88  88  CYS CYS A . n 
A 1 89  ILE 89  89  89  ILE ILE A . n 
A 1 90  ASN 90  90  90  ASN ASN A . n 
A 1 91  CYS 91  91  91  CYS CYS A . n 
A 1 92  ASP 92  92  92  ASP ASP A . n 
A 1 93  GLY 93  93  93  GLY GLY A . n 
A 1 94  GLY 94  94  94  GLY GLY A . n 
A 1 95  LYS 95  95  95  LYS LYS A . n 
A 1 96  ILE 96  96  96  ILE ILE A . n 
A 1 97  ILE 97  97  97  ILE ILE A . n 
A 1 98  LEU 98  98  98  LEU LEU A . n 
A 1 99  ARG 99  99  99  ARG ARG A . n 
A 1 100 ILE 100 100 100 ILE ILE A . n 
A 1 101 SER 101 101 101 SER SER A . n 
A 1 102 ASN 102 102 102 ASN ASN A . n 
A 1 103 LYS 103 103 103 LYS LYS A . n 
A 1 104 GLY 104 104 104 GLY GLY A . n 
A 1 105 TYR 105 105 105 TYR TYR A . n 
A 1 106 ASP 106 106 106 ASP ASP A . n 
A 1 107 PRO 107 107 107 PRO PRO A . n 
A 1 108 GLU 108 108 108 GLU GLU A . n 
A 1 109 ASP 109 109 109 ASP ASP A . n 
A 1 110 LEU 110 110 110 LEU LEU A . n 
A 1 111 LEU 111 111 111 LEU LEU A . n 
A 1 112 GLU 112 112 112 GLU GLU A . n 
A 1 113 SER 113 113 113 SER SER A . n 
A 1 114 LYS 114 114 114 LYS LYS A . n 
A 1 115 GLY 115 115 115 GLY GLY A . n 
A 1 116 LEU 116 116 116 LEU LEU A . n 
A 1 117 GLU 117 117 117 GLU GLU A . n 
A 1 118 SER 118 118 118 SER SER A . n 
A 1 119 ARG 119 119 119 ARG ARG A . n 
A 1 120 ILE 120 120 120 ILE ILE A . n 
A 1 121 PHE 121 121 121 PHE PHE A . n 
A 1 122 VAL 122 122 122 VAL VAL A . n 
A 1 123 SER 123 123 123 SER SER A . n 
A 1 124 LYS 124 124 124 LYS LYS A . n 
A 1 125 ASN 125 125 125 ASN ASN A . n 
A 1 126 PHE 126 126 126 PHE PHE A . n 
A 1 127 LYS 127 127 127 LYS LYS A . n 
A 1 128 LYS 128 128 128 LYS LYS A . n 
A 1 129 LYS 129 129 129 LYS LYS A . n 
A 1 130 SER 130 130 130 SER SER A . n 
A 1 131 MET 131 131 131 MET MET A . n 
A 1 132 GLU 132 132 132 GLU GLU A . n 
A 1 133 ILE 133 133 133 ILE ILE A . n 
A 1 134 ILE 134 134 134 ILE ILE A . n 
A 1 135 GLU 135 135 135 GLU GLU A . n 
A 1 136 LYS 136 136 136 LYS LYS A . n 
A 1 137 ILE 137 137 137 ILE ILE A . n 
A 1 138 TRP 138 138 138 TRP TRP A . n 
A 1 139 ASP 139 139 139 ASP ASP A . n 
A 1 140 VAL 140 140 140 VAL VAL A . n 
A 1 141 ASN 141 141 141 ASN ASN A . n 
A 1 142 LYS 142 142 142 LYS LYS A . n 
A 1 143 ILE 143 143 143 ILE ILE A . n 
A 1 144 ARG 144 144 144 ARG ARG A . n 
A 1 145 LEU 145 145 145 LEU LEU A . n 
A 1 146 ILE 146 146 146 ILE ILE A . n 
A 1 147 ALA 147 147 147 ALA ALA A . n 
A 1 148 ARG 148 148 148 ARG ARG A . n 
A 1 149 LYS 149 149 149 LYS LYS A . n 
A 1 150 GLU 150 150 150 GLU GLU A . n 
A 1 151 ILE 151 151 151 ILE ILE A . n 
A 1 152 LEU 152 152 152 LEU LEU A . n 
A 1 153 GLU 153 153 153 GLU GLU A . n 
A 1 154 ARG 154 154 154 ARG ARG A . n 
A 1 155 ILE 155 155 155 ILE ILE A . n 
A 1 156 SER 156 156 ?   ?   ?   A . n 
A 1 157 ALA 157 157 ?   ?   ?   A . n 
A 1 158 GLY 158 158 ?   ?   ?   A . n 
A 1 159 GLY 159 159 ?   ?   ?   A . n 
A 1 160 ILE 160 160 ?   ?   ?   A . n 
A 1 161 LEU 161 161 ?   ?   ?   A . n 
A 1 162 HIS 162 162 ?   ?   ?   A . n 
A 1 163 MET 163 163 ?   ?   ?   A . n 
A 1 164 ILE 164 164 ?   ?   ?   A . n 
A 1 165 ARG 165 165 ?   ?   ?   A . n 
A 1 166 LEU 166 166 ?   ?   ?   A . n 
A 1 167 GLU 167 167 ?   ?   ?   A . n 
A 1 168 HIS 168 168 ?   ?   ?   A . n 
A 1 169 HIS 169 169 ?   ?   ?   A . n 
A 1 170 HIS 170 170 ?   ?   ?   A . n 
A 1 171 HIS 171 171 ?   ?   ?   A . n 
A 1 172 HIS 172 172 ?   ?   ?   A . n 
A 1 173 HIS 173 173 ?   ?   ?   A . n 
# 
loop_
_pdbx_nonpoly_scheme.asym_id 
_pdbx_nonpoly_scheme.entity_id 
_pdbx_nonpoly_scheme.mon_id 
_pdbx_nonpoly_scheme.ndb_seq_num 
_pdbx_nonpoly_scheme.pdb_seq_num 
_pdbx_nonpoly_scheme.auth_seq_num 
_pdbx_nonpoly_scheme.pdb_mon_id 
_pdbx_nonpoly_scheme.auth_mon_id 
_pdbx_nonpoly_scheme.pdb_strand_id 
_pdbx_nonpoly_scheme.pdb_ins_code 
B 2 HOH 1   201 93  HOH HOH A . 
B 2 HOH 2   202 73  HOH HOH A . 
B 2 HOH 3   203 67  HOH HOH A . 
B 2 HOH 4   204 63  HOH HOH A . 
B 2 HOH 5   205 52  HOH HOH A . 
B 2 HOH 6   206 106 HOH HOH A . 
B 2 HOH 7   207 42  HOH HOH A . 
B 2 HOH 8   208 56  HOH HOH A . 
B 2 HOH 9   209 92  HOH HOH A . 
B 2 HOH 10  210 13  HOH HOH A . 
B 2 HOH 11  211 55  HOH HOH A . 
B 2 HOH 12  212 4   HOH HOH A . 
B 2 HOH 13  213 76  HOH HOH A . 
B 2 HOH 14  214 65  HOH HOH A . 
B 2 HOH 15  215 34  HOH HOH A . 
B 2 HOH 16  216 15  HOH HOH A . 
B 2 HOH 17  217 11  HOH HOH A . 
B 2 HOH 18  218 62  HOH HOH A . 
B 2 HOH 19  219 23  HOH HOH A . 
B 2 HOH 20  220 26  HOH HOH A . 
B 2 HOH 21  221 57  HOH HOH A . 
B 2 HOH 22  222 7   HOH HOH A . 
B 2 HOH 23  223 5   HOH HOH A . 
B 2 HOH 24  224 54  HOH HOH A . 
B 2 HOH 25  225 38  HOH HOH A . 
B 2 HOH 26  226 27  HOH HOH A . 
B 2 HOH 27  227 68  HOH HOH A . 
B 2 HOH 28  228 24  HOH HOH A . 
B 2 HOH 29  229 109 HOH HOH A . 
B 2 HOH 30  230 21  HOH HOH A . 
B 2 HOH 31  231 3   HOH HOH A . 
B 2 HOH 32  232 49  HOH HOH A . 
B 2 HOH 33  233 39  HOH HOH A . 
B 2 HOH 34  234 22  HOH HOH A . 
B 2 HOH 35  235 9   HOH HOH A . 
B 2 HOH 36  236 43  HOH HOH A . 
B 2 HOH 37  237 32  HOH HOH A . 
B 2 HOH 38  238 46  HOH HOH A . 
B 2 HOH 39  239 74  HOH HOH A . 
B 2 HOH 40  240 66  HOH HOH A . 
B 2 HOH 41  241 17  HOH HOH A . 
B 2 HOH 42  242 12  HOH HOH A . 
B 2 HOH 43  243 14  HOH HOH A . 
B 2 HOH 44  244 19  HOH HOH A . 
B 2 HOH 45  245 75  HOH HOH A . 
B 2 HOH 46  246 47  HOH HOH A . 
B 2 HOH 47  247 103 HOH HOH A . 
B 2 HOH 48  248 25  HOH HOH A . 
B 2 HOH 49  249 45  HOH HOH A . 
B 2 HOH 50  250 30  HOH HOH A . 
B 2 HOH 51  251 51  HOH HOH A . 
B 2 HOH 52  252 77  HOH HOH A . 
B 2 HOH 53  253 36  HOH HOH A . 
B 2 HOH 54  254 2   HOH HOH A . 
B 2 HOH 55  255 108 HOH HOH A . 
B 2 HOH 56  256 16  HOH HOH A . 
B 2 HOH 57  257 58  HOH HOH A . 
B 2 HOH 58  258 10  HOH HOH A . 
B 2 HOH 59  259 8   HOH HOH A . 
B 2 HOH 60  260 44  HOH HOH A . 
B 2 HOH 61  261 59  HOH HOH A . 
B 2 HOH 62  262 35  HOH HOH A . 
B 2 HOH 63  263 84  HOH HOH A . 
B 2 HOH 64  264 117 HOH HOH A . 
B 2 HOH 65  265 126 HOH HOH A . 
B 2 HOH 66  266 50  HOH HOH A . 
B 2 HOH 67  267 6   HOH HOH A . 
B 2 HOH 68  268 29  HOH HOH A . 
B 2 HOH 69  269 28  HOH HOH A . 
B 2 HOH 70  270 60  HOH HOH A . 
B 2 HOH 71  271 115 HOH HOH A . 
B 2 HOH 72  272 100 HOH HOH A . 
B 2 HOH 73  273 71  HOH HOH A . 
B 2 HOH 74  274 85  HOH HOH A . 
B 2 HOH 75  275 69  HOH HOH A . 
B 2 HOH 76  276 95  HOH HOH A . 
B 2 HOH 77  277 53  HOH HOH A . 
B 2 HOH 78  278 86  HOH HOH A . 
B 2 HOH 79  279 102 HOH HOH A . 
B 2 HOH 80  280 40  HOH HOH A . 
B 2 HOH 81  281 118 HOH HOH A . 
B 2 HOH 82  282 94  HOH HOH A . 
B 2 HOH 83  283 37  HOH HOH A . 
B 2 HOH 84  284 81  HOH HOH A . 
B 2 HOH 85  285 127 HOH HOH A . 
B 2 HOH 86  286 111 HOH HOH A . 
B 2 HOH 87  287 96  HOH HOH A . 
B 2 HOH 88  288 31  HOH HOH A . 
B 2 HOH 89  289 48  HOH HOH A . 
B 2 HOH 90  290 116 HOH HOH A . 
B 2 HOH 91  291 110 HOH HOH A . 
B 2 HOH 92  292 88  HOH HOH A . 
B 2 HOH 93  293 120 HOH HOH A . 
B 2 HOH 94  294 123 HOH HOH A . 
B 2 HOH 95  295 98  HOH HOH A . 
B 2 HOH 96  296 83  HOH HOH A . 
B 2 HOH 97  297 18  HOH HOH A . 
B 2 HOH 98  298 90  HOH HOH A . 
B 2 HOH 99  299 61  HOH HOH A . 
B 2 HOH 100 300 112 HOH HOH A . 
B 2 HOH 101 301 91  HOH HOH A . 
B 2 HOH 102 302 97  HOH HOH A . 
B 2 HOH 103 303 121 HOH HOH A . 
B 2 HOH 104 304 113 HOH HOH A . 
B 2 HOH 105 305 33  HOH HOH A . 
B 2 HOH 106 306 99  HOH HOH A . 
B 2 HOH 107 307 78  HOH HOH A . 
B 2 HOH 108 308 20  HOH HOH A . 
B 2 HOH 109 309 124 HOH HOH A . 
B 2 HOH 110 310 64  HOH HOH A . 
B 2 HOH 111 311 1   HOH HOH A . 
B 2 HOH 112 312 119 HOH HOH A . 
B 2 HOH 113 313 104 HOH HOH A . 
B 2 HOH 114 314 70  HOH HOH A . 
B 2 HOH 115 315 101 HOH HOH A . 
B 2 HOH 116 316 89  HOH HOH A . 
B 2 HOH 117 317 41  HOH HOH A . 
B 2 HOH 118 318 114 HOH HOH A . 
B 2 HOH 119 319 105 HOH HOH A . 
B 2 HOH 120 320 107 HOH HOH A . 
B 2 HOH 121 321 122 HOH HOH A . 
B 2 HOH 122 322 125 HOH HOH A . 
B 2 HOH 123 323 87  HOH HOH A . 
B 2 HOH 124 324 80  HOH HOH A . 
B 2 HOH 125 325 72  HOH HOH A . 
B 2 HOH 126 326 82  HOH HOH A . 
B 2 HOH 127 327 79  HOH HOH A . 
# 
loop_
_software.citation_id 
_software.classification 
_software.compiler_name 
_software.compiler_version 
_software.contact_author 
_software.contact_author_email 
_software.date 
_software.description 
_software.dependencies 
_software.hardware 
_software.language 
_software.location 
_software.mods 
_software.name 
_software.os 
_software.os_version 
_software.type 
_software.version 
_software.pdbx_ordinal 
? refinement        ? ? ? ? ? ? ? ? ? ? ? PHENIX      ? ? ? '(1.20.1_4487: ???)' 1 
? 'data scaling'    ? ? ? ? ? ? ? ? ? ? ? SCALEPACK   ? ? ? .                    2 
? 'data extraction' ? ? ? ? ? ? ? ? ? ? ? PDB_EXTRACT ? ? ? .                    3 
? phasing           ? ? ? ? ? ? ? ? ? ? ? PHASER      ? ? ? .                    4 
? 'data reduction'  ? ? ? ? ? ? ? ? ? ? ? HKL-2000    ? ? ? .                    5 
# 
_cell.angle_alpha                  90.00 
_cell.angle_alpha_esd              ? 
_cell.angle_beta                   90.00 
_cell.angle_beta_esd               ? 
_cell.angle_gamma                  90.00 
_cell.angle_gamma_esd              ? 
_cell.entry_id                     8WQN 
_cell.details                      ? 
_cell.formula_units_Z              ? 
_cell.length_a                     33.910 
_cell.length_a_esd                 ? 
_cell.length_b                     70.152 
_cell.length_b_esd                 ? 
_cell.length_c                     71.836 
_cell.length_c_esd                 ? 
_cell.volume                       ? 
_cell.volume_esd                   ? 
_cell.Z_PDB                        4 
_cell.reciprocal_angle_alpha       ? 
_cell.reciprocal_angle_beta        ? 
_cell.reciprocal_angle_gamma       ? 
_cell.reciprocal_angle_alpha_esd   ? 
_cell.reciprocal_angle_beta_esd    ? 
_cell.reciprocal_angle_gamma_esd   ? 
_cell.reciprocal_length_a          ? 
_cell.reciprocal_length_b          ? 
_cell.reciprocal_length_c          ? 
_cell.reciprocal_length_a_esd      ? 
_cell.reciprocal_length_b_esd      ? 
_cell.reciprocal_length_c_esd      ? 
_cell.pdbx_unique_axis             ? 
_cell.pdbx_esd_method              ? 
# 
_symmetry.entry_id                         8WQN 
_symmetry.cell_setting                     ? 
_symmetry.Int_Tables_number                19 
_symmetry.space_group_name_Hall            ? 
_symmetry.space_group_name_H-M             'P 21 21 21' 
_symmetry.pdbx_full_space_group_name_H-M   ? 
# 
_exptl.absorpt_coefficient_mu     ? 
_exptl.absorpt_correction_T_max   ? 
_exptl.absorpt_correction_T_min   ? 
_exptl.absorpt_correction_type    ? 
_exptl.absorpt_process_details    ? 
_exptl.entry_id                   8WQN 
_exptl.crystals_number            1 
_exptl.details                    ? 
_exptl.method                     'X-RAY DIFFRACTION' 
_exptl.method_details             ? 
# 
_exptl_crystal.colour                       ? 
_exptl_crystal.density_diffrn               ? 
_exptl_crystal.density_Matthews             2.15 
_exptl_crystal.density_method               ? 
_exptl_crystal.density_percent_sol          42.72 
_exptl_crystal.description                  ? 
_exptl_crystal.F_000                        ? 
_exptl_crystal.id                           1 
_exptl_crystal.preparation                  ? 
_exptl_crystal.size_max                     ? 
_exptl_crystal.size_mid                     ? 
_exptl_crystal.size_min                     ? 
_exptl_crystal.size_rad                     ? 
_exptl_crystal.colour_lustre                ? 
_exptl_crystal.colour_modifier              ? 
_exptl_crystal.colour_primary               ? 
_exptl_crystal.density_meas                 ? 
_exptl_crystal.density_meas_esd             ? 
_exptl_crystal.density_meas_gt              ? 
_exptl_crystal.density_meas_lt              ? 
_exptl_crystal.density_meas_temp            ? 
_exptl_crystal.density_meas_temp_esd        ? 
_exptl_crystal.density_meas_temp_gt         ? 
_exptl_crystal.density_meas_temp_lt         ? 
_exptl_crystal.pdbx_crystal_image_url       ? 
_exptl_crystal.pdbx_crystal_image_format    ? 
_exptl_crystal.pdbx_mosaicity               ? 
_exptl_crystal.pdbx_mosaicity_esd           ? 
_exptl_crystal.pdbx_mosaic_method           ? 
_exptl_crystal.pdbx_mosaic_block_size       ? 
_exptl_crystal.pdbx_mosaic_block_size_esd   ? 
# 
_exptl_crystal_grow.apparatus       ? 
_exptl_crystal_grow.atmosphere      ? 
_exptl_crystal_grow.crystal_id      1 
_exptl_crystal_grow.details         ? 
_exptl_crystal_grow.method          'VAPOR DIFFUSION, SITTING DROP' 
_exptl_crystal_grow.method_ref      ? 
_exptl_crystal_grow.pH              ? 
_exptl_crystal_grow.pressure        ? 
_exptl_crystal_grow.pressure_esd    ? 
_exptl_crystal_grow.seeding         ? 
_exptl_crystal_grow.seeding_ref     ? 
_exptl_crystal_grow.temp_details    ? 
_exptl_crystal_grow.temp_esd        ? 
_exptl_crystal_grow.time            ? 
_exptl_crystal_grow.pdbx_details    'Sodium acetate pH 4.6, calcium chloride, and MPD' 
_exptl_crystal_grow.pdbx_pH_range   ? 
_exptl_crystal_grow.temp            293.15 
# 
_diffrn.ambient_environment              ? 
_diffrn.ambient_temp                     100 
_diffrn.ambient_temp_details             ? 
_diffrn.ambient_temp_esd                 ? 
_diffrn.crystal_id                       1 
_diffrn.crystal_support                  ? 
_diffrn.crystal_treatment                ? 
_diffrn.details                          ? 
_diffrn.id                               1 
_diffrn.ambient_pressure                 ? 
_diffrn.ambient_pressure_esd             ? 
_diffrn.ambient_pressure_gt              ? 
_diffrn.ambient_pressure_lt              ? 
_diffrn.ambient_temp_gt                  ? 
_diffrn.ambient_temp_lt                  ? 
_diffrn.pdbx_serial_crystal_experiment   N 
# 
_diffrn_detector.details                      ? 
_diffrn_detector.detector                     CCD 
_diffrn_detector.diffrn_id                    1 
_diffrn_detector.type                         'RAYONIX MX300-HS' 
_diffrn_detector.area_resol_mean              ? 
_diffrn_detector.dtime                        ? 
_diffrn_detector.pdbx_frames_total            ? 
_diffrn_detector.pdbx_collection_time_total   ? 
_diffrn_detector.pdbx_collection_date         2022-08-17 
_diffrn_detector.pdbx_frequency               ? 
_diffrn_detector.id                           ? 
_diffrn_detector.number_of_axes               ? 
# 
_diffrn_radiation.collimation                      ? 
_diffrn_radiation.diffrn_id                        1 
_diffrn_radiation.filter_edge                      ? 
_diffrn_radiation.inhomogeneity                    ? 
_diffrn_radiation.monochromator                    ? 
_diffrn_radiation.polarisn_norm                    ? 
_diffrn_radiation.polarisn_ratio                   ? 
_diffrn_radiation.probe                            ? 
_diffrn_radiation.type                             ? 
_diffrn_radiation.xray_symbol                      ? 
_diffrn_radiation.wavelength_id                    1 
_diffrn_radiation.pdbx_monochromatic_or_laue_m_l   M 
_diffrn_radiation.pdbx_wavelength_list             ? 
_diffrn_radiation.pdbx_wavelength                  ? 
_diffrn_radiation.pdbx_diffrn_protocol             'SINGLE WAVELENGTH' 
_diffrn_radiation.pdbx_analyzer                    ? 
_diffrn_radiation.pdbx_scattering_type             x-ray 
# 
_diffrn_radiation_wavelength.id           1 
_diffrn_radiation_wavelength.wavelength   0.99984 
_diffrn_radiation_wavelength.wt           1.0 
# 
_diffrn_source.current                     ? 
_diffrn_source.details                     ? 
_diffrn_source.diffrn_id                   1 
_diffrn_source.power                       ? 
_diffrn_source.size                        ? 
_diffrn_source.source                      SYNCHROTRON 
_diffrn_source.target                      ? 
_diffrn_source.type                        'NSRRC BEAMLINE TPS 05A' 
_diffrn_source.voltage                     ? 
_diffrn_source.take-off_angle              ? 
_diffrn_source.pdbx_wavelength_list        0.99984 
_diffrn_source.pdbx_wavelength             ? 
_diffrn_source.pdbx_synchrotron_beamline   'TPS 05A' 
_diffrn_source.pdbx_synchrotron_site       NSRRC 
# 
_reflns.B_iso_Wilson_estimate                          ? 
_reflns.entry_id                                       8WQN 
_reflns.data_reduction_details                         ? 
_reflns.data_reduction_method                          ? 
_reflns.d_resolution_high                              1.80 
_reflns.d_resolution_low                               30.00 
_reflns.details                                        ? 
_reflns.limit_h_max                                    ? 
_reflns.limit_h_min                                    ? 
_reflns.limit_k_max                                    ? 
_reflns.limit_k_min                                    ? 
_reflns.limit_l_max                                    ? 
_reflns.limit_l_min                                    ? 
_reflns.number_all                                     ? 
_reflns.number_obs                                     15953 
_reflns.observed_criterion                             ? 
_reflns.observed_criterion_F_max                       ? 
_reflns.observed_criterion_F_min                       ? 
_reflns.observed_criterion_I_max                       ? 
_reflns.observed_criterion_I_min                       ? 
_reflns.observed_criterion_sigma_F                     ? 
_reflns.observed_criterion_sigma_I                     ? 
_reflns.percent_possible_obs                           96.3 
_reflns.R_free_details                                 ? 
_reflns.Rmerge_F_all                                   ? 
_reflns.Rmerge_F_obs                                   ? 
_reflns.Friedel_coverage                               ? 
_reflns.number_gt                                      ? 
_reflns.threshold_expression                           ? 
_reflns.pdbx_redundancy                                4.1 
_reflns.pdbx_netI_over_av_sigmaI                       ? 
_reflns.pdbx_netI_over_sigmaI                          10.6 
_reflns.pdbx_res_netI_over_av_sigmaI_2                 ? 
_reflns.pdbx_res_netI_over_sigmaI_2                    ? 
_reflns.pdbx_chi_squared                               0.909 
_reflns.pdbx_scaling_rejects                           ? 
_reflns.pdbx_d_res_high_opt                            ? 
_reflns.pdbx_d_res_low_opt                             ? 
_reflns.pdbx_d_res_opt_method                          ? 
_reflns.phase_calculation_details                      ? 
_reflns.pdbx_Rrim_I_all                                0.082 
_reflns.pdbx_Rpim_I_all                                0.038 
_reflns.pdbx_d_opt                                     ? 
_reflns.pdbx_number_measured_all                       66122 
_reflns.pdbx_diffrn_id                                 1 
_reflns.pdbx_ordinal                                   1 
_reflns.pdbx_CC_half                                   0.992 
_reflns.pdbx_CC_star                                   0.998 
_reflns.pdbx_R_split                                   ? 
_reflns.pdbx_Rmerge_I_obs                              0.072 
_reflns.pdbx_Rmerge_I_all                              ? 
_reflns.pdbx_Rsym_value                                ? 
_reflns.pdbx_CC_split_method                           ? 
_reflns.pdbx_aniso_diffraction_limit_axis_1_ortho[1]   ? 
_reflns.pdbx_aniso_diffraction_limit_axis_1_ortho[2]   ? 
_reflns.pdbx_aniso_diffraction_limit_axis_1_ortho[3]   ? 
_reflns.pdbx_aniso_diffraction_limit_axis_2_ortho[1]   ? 
_reflns.pdbx_aniso_diffraction_limit_axis_2_ortho[2]   ? 
_reflns.pdbx_aniso_diffraction_limit_axis_2_ortho[3]   ? 
_reflns.pdbx_aniso_diffraction_limit_axis_3_ortho[1]   ? 
_reflns.pdbx_aniso_diffraction_limit_axis_3_ortho[2]   ? 
_reflns.pdbx_aniso_diffraction_limit_axis_3_ortho[3]   ? 
_reflns.pdbx_aniso_diffraction_limit_1                 ? 
_reflns.pdbx_aniso_diffraction_limit_2                 ? 
_reflns.pdbx_aniso_diffraction_limit_3                 ? 
_reflns.pdbx_aniso_B_tensor_eigenvector_1_ortho[1]     ? 
_reflns.pdbx_aniso_B_tensor_eigenvector_1_ortho[2]     ? 
_reflns.pdbx_aniso_B_tensor_eigenvector_1_ortho[3]     ? 
_reflns.pdbx_aniso_B_tensor_eigenvector_2_ortho[1]     ? 
_reflns.pdbx_aniso_B_tensor_eigenvector_2_ortho[2]     ? 
_reflns.pdbx_aniso_B_tensor_eigenvector_2_ortho[3]     ? 
_reflns.pdbx_aniso_B_tensor_eigenvector_3_ortho[1]     ? 
_reflns.pdbx_aniso_B_tensor_eigenvector_3_ortho[2]     ? 
_reflns.pdbx_aniso_B_tensor_eigenvector_3_ortho[3]     ? 
_reflns.pdbx_aniso_B_tensor_eigenvalue_1               ? 
_reflns.pdbx_aniso_B_tensor_eigenvalue_2               ? 
_reflns.pdbx_aniso_B_tensor_eigenvalue_3               ? 
_reflns.pdbx_orthogonalization_convention              ? 
_reflns.pdbx_percent_possible_ellipsoidal              ? 
_reflns.pdbx_percent_possible_spherical                ? 
_reflns.pdbx_percent_possible_ellipsoidal_anomalous    ? 
_reflns.pdbx_percent_possible_spherical_anomalous      ? 
_reflns.pdbx_redundancy_anomalous                      ? 
_reflns.pdbx_CC_half_anomalous                         ? 
_reflns.pdbx_absDiff_over_sigma_anomalous              ? 
_reflns.pdbx_percent_possible_anomalous                ? 
_reflns.pdbx_observed_signal_threshold                 ? 
_reflns.pdbx_signal_type                               ? 
_reflns.pdbx_signal_details                            ? 
_reflns.pdbx_signal_software_id                        ? 
# 
loop_
_reflns_shell.d_res_high 
_reflns_shell.d_res_low 
_reflns_shell.meanI_over_sigI_all 
_reflns_shell.meanI_over_sigI_obs 
_reflns_shell.number_measured_all 
_reflns_shell.number_measured_obs 
_reflns_shell.number_possible 
_reflns_shell.number_unique_all 
_reflns_shell.number_unique_obs 
_reflns_shell.percent_possible_obs 
_reflns_shell.Rmerge_F_all 
_reflns_shell.Rmerge_F_obs 
_reflns_shell.meanI_over_sigI_gt 
_reflns_shell.meanI_over_uI_all 
_reflns_shell.meanI_over_uI_gt 
_reflns_shell.number_measured_gt 
_reflns_shell.number_unique_gt 
_reflns_shell.percent_possible_gt 
_reflns_shell.Rmerge_F_gt 
_reflns_shell.Rmerge_I_gt 
_reflns_shell.pdbx_redundancy 
_reflns_shell.pdbx_chi_squared 
_reflns_shell.pdbx_netI_over_sigmaI_all 
_reflns_shell.pdbx_netI_over_sigmaI_obs 
_reflns_shell.pdbx_Rrim_I_all 
_reflns_shell.pdbx_Rpim_I_all 
_reflns_shell.pdbx_rejects 
_reflns_shell.pdbx_ordinal 
_reflns_shell.pdbx_diffrn_id 
_reflns_shell.pdbx_CC_half 
_reflns_shell.pdbx_CC_star 
_reflns_shell.pdbx_R_split 
_reflns_shell.percent_possible_all 
_reflns_shell.Rmerge_I_all 
_reflns_shell.Rmerge_I_obs 
_reflns_shell.pdbx_Rsym_value 
_reflns_shell.pdbx_percent_possible_ellipsoidal 
_reflns_shell.pdbx_percent_possible_spherical 
_reflns_shell.pdbx_percent_possible_ellipsoidal_anomalous 
_reflns_shell.pdbx_percent_possible_spherical_anomalous 
_reflns_shell.pdbx_redundancy_anomalous 
_reflns_shell.pdbx_CC_half_anomalous 
_reflns_shell.pdbx_absDiff_over_sigma_anomalous 
_reflns_shell.pdbx_percent_possible_anomalous 
1.80 1.86  ? ? ? ? ? ? 1601 ? ? ? ? ? ? ? ? ? ? ? 4.1 0.875 ? ? 0.441 0.208 ? 1  1 0.866 0.963 ? 98.8 ? 0.387 ? ? ? ? ? ? ? ? ? 
1.86 1.94  ? ? ? ? ? ? 1588 ? ? ? ? ? ? ? ? ? ? ? 4.1 0.926 ? ? 0.323 0.152 ? 2  1 0.924 0.980 ? 98.3 ? 0.284 ? ? ? ? ? ? ? ? ? 
1.94 2.03  ? ? ? ? ? ? 1581 ? ? ? ? ? ? ? ? ? ? ? 4.1 0.972 ? ? 0.241 0.113 ? 3  1 0.953 0.988 ? 98.1 ? 0.211 ? ? ? ? ? ? ? ? ? 
2.03 2.13  ? ? ? ? ? ? 1598 ? ? ? ? ? ? ? ? ? ? ? 4.1 0.965 ? ? 0.172 0.081 ? 4  1 0.975 0.994 ? 97.6 ? 0.151 ? ? ? ? ? ? ? ? ? 
2.13 2.27  ? ? ? ? ? ? 1609 ? ? ? ? ? ? ? ? ? ? ? 4.1 0.983 ? ? 0.127 0.059 ? 5  1 0.984 0.996 ? 97.5 ? 0.112 ? ? ? ? ? ? ? ? ? 
2.27 2.44  ? ? ? ? ? ? 1582 ? ? ? ? ? ? ? ? ? ? ? 4.1 0.980 ? ? 0.104 0.048 ? 6  1 0.990 0.997 ? 97.1 ? 0.091 ? ? ? ? ? ? ? ? ? 
2.44 2.69  ? ? ? ? ? ? 1583 ? ? ? ? ? ? ? ? ? ? ? 4.2 0.909 ? ? 0.082 0.038 ? 7  1 0.992 0.998 ? 96.2 ? 0.072 ? ? ? ? ? ? ? ? ? 
2.69 3.08  ? ? ? ? ? ? 1599 ? ? ? ? ? ? ? ? ? ? ? 4.2 0.927 ? ? 0.070 0.032 ? 8  1 0.993 0.998 ? 95.8 ? 0.061 ? ? ? ? ? ? ? ? ? 
3.08 3.88  ? ? ? ? ? ? 1590 ? ? ? ? ? ? ? ? ? ? ? 4.2 0.786 ? ? 0.052 0.024 ? 9  1 0.995 0.999 ? 94.1 ? 0.046 ? ? ? ? ? ? ? ? ? 
3.88 30.00 ? ? ? ? ? ? 1622 ? ? ? ? ? ? ? ? ? ? ? 4.1 0.770 ? ? 0.049 0.023 ? 10 1 0.996 0.999 ? 90.4 ? 0.043 ? ? ? ? ? ? ? ? ? 
# 
_refine.aniso_B[1][1]                            ? 
_refine.aniso_B[1][2]                            ? 
_refine.aniso_B[1][3]                            ? 
_refine.aniso_B[2][2]                            ? 
_refine.aniso_B[2][3]                            ? 
_refine.aniso_B[3][3]                            ? 
_refine.B_iso_max                                ? 
_refine.B_iso_mean                               ? 
_refine.B_iso_min                                ? 
_refine.correlation_coeff_Fo_to_Fc               ? 
_refine.correlation_coeff_Fo_to_Fc_free          ? 
_refine.details                                  ? 
_refine.diff_density_max                         ? 
_refine.diff_density_max_esd                     ? 
_refine.diff_density_min                         ? 
_refine.diff_density_min_esd                     ? 
_refine.diff_density_rms                         ? 
_refine.diff_density_rms_esd                     ? 
_refine.entry_id                                 8WQN 
_refine.pdbx_refine_id                           'X-RAY DIFFRACTION' 
_refine.ls_abs_structure_details                 ? 
_refine.ls_abs_structure_Flack                   ? 
_refine.ls_abs_structure_Flack_esd               ? 
_refine.ls_abs_structure_Rogers                  ? 
_refine.ls_abs_structure_Rogers_esd              ? 
_refine.ls_d_res_high                            1.80 
_refine.ls_d_res_low                             28.10 
_refine.ls_extinction_coef                       ? 
_refine.ls_extinction_coef_esd                   ? 
_refine.ls_extinction_expression                 ? 
_refine.ls_extinction_method                     ? 
_refine.ls_goodness_of_fit_all                   ? 
_refine.ls_goodness_of_fit_all_esd               ? 
_refine.ls_goodness_of_fit_obs                   ? 
_refine.ls_goodness_of_fit_obs_esd               ? 
_refine.ls_hydrogen_treatment                    ? 
_refine.ls_matrix_type                           ? 
_refine.ls_number_constraints                    ? 
_refine.ls_number_parameters                     ? 
_refine.ls_number_reflns_all                     ? 
_refine.ls_number_reflns_obs                     15757 
_refine.ls_number_reflns_R_free                  1575 
_refine.ls_number_reflns_R_work                  ? 
_refine.ls_number_restraints                     ? 
_refine.ls_percent_reflns_obs                    95.28 
_refine.ls_percent_reflns_R_free                 10.00 
_refine.ls_R_factor_all                          ? 
_refine.ls_R_factor_obs                          0.1897 
_refine.ls_R_factor_R_free                       0.2198 
_refine.ls_R_factor_R_free_error                 ? 
_refine.ls_R_factor_R_free_error_details         ? 
_refine.ls_R_factor_R_work                       0.1864 
_refine.ls_R_Fsqd_factor_obs                     ? 
_refine.ls_R_I_factor_obs                        ? 
_refine.ls_redundancy_reflns_all                 ? 
_refine.ls_redundancy_reflns_obs                 ? 
_refine.ls_restrained_S_all                      ? 
_refine.ls_restrained_S_obs                      ? 
_refine.ls_shift_over_esd_max                    ? 
_refine.ls_shift_over_esd_mean                   ? 
_refine.ls_structure_factor_coef                 ? 
_refine.ls_weighting_details                     ? 
_refine.ls_weighting_scheme                      ? 
_refine.ls_wR_factor_all                         ? 
_refine.ls_wR_factor_obs                         ? 
_refine.ls_wR_factor_R_free                      ? 
_refine.ls_wR_factor_R_work                      ? 
_refine.occupancy_max                            ? 
_refine.occupancy_min                            ? 
_refine.solvent_model_details                    'FLAT BULK SOLVENT MODEL' 
_refine.solvent_model_param_bsol                 ? 
_refine.solvent_model_param_ksol                 ? 
_refine.pdbx_R_complete                          ? 
_refine.ls_R_factor_gt                           ? 
_refine.ls_goodness_of_fit_gt                    ? 
_refine.ls_goodness_of_fit_ref                   ? 
_refine.ls_shift_over_su_max                     ? 
_refine.ls_shift_over_su_max_lt                  ? 
_refine.ls_shift_over_su_mean                    ? 
_refine.ls_shift_over_su_mean_lt                 ? 
_refine.pdbx_ls_sigma_I                          ? 
_refine.pdbx_ls_sigma_F                          1.36 
_refine.pdbx_ls_sigma_Fsqd                       ? 
_refine.pdbx_data_cutoff_high_absF               ? 
_refine.pdbx_data_cutoff_high_rms_absF           ? 
_refine.pdbx_data_cutoff_low_absF                ? 
_refine.pdbx_isotropic_thermal_model             ? 
_refine.pdbx_ls_cross_valid_method               THROUGHOUT 
_refine.pdbx_method_to_determine_struct          'MOLECULAR REPLACEMENT' 
_refine.pdbx_starting_model                      ? 
_refine.pdbx_stereochemistry_target_values       ML 
_refine.pdbx_R_Free_selection_details            ? 
_refine.pdbx_stereochem_target_val_spec_case     ? 
_refine.pdbx_overall_ESU_R                       ? 
_refine.pdbx_overall_ESU_R_Free                  ? 
_refine.pdbx_solvent_vdw_probe_radii             1.10 
_refine.pdbx_solvent_ion_probe_radii             ? 
_refine.pdbx_solvent_shrinkage_radii             0.90 
_refine.pdbx_real_space_R                        ? 
_refine.pdbx_density_correlation                 ? 
_refine.pdbx_pd_number_of_powder_patterns        ? 
_refine.pdbx_pd_number_of_points                 ? 
_refine.pdbx_pd_meas_number_of_points            ? 
_refine.pdbx_pd_proc_ls_prof_R_factor            ? 
_refine.pdbx_pd_proc_ls_prof_wR_factor           ? 
_refine.pdbx_pd_Marquardt_correlation_coeff      ? 
_refine.pdbx_pd_Fsqrd_R_factor                   ? 
_refine.pdbx_pd_ls_matrix_band_width             ? 
_refine.pdbx_overall_phase_error                 19.85 
_refine.pdbx_overall_SU_R_free_Cruickshank_DPI   ? 
_refine.pdbx_overall_SU_R_free_Blow_DPI          ? 
_refine.pdbx_overall_SU_R_Blow_DPI               ? 
_refine.pdbx_TLS_residual_ADP_flag               ? 
_refine.pdbx_diffrn_id                           1 
_refine.overall_SU_B                             ? 
_refine.overall_SU_ML                            0.14 
_refine.overall_SU_R_Cruickshank_DPI             ? 
_refine.overall_SU_R_free                        ? 
_refine.overall_FOM_free_R_set                   ? 
_refine.overall_FOM_work_R_set                   ? 
_refine.pdbx_average_fsc_overall                 ? 
_refine.pdbx_average_fsc_work                    ? 
_refine.pdbx_average_fsc_free                    ? 
# 
_refine_hist.pdbx_refine_id                   'X-RAY DIFFRACTION' 
_refine_hist.cycle_id                         LAST 
_refine_hist.details                          ? 
_refine_hist.d_res_high                       1.80 
_refine_hist.d_res_low                        28.10 
_refine_hist.number_atoms_solvent             127 
_refine_hist.number_atoms_total               1375 
_refine_hist.number_reflns_all                ? 
_refine_hist.number_reflns_obs                ? 
_refine_hist.number_reflns_R_free             ? 
_refine_hist.number_reflns_R_work             ? 
_refine_hist.R_factor_all                     ? 
_refine_hist.R_factor_obs                     ? 
_refine_hist.R_factor_R_free                  ? 
_refine_hist.R_factor_R_work                  ? 
_refine_hist.pdbx_number_residues_total       ? 
_refine_hist.pdbx_B_iso_mean_ligand           ? 
_refine_hist.pdbx_B_iso_mean_solvent          ? 
_refine_hist.pdbx_number_atoms_protein        1248 
_refine_hist.pdbx_number_atoms_nucleic_acid   0 
_refine_hist.pdbx_number_atoms_ligand         0 
_refine_hist.pdbx_number_atoms_lipid          ? 
_refine_hist.pdbx_number_atoms_carb           ? 
_refine_hist.pdbx_pseudo_atom_details         ? 
# 
loop_
_refine_ls_restr.pdbx_refine_id 
_refine_ls_restr.criterion 
_refine_ls_restr.dev_ideal 
_refine_ls_restr.dev_ideal_target 
_refine_ls_restr.number 
_refine_ls_restr.rejects 
_refine_ls_restr.type 
_refine_ls_restr.weight 
_refine_ls_restr.pdbx_restraint_function 
'X-RAY DIFFRACTION' ? 0.007 ? 1270 ? f_bond_d           ? ? 
'X-RAY DIFFRACTION' ? 0.869 ? 1703 ? f_angle_d          ? ? 
'X-RAY DIFFRACTION' ? 5.149 ? 172  ? f_dihedral_angle_d ? ? 
'X-RAY DIFFRACTION' ? 0.059 ? 188  ? f_chiral_restr     ? ? 
'X-RAY DIFFRACTION' ? 0.008 ? 212  ? f_plane_restr      ? ? 
# 
loop_
_refine_ls_shell.pdbx_refine_id 
_refine_ls_shell.d_res_high 
_refine_ls_shell.d_res_low 
_refine_ls_shell.number_reflns_all 
_refine_ls_shell.number_reflns_obs 
_refine_ls_shell.number_reflns_R_free 
_refine_ls_shell.number_reflns_R_work 
_refine_ls_shell.percent_reflns_obs 
_refine_ls_shell.percent_reflns_R_free 
_refine_ls_shell.R_factor_all 
_refine_ls_shell.R_factor_obs 
_refine_ls_shell.R_factor_R_free_error 
_refine_ls_shell.R_factor_R_work 
_refine_ls_shell.redundancy_reflns_all 
_refine_ls_shell.redundancy_reflns_obs 
_refine_ls_shell.wR_factor_all 
_refine_ls_shell.wR_factor_obs 
_refine_ls_shell.wR_factor_R_free 
_refine_ls_shell.wR_factor_R_work 
_refine_ls_shell.pdbx_R_complete 
_refine_ls_shell.pdbx_total_number_of_bins_used 
_refine_ls_shell.pdbx_phase_error 
_refine_ls_shell.pdbx_fsc_work 
_refine_ls_shell.pdbx_fsc_free 
_refine_ls_shell.R_factor_R_free 
'X-RAY DIFFRACTION' 1.80 1.86  . . 138 1213 92.00 . . . . 0.1876 . . . . . . . . . . . 0.2172 
'X-RAY DIFFRACTION' 1.86 1.92  . . 129 1269 95.00 . . . . 0.1842 . . . . . . . . . . . 0.1881 
'X-RAY DIFFRACTION' 1.92 2.00  . . 152 1304 97.00 . . . . 0.1847 . . . . . . . . . . . 0.2037 
'X-RAY DIFFRACTION' 2.00 2.09  . . 144 1283 98.00 . . . . 0.1769 . . . . . . . . . . . 0.2278 
'X-RAY DIFFRACTION' 2.09 2.20  . . 144 1298 97.00 . . . . 0.1728 . . . . . . . . . . . 0.2004 
'X-RAY DIFFRACTION' 2.20 2.34  . . 141 1301 97.00 . . . . 0.1778 . . . . . . . . . . . 0.2379 
'X-RAY DIFFRACTION' 2.34 2.52  . . 148 1297 97.00 . . . . 0.1796 . . . . . . . . . . . 0.2514 
'X-RAY DIFFRACTION' 2.52 2.77  . . 142 1293 96.00 . . . . 0.1911 . . . . . . . . . . . 0.2237 
'X-RAY DIFFRACTION' 2.77 3.17  . . 138 1311 96.00 . . . . 0.2025 . . . . . . . . . . . 0.2326 
'X-RAY DIFFRACTION' 3.17 4.00  . . 144 1300 94.00 . . . . 0.1792 . . . . . . . . . . . 0.2120 
'X-RAY DIFFRACTION' 4.00 28.10 . . 155 1313 90.00 . . . . 0.1949 . . . . . . . . . . . 0.2135 
# 
_struct.entry_id                     8WQN 
_struct.title                        'Structure of Saccharolobus solfataricus SegC (SSO0033) protein' 
_struct.pdbx_model_details           ? 
_struct.pdbx_formula_weight          ? 
_struct.pdbx_formula_weight_method   ? 
_struct.pdbx_model_type_details      ? 
_struct.pdbx_CASP_flag               N 
# 
_struct_keywords.entry_id        8WQN 
_struct_keywords.text            'DNA BINDING PROTEIN, PARTITION PROTEIN, UNKNOWN FUNCTION' 
_struct_keywords.pdbx_keywords   'UNKNOWN FUNCTION' 
# 
loop_
_struct_asym.id 
_struct_asym.pdbx_blank_PDB_chainid_flag 
_struct_asym.pdbx_modified 
_struct_asym.entity_id 
_struct_asym.details 
A N N 1 ? 
B N N 2 ? 
# 
_struct_ref.id                         1 
_struct_ref.db_name                    UNP 
_struct_ref.db_code                    Q981B4_SACS2 
_struct_ref.pdbx_db_accession          Q981B4 
_struct_ref.pdbx_db_isoform            ? 
_struct_ref.entity_id                  1 
_struct_ref.pdbx_seq_one_letter_code   
;MFEKLYSAIIYSDEFKKILLGRGVDDLEIASAYIAFLYEDLPIIGKNLCAAFLRMGLDAVYNVMPSGKVYSPRHKLYPIS
RYGIDGVCINCDGGKIILRISNKGYDPEDLLESKGLESRIFVSKNFKKKSMEIIEKIWDVNKIRLIARKEILERISAGGI
LHMIR
;
_struct_ref.pdbx_align_begin           1 
# 
_struct_ref_seq.align_id                      1 
_struct_ref_seq.ref_id                        1 
_struct_ref_seq.pdbx_PDB_id_code              8WQN 
_struct_ref_seq.pdbx_strand_id                A 
_struct_ref_seq.seq_align_beg                 1 
_struct_ref_seq.pdbx_seq_align_beg_ins_code   ? 
_struct_ref_seq.seq_align_end                 165 
_struct_ref_seq.pdbx_seq_align_end_ins_code   ? 
_struct_ref_seq.pdbx_db_accession             Q981B4 
_struct_ref_seq.db_align_beg                  1 
_struct_ref_seq.pdbx_db_align_beg_ins_code    ? 
_struct_ref_seq.db_align_end                  165 
_struct_ref_seq.pdbx_db_align_end_ins_code    ? 
_struct_ref_seq.pdbx_auth_seq_align_beg       1 
_struct_ref_seq.pdbx_auth_seq_align_end       165 
# 
loop_
_struct_ref_seq_dif.align_id 
_struct_ref_seq_dif.pdbx_pdb_id_code 
_struct_ref_seq_dif.mon_id 
_struct_ref_seq_dif.pdbx_pdb_strand_id 
_struct_ref_seq_dif.seq_num 
_struct_ref_seq_dif.pdbx_pdb_ins_code 
_struct_ref_seq_dif.pdbx_seq_db_name 
_struct_ref_seq_dif.pdbx_seq_db_accession_code 
_struct_ref_seq_dif.db_mon_id 
_struct_ref_seq_dif.pdbx_seq_db_seq_num 
_struct_ref_seq_dif.details 
_struct_ref_seq_dif.pdbx_auth_seq_num 
_struct_ref_seq_dif.pdbx_ordinal 
1 8WQN LEU A 166 ? UNP Q981B4 ? ? 'expression tag' 166 1 
1 8WQN GLU A 167 ? UNP Q981B4 ? ? 'expression tag' 167 2 
1 8WQN HIS A 168 ? UNP Q981B4 ? ? 'expression tag' 168 3 
1 8WQN HIS A 169 ? UNP Q981B4 ? ? 'expression tag' 169 4 
1 8WQN HIS A 170 ? UNP Q981B4 ? ? 'expression tag' 170 5 
1 8WQN HIS A 171 ? UNP Q981B4 ? ? 'expression tag' 171 6 
1 8WQN HIS A 172 ? UNP Q981B4 ? ? 'expression tag' 172 7 
1 8WQN HIS A 173 ? UNP Q981B4 ? ? 'expression tag' 173 8 
# 
_pdbx_struct_assembly.id                   1 
_pdbx_struct_assembly.details              author_and_software_defined_assembly 
_pdbx_struct_assembly.method_details       ? 
_pdbx_struct_assembly.oligomeric_details   monomeric 
_pdbx_struct_assembly.oligomeric_count     1 
# 
_pdbx_struct_assembly_gen.assembly_id       1 
_pdbx_struct_assembly_gen.oper_expression   1 
_pdbx_struct_assembly_gen.asym_id_list      A,B 
# 
_pdbx_struct_assembly_auth_evidence.id                     1 
_pdbx_struct_assembly_auth_evidence.assembly_id            1 
_pdbx_struct_assembly_auth_evidence.experimental_support   none 
_pdbx_struct_assembly_auth_evidence.details                
'Biological assembly 1 assigned by authors and generated by PISA (software)' 
# 
_pdbx_struct_oper_list.id                   1 
_pdbx_struct_oper_list.type                 'identity operation' 
_pdbx_struct_oper_list.name                 1_555 
_pdbx_struct_oper_list.symmetry_operation   x,y,z 
_pdbx_struct_oper_list.matrix[1][1]         1.0 
_pdbx_struct_oper_list.matrix[1][2]         0.0 
_pdbx_struct_oper_list.matrix[1][3]         0.0 
_pdbx_struct_oper_list.vector[1]            0.0 
_pdbx_struct_oper_list.matrix[2][1]         0.0 
_pdbx_struct_oper_list.matrix[2][2]         1.0 
_pdbx_struct_oper_list.matrix[2][3]         0.0 
_pdbx_struct_oper_list.vector[2]            0.0 
_pdbx_struct_oper_list.matrix[3][1]         0.0 
_pdbx_struct_oper_list.matrix[3][2]         0.0 
_pdbx_struct_oper_list.matrix[3][3]         1.0 
_pdbx_struct_oper_list.vector[3]            0.0 
# 
loop_
_struct_conf.conf_type_id 
_struct_conf.id 
_struct_conf.pdbx_PDB_helix_id 
_struct_conf.beg_label_comp_id 
_struct_conf.beg_label_asym_id 
_struct_conf.beg_label_seq_id 
_struct_conf.pdbx_beg_PDB_ins_code 
_struct_conf.end_label_comp_id 
_struct_conf.end_label_asym_id 
_struct_conf.end_label_seq_id 
_struct_conf.pdbx_end_PDB_ins_code 
_struct_conf.beg_auth_comp_id 
_struct_conf.beg_auth_asym_id 
_struct_conf.beg_auth_seq_id 
_struct_conf.end_auth_comp_id 
_struct_conf.end_auth_asym_id 
_struct_conf.end_auth_seq_id 
_struct_conf.pdbx_PDB_helix_class 
_struct_conf.details 
_struct_conf.pdbx_PDB_helix_length 
HELX_P HELX_P1 AA1 PHE A 2   ? GLY A 21  ? PHE A 2   GLY A 21  1 ? 20 
HELX_P HELX_P2 AA2 ASP A 25  ? TYR A 38  ? ASP A 25  TYR A 38  1 ? 14 
HELX_P HELX_P3 AA3 ASN A 47  ? GLY A 56  ? ASN A 47  GLY A 56  1 ? 10 
HELX_P HELX_P4 AA4 LEU A 57  ? VAL A 63  ? LEU A 57  VAL A 63  5 ? 7  
HELX_P HELX_P5 AA5 SER A 71  ? HIS A 74  ? SER A 71  HIS A 74  5 ? 4  
HELX_P HELX_P6 AA6 ASP A 106 ? SER A 113 ? ASP A 106 SER A 113 1 ? 8  
HELX_P HELX_P7 AA7 ASN A 125 ? TRP A 138 ? ASN A 125 TRP A 138 1 ? 14 
HELX_P HELX_P8 AA8 ASP A 139 ? ILE A 155 ? ASP A 139 ILE A 155 1 ? 17 
# 
_struct_conf_type.id          HELX_P 
_struct_conf_type.criteria    ? 
_struct_conf_type.reference   ? 
# 
_struct_conn.id                            disulf1 
_struct_conn.conn_type_id                  disulf 
_struct_conn.pdbx_leaving_atom_flag        ? 
_struct_conn.pdbx_PDB_id                   ? 
_struct_conn.ptnr1_label_asym_id           A 
_struct_conn.ptnr1_label_comp_id           CYS 
_struct_conn.ptnr1_label_seq_id            88 
_struct_conn.ptnr1_label_atom_id           SG 
_struct_conn.pdbx_ptnr1_label_alt_id       ? 
_struct_conn.pdbx_ptnr1_PDB_ins_code       ? 
_struct_conn.pdbx_ptnr1_standard_comp_id   ? 
_struct_conn.ptnr1_symmetry                1_555 
_struct_conn.ptnr2_label_asym_id           A 
_struct_conn.ptnr2_label_comp_id           CYS 
_struct_conn.ptnr2_label_seq_id            91 
_struct_conn.ptnr2_label_atom_id           SG 
_struct_conn.pdbx_ptnr2_label_alt_id       ? 
_struct_conn.pdbx_ptnr2_PDB_ins_code       ? 
_struct_conn.ptnr1_auth_asym_id            A 
_struct_conn.ptnr1_auth_comp_id            CYS 
_struct_conn.ptnr1_auth_seq_id             88 
_struct_conn.ptnr2_auth_asym_id            A 
_struct_conn.ptnr2_auth_comp_id            CYS 
_struct_conn.ptnr2_auth_seq_id             91 
_struct_conn.ptnr2_symmetry                1_555 
_struct_conn.pdbx_ptnr3_label_atom_id      ? 
_struct_conn.pdbx_ptnr3_label_seq_id       ? 
_struct_conn.pdbx_ptnr3_label_comp_id      ? 
_struct_conn.pdbx_ptnr3_label_asym_id      ? 
_struct_conn.pdbx_ptnr3_label_alt_id       ? 
_struct_conn.pdbx_ptnr3_PDB_ins_code       ? 
_struct_conn.details                       ? 
_struct_conn.pdbx_dist_value               2.039 
_struct_conn.pdbx_value_order              ? 
_struct_conn.pdbx_role                     ? 
# 
_struct_conn_type.id          disulf 
_struct_conn_type.criteria    ? 
_struct_conn_type.reference   ? 
# 
_pdbx_modification_feature.ordinal                            1 
_pdbx_modification_feature.label_comp_id                      CYS 
_pdbx_modification_feature.label_asym_id                      A 
_pdbx_modification_feature.label_seq_id                       88 
_pdbx_modification_feature.label_alt_id                       ? 
_pdbx_modification_feature.modified_residue_label_comp_id     CYS 
_pdbx_modification_feature.modified_residue_label_asym_id     A 
_pdbx_modification_feature.modified_residue_label_seq_id      91 
_pdbx_modification_feature.modified_residue_label_alt_id      ? 
_pdbx_modification_feature.auth_comp_id                       CYS 
_pdbx_modification_feature.auth_asym_id                       A 
_pdbx_modification_feature.auth_seq_id                        88 
_pdbx_modification_feature.PDB_ins_code                       ? 
_pdbx_modification_feature.symmetry                           1_555 
_pdbx_modification_feature.modified_residue_auth_comp_id      CYS 
_pdbx_modification_feature.modified_residue_auth_asym_id      A 
_pdbx_modification_feature.modified_residue_auth_seq_id       91 
_pdbx_modification_feature.modified_residue_PDB_ins_code      ? 
_pdbx_modification_feature.modified_residue_symmetry          1_555 
_pdbx_modification_feature.comp_id_linking_atom               SG 
_pdbx_modification_feature.modified_residue_id_linking_atom   SG 
_pdbx_modification_feature.modified_residue_id                . 
_pdbx_modification_feature.ref_pcm_id                         . 
_pdbx_modification_feature.ref_comp_id                        . 
_pdbx_modification_feature.type                               None 
_pdbx_modification_feature.category                           'Disulfide bridge' 
# 
_struct_sheet.id               AA1 
_struct_sheet.type             ? 
_struct_sheet.number_strands   5 
_struct_sheet.details          ? 
# 
loop_
_struct_sheet_order.sheet_id 
_struct_sheet_order.range_id_1 
_struct_sheet_order.range_id_2 
_struct_sheet_order.offset 
_struct_sheet_order.sense 
AA1 1 2 ? parallel 
AA1 2 3 ? parallel 
AA1 3 4 ? parallel 
AA1 4 5 ? parallel 
# 
loop_
_struct_sheet_range.sheet_id 
_struct_sheet_range.id 
_struct_sheet_range.beg_label_comp_id 
_struct_sheet_range.beg_label_asym_id 
_struct_sheet_range.beg_label_seq_id 
_struct_sheet_range.pdbx_beg_PDB_ins_code 
_struct_sheet_range.end_label_comp_id 
_struct_sheet_range.end_label_asym_id 
_struct_sheet_range.end_label_seq_id 
_struct_sheet_range.pdbx_end_PDB_ins_code 
_struct_sheet_range.beg_auth_comp_id 
_struct_sheet_range.beg_auth_asym_id 
_struct_sheet_range.beg_auth_seq_id 
_struct_sheet_range.end_auth_comp_id 
_struct_sheet_range.end_auth_asym_id 
_struct_sheet_range.end_auth_seq_id 
AA1 1 LEU A 76  ? TYR A 77  ? LEU A 76  TYR A 77  
AA1 2 ILE A 43  ? GLY A 45  ? ILE A 43  GLY A 45  
AA1 3 VAL A 87  ? ILE A 89  ? VAL A 87  ILE A 89  
AA1 4 ILE A 96  ? ILE A 100 ? ILE A 96  ILE A 100 
AA1 5 ARG A 119 ? VAL A 122 ? ARG A 119 VAL A 122 
# 
loop_
_pdbx_struct_sheet_hbond.sheet_id 
_pdbx_struct_sheet_hbond.range_id_1 
_pdbx_struct_sheet_hbond.range_id_2 
_pdbx_struct_sheet_hbond.range_1_label_atom_id 
_pdbx_struct_sheet_hbond.range_1_label_comp_id 
_pdbx_struct_sheet_hbond.range_1_label_asym_id 
_pdbx_struct_sheet_hbond.range_1_label_seq_id 
_pdbx_struct_sheet_hbond.range_1_PDB_ins_code 
_pdbx_struct_sheet_hbond.range_1_auth_atom_id 
_pdbx_struct_sheet_hbond.range_1_auth_comp_id 
_pdbx_struct_sheet_hbond.range_1_auth_asym_id 
_pdbx_struct_sheet_hbond.range_1_auth_seq_id 
_pdbx_struct_sheet_hbond.range_2_label_atom_id 
_pdbx_struct_sheet_hbond.range_2_label_comp_id 
_pdbx_struct_sheet_hbond.range_2_label_asym_id 
_pdbx_struct_sheet_hbond.range_2_label_seq_id 
_pdbx_struct_sheet_hbond.range_2_PDB_ins_code 
_pdbx_struct_sheet_hbond.range_2_auth_atom_id 
_pdbx_struct_sheet_hbond.range_2_auth_comp_id 
_pdbx_struct_sheet_hbond.range_2_auth_asym_id 
_pdbx_struct_sheet_hbond.range_2_auth_seq_id 
AA1 1 2 O TYR A 77 ? O TYR A 77 N GLY A 45  ? N GLY A 45  
AA1 2 3 N ILE A 44 ? N ILE A 44 O ILE A 89  ? O ILE A 89  
AA1 3 4 N CYS A 88 ? N CYS A 88 O ILE A 96  ? O ILE A 96  
AA1 4 5 N ILE A 97 ? N ILE A 97 O ILE A 120 ? O ILE A 120 
# 
_pdbx_entry_details.entry_id                   8WQN 
_pdbx_entry_details.compound_details           ? 
_pdbx_entry_details.source_details             ? 
_pdbx_entry_details.nonpolymer_details         ? 
_pdbx_entry_details.sequence_details           ? 
_pdbx_entry_details.has_ligand_of_interest     ? 
_pdbx_entry_details.has_protein_modification   Y 
# 
_pdbx_validate_torsion.id              1 
_pdbx_validate_torsion.PDB_model_num   1 
_pdbx_validate_torsion.auth_comp_id    ASN 
_pdbx_validate_torsion.auth_asym_id    A 
_pdbx_validate_torsion.auth_seq_id     47 
_pdbx_validate_torsion.PDB_ins_code    ? 
_pdbx_validate_torsion.label_alt_id    ? 
_pdbx_validate_torsion.phi             -144.34 
_pdbx_validate_torsion.psi             16.44 
# 
loop_
_pdbx_unobs_or_zero_occ_residues.id 
_pdbx_unobs_or_zero_occ_residues.PDB_model_num 
_pdbx_unobs_or_zero_occ_residues.polymer_flag 
_pdbx_unobs_or_zero_occ_residues.occupancy_flag 
_pdbx_unobs_or_zero_occ_residues.auth_asym_id 
_pdbx_unobs_or_zero_occ_residues.auth_comp_id 
_pdbx_unobs_or_zero_occ_residues.auth_seq_id 
_pdbx_unobs_or_zero_occ_residues.PDB_ins_code 
_pdbx_unobs_or_zero_occ_residues.label_asym_id 
_pdbx_unobs_or_zero_occ_residues.label_comp_id 
_pdbx_unobs_or_zero_occ_residues.label_seq_id 
1  1 Y 1 A SER 156 ? A SER 156 
2  1 Y 1 A ALA 157 ? A ALA 157 
3  1 Y 1 A GLY 158 ? A GLY 158 
4  1 Y 1 A GLY 159 ? A GLY 159 
5  1 Y 1 A ILE 160 ? A ILE 160 
6  1 Y 1 A LEU 161 ? A LEU 161 
7  1 Y 1 A HIS 162 ? A HIS 162 
8  1 Y 1 A MET 163 ? A MET 163 
9  1 Y 1 A ILE 164 ? A ILE 164 
10 1 Y 1 A ARG 165 ? A ARG 165 
11 1 Y 1 A LEU 166 ? A LEU 166 
12 1 Y 1 A GLU 167 ? A GLU 167 
13 1 Y 1 A HIS 168 ? A HIS 168 
14 1 Y 1 A HIS 169 ? A HIS 169 
15 1 Y 1 A HIS 170 ? A HIS 170 
16 1 Y 1 A HIS 171 ? A HIS 171 
17 1 Y 1 A HIS 172 ? A HIS 172 
18 1 Y 1 A HIS 173 ? A HIS 173 
# 
loop_
_chem_comp_atom.comp_id 
_chem_comp_atom.atom_id 
_chem_comp_atom.type_symbol 
_chem_comp_atom.pdbx_aromatic_flag 
_chem_comp_atom.pdbx_stereo_config 
_chem_comp_atom.pdbx_ordinal 
ALA N    N N N 1   
ALA CA   C N S 2   
ALA C    C N N 3   
ALA O    O N N 4   
ALA CB   C N N 5   
ALA OXT  O N N 6   
ALA H    H N N 7   
ALA H2   H N N 8   
ALA HA   H N N 9   
ALA HB1  H N N 10  
ALA HB2  H N N 11  
ALA HB3  H N N 12  
ALA HXT  H N N 13  
ARG N    N N N 14  
ARG CA   C N S 15  
ARG C    C N N 16  
ARG O    O N N 17  
ARG CB   C N N 18  
ARG CG   C N N 19  
ARG CD   C N N 20  
ARG NE   N N N 21  
ARG CZ   C N N 22  
ARG NH1  N N N 23  
ARG NH2  N N N 24  
ARG OXT  O N N 25  
ARG H    H N N 26  
ARG H2   H N N 27  
ARG HA   H N N 28  
ARG HB2  H N N 29  
ARG HB3  H N N 30  
ARG HG2  H N N 31  
ARG HG3  H N N 32  
ARG HD2  H N N 33  
ARG HD3  H N N 34  
ARG HE   H N N 35  
ARG HH11 H N N 36  
ARG HH12 H N N 37  
ARG HH21 H N N 38  
ARG HH22 H N N 39  
ARG HXT  H N N 40  
ASN N    N N N 41  
ASN CA   C N S 42  
ASN C    C N N 43  
ASN O    O N N 44  
ASN CB   C N N 45  
ASN CG   C N N 46  
ASN OD1  O N N 47  
ASN ND2  N N N 48  
ASN OXT  O N N 49  
ASN H    H N N 50  
ASN H2   H N N 51  
ASN HA   H N N 52  
ASN HB2  H N N 53  
ASN HB3  H N N 54  
ASN HD21 H N N 55  
ASN HD22 H N N 56  
ASN HXT  H N N 57  
ASP N    N N N 58  
ASP CA   C N S 59  
ASP C    C N N 60  
ASP O    O N N 61  
ASP CB   C N N 62  
ASP CG   C N N 63  
ASP OD1  O N N 64  
ASP OD2  O N N 65  
ASP OXT  O N N 66  
ASP H    H N N 67  
ASP H2   H N N 68  
ASP HA   H N N 69  
ASP HB2  H N N 70  
ASP HB3  H N N 71  
ASP HD2  H N N 72  
ASP HXT  H N N 73  
CYS N    N N N 74  
CYS CA   C N R 75  
CYS C    C N N 76  
CYS O    O N N 77  
CYS CB   C N N 78  
CYS SG   S N N 79  
CYS OXT  O N N 80  
CYS H    H N N 81  
CYS H2   H N N 82  
CYS HA   H N N 83  
CYS HB2  H N N 84  
CYS HB3  H N N 85  
CYS HG   H N N 86  
CYS HXT  H N N 87  
GLU N    N N N 88  
GLU CA   C N S 89  
GLU C    C N N 90  
GLU O    O N N 91  
GLU CB   C N N 92  
GLU CG   C N N 93  
GLU CD   C N N 94  
GLU OE1  O N N 95  
GLU OE2  O N N 96  
GLU OXT  O N N 97  
GLU H    H N N 98  
GLU H2   H N N 99  
GLU HA   H N N 100 
GLU HB2  H N N 101 
GLU HB3  H N N 102 
GLU HG2  H N N 103 
GLU HG3  H N N 104 
GLU HE2  H N N 105 
GLU HXT  H N N 106 
GLY N    N N N 107 
GLY CA   C N N 108 
GLY C    C N N 109 
GLY O    O N N 110 
GLY OXT  O N N 111 
GLY H    H N N 112 
GLY H2   H N N 113 
GLY HA2  H N N 114 
GLY HA3  H N N 115 
GLY HXT  H N N 116 
HIS N    N N N 117 
HIS CA   C N S 118 
HIS C    C N N 119 
HIS O    O N N 120 
HIS CB   C N N 121 
HIS CG   C Y N 122 
HIS ND1  N Y N 123 
HIS CD2  C Y N 124 
HIS CE1  C Y N 125 
HIS NE2  N Y N 126 
HIS OXT  O N N 127 
HIS H    H N N 128 
HIS H2   H N N 129 
HIS HA   H N N 130 
HIS HB2  H N N 131 
HIS HB3  H N N 132 
HIS HD1  H N N 133 
HIS HD2  H N N 134 
HIS HE1  H N N 135 
HIS HE2  H N N 136 
HIS HXT  H N N 137 
HOH O    O N N 138 
HOH H1   H N N 139 
HOH H2   H N N 140 
ILE N    N N N 141 
ILE CA   C N S 142 
ILE C    C N N 143 
ILE O    O N N 144 
ILE CB   C N S 145 
ILE CG1  C N N 146 
ILE CG2  C N N 147 
ILE CD1  C N N 148 
ILE OXT  O N N 149 
ILE H    H N N 150 
ILE H2   H N N 151 
ILE HA   H N N 152 
ILE HB   H N N 153 
ILE HG12 H N N 154 
ILE HG13 H N N 155 
ILE HG21 H N N 156 
ILE HG22 H N N 157 
ILE HG23 H N N 158 
ILE HD11 H N N 159 
ILE HD12 H N N 160 
ILE HD13 H N N 161 
ILE HXT  H N N 162 
LEU N    N N N 163 
LEU CA   C N S 164 
LEU C    C N N 165 
LEU O    O N N 166 
LEU CB   C N N 167 
LEU CG   C N N 168 
LEU CD1  C N N 169 
LEU CD2  C N N 170 
LEU OXT  O N N 171 
LEU H    H N N 172 
LEU H2   H N N 173 
LEU HA   H N N 174 
LEU HB2  H N N 175 
LEU HB3  H N N 176 
LEU HG   H N N 177 
LEU HD11 H N N 178 
LEU HD12 H N N 179 
LEU HD13 H N N 180 
LEU HD21 H N N 181 
LEU HD22 H N N 182 
LEU HD23 H N N 183 
LEU HXT  H N N 184 
LYS N    N N N 185 
LYS CA   C N S 186 
LYS C    C N N 187 
LYS O    O N N 188 
LYS CB   C N N 189 
LYS CG   C N N 190 
LYS CD   C N N 191 
LYS CE   C N N 192 
LYS NZ   N N N 193 
LYS OXT  O N N 194 
LYS H    H N N 195 
LYS H2   H N N 196 
LYS HA   H N N 197 
LYS HB2  H N N 198 
LYS HB3  H N N 199 
LYS HG2  H N N 200 
LYS HG3  H N N 201 
LYS HD2  H N N 202 
LYS HD3  H N N 203 
LYS HE2  H N N 204 
LYS HE3  H N N 205 
LYS HZ1  H N N 206 
LYS HZ2  H N N 207 
LYS HZ3  H N N 208 
LYS HXT  H N N 209 
MET N    N N N 210 
MET CA   C N S 211 
MET C    C N N 212 
MET O    O N N 213 
MET CB   C N N 214 
MET CG   C N N 215 
MET SD   S N N 216 
MET CE   C N N 217 
MET OXT  O N N 218 
MET H    H N N 219 
MET H2   H N N 220 
MET HA   H N N 221 
MET HB2  H N N 222 
MET HB3  H N N 223 
MET HG2  H N N 224 
MET HG3  H N N 225 
MET HE1  H N N 226 
MET HE2  H N N 227 
MET HE3  H N N 228 
MET HXT  H N N 229 
PHE N    N N N 230 
PHE CA   C N S 231 
PHE C    C N N 232 
PHE O    O N N 233 
PHE CB   C N N 234 
PHE CG   C Y N 235 
PHE CD1  C Y N 236 
PHE CD2  C Y N 237 
PHE CE1  C Y N 238 
PHE CE2  C Y N 239 
PHE CZ   C Y N 240 
PHE OXT  O N N 241 
PHE H    H N N 242 
PHE H2   H N N 243 
PHE HA   H N N 244 
PHE HB2  H N N 245 
PHE HB3  H N N 246 
PHE HD1  H N N 247 
PHE HD2  H N N 248 
PHE HE1  H N N 249 
PHE HE2  H N N 250 
PHE HZ   H N N 251 
PHE HXT  H N N 252 
PRO N    N N N 253 
PRO CA   C N S 254 
PRO C    C N N 255 
PRO O    O N N 256 
PRO CB   C N N 257 
PRO CG   C N N 258 
PRO CD   C N N 259 
PRO OXT  O N N 260 
PRO H    H N N 261 
PRO HA   H N N 262 
PRO HB2  H N N 263 
PRO HB3  H N N 264 
PRO HG2  H N N 265 
PRO HG3  H N N 266 
PRO HD2  H N N 267 
PRO HD3  H N N 268 
PRO HXT  H N N 269 
SER N    N N N 270 
SER CA   C N S 271 
SER C    C N N 272 
SER O    O N N 273 
SER CB   C N N 274 
SER OG   O N N 275 
SER OXT  O N N 276 
SER H    H N N 277 
SER H2   H N N 278 
SER HA   H N N 279 
SER HB2  H N N 280 
SER HB3  H N N 281 
SER HG   H N N 282 
SER HXT  H N N 283 
TRP N    N N N 284 
TRP CA   C N S 285 
TRP C    C N N 286 
TRP O    O N N 287 
TRP CB   C N N 288 
TRP CG   C Y N 289 
TRP CD1  C Y N 290 
TRP CD2  C Y N 291 
TRP NE1  N Y N 292 
TRP CE2  C Y N 293 
TRP CE3  C Y N 294 
TRP CZ2  C Y N 295 
TRP CZ3  C Y N 296 
TRP CH2  C Y N 297 
TRP OXT  O N N 298 
TRP H    H N N 299 
TRP H2   H N N 300 
TRP HA   H N N 301 
TRP HB2  H N N 302 
TRP HB3  H N N 303 
TRP HD1  H N N 304 
TRP HE1  H N N 305 
TRP HE3  H N N 306 
TRP HZ2  H N N 307 
TRP HZ3  H N N 308 
TRP HH2  H N N 309 
TRP HXT  H N N 310 
TYR N    N N N 311 
TYR CA   C N S 312 
TYR C    C N N 313 
TYR O    O N N 314 
TYR CB   C N N 315 
TYR CG   C Y N 316 
TYR CD1  C Y N 317 
TYR CD2  C Y N 318 
TYR CE1  C Y N 319 
TYR CE2  C Y N 320 
TYR CZ   C Y N 321 
TYR OH   O N N 322 
TYR OXT  O N N 323 
TYR H    H N N 324 
TYR H2   H N N 325 
TYR HA   H N N 326 
TYR HB2  H N N 327 
TYR HB3  H N N 328 
TYR HD1  H N N 329 
TYR HD2  H N N 330 
TYR HE1  H N N 331 
TYR HE2  H N N 332 
TYR HH   H N N 333 
TYR HXT  H N N 334 
VAL N    N N N 335 
VAL CA   C N S 336 
VAL C    C N N 337 
VAL O    O N N 338 
VAL CB   C N N 339 
VAL CG1  C N N 340 
VAL CG2  C N N 341 
VAL OXT  O N N 342 
VAL H    H N N 343 
VAL H2   H N N 344 
VAL HA   H N N 345 
VAL HB   H N N 346 
VAL HG11 H N N 347 
VAL HG12 H N N 348 
VAL HG13 H N N 349 
VAL HG21 H N N 350 
VAL HG22 H N N 351 
VAL HG23 H N N 352 
VAL HXT  H N N 353 
# 
loop_
_chem_comp_bond.comp_id 
_chem_comp_bond.atom_id_1 
_chem_comp_bond.atom_id_2 
_chem_comp_bond.value_order 
_chem_comp_bond.pdbx_aromatic_flag 
_chem_comp_bond.pdbx_stereo_config 
_chem_comp_bond.pdbx_ordinal 
ALA N   CA   sing N N 1   
ALA N   H    sing N N 2   
ALA N   H2   sing N N 3   
ALA CA  C    sing N N 4   
ALA CA  CB   sing N N 5   
ALA CA  HA   sing N N 6   
ALA C   O    doub N N 7   
ALA C   OXT  sing N N 8   
ALA CB  HB1  sing N N 9   
ALA CB  HB2  sing N N 10  
ALA CB  HB3  sing N N 11  
ALA OXT HXT  sing N N 12  
ARG N   CA   sing N N 13  
ARG N   H    sing N N 14  
ARG N   H2   sing N N 15  
ARG CA  C    sing N N 16  
ARG CA  CB   sing N N 17  
ARG CA  HA   sing N N 18  
ARG C   O    doub N N 19  
ARG C   OXT  sing N N 20  
ARG CB  CG   sing N N 21  
ARG CB  HB2  sing N N 22  
ARG CB  HB3  sing N N 23  
ARG CG  CD   sing N N 24  
ARG CG  HG2  sing N N 25  
ARG CG  HG3  sing N N 26  
ARG CD  NE   sing N N 27  
ARG CD  HD2  sing N N 28  
ARG CD  HD3  sing N N 29  
ARG NE  CZ   sing N N 30  
ARG NE  HE   sing N N 31  
ARG CZ  NH1  sing N N 32  
ARG CZ  NH2  doub N N 33  
ARG NH1 HH11 sing N N 34  
ARG NH1 HH12 sing N N 35  
ARG NH2 HH21 sing N N 36  
ARG NH2 HH22 sing N N 37  
ARG OXT HXT  sing N N 38  
ASN N   CA   sing N N 39  
ASN N   H    sing N N 40  
ASN N   H2   sing N N 41  
ASN CA  C    sing N N 42  
ASN CA  CB   sing N N 43  
ASN CA  HA   sing N N 44  
ASN C   O    doub N N 45  
ASN C   OXT  sing N N 46  
ASN CB  CG   sing N N 47  
ASN CB  HB2  sing N N 48  
ASN CB  HB3  sing N N 49  
ASN CG  OD1  doub N N 50  
ASN CG  ND2  sing N N 51  
ASN ND2 HD21 sing N N 52  
ASN ND2 HD22 sing N N 53  
ASN OXT HXT  sing N N 54  
ASP N   CA   sing N N 55  
ASP N   H    sing N N 56  
ASP N   H2   sing N N 57  
ASP CA  C    sing N N 58  
ASP CA  CB   sing N N 59  
ASP CA  HA   sing N N 60  
ASP C   O    doub N N 61  
ASP C   OXT  sing N N 62  
ASP CB  CG   sing N N 63  
ASP CB  HB2  sing N N 64  
ASP CB  HB3  sing N N 65  
ASP CG  OD1  doub N N 66  
ASP CG  OD2  sing N N 67  
ASP OD2 HD2  sing N N 68  
ASP OXT HXT  sing N N 69  
CYS N   CA   sing N N 70  
CYS N   H    sing N N 71  
CYS N   H2   sing N N 72  
CYS CA  C    sing N N 73  
CYS CA  CB   sing N N 74  
CYS CA  HA   sing N N 75  
CYS C   O    doub N N 76  
CYS C   OXT  sing N N 77  
CYS CB  SG   sing N N 78  
CYS CB  HB2  sing N N 79  
CYS CB  HB3  sing N N 80  
CYS SG  HG   sing N N 81  
CYS OXT HXT  sing N N 82  
GLU N   CA   sing N N 83  
GLU N   H    sing N N 84  
GLU N   H2   sing N N 85  
GLU CA  C    sing N N 86  
GLU CA  CB   sing N N 87  
GLU CA  HA   sing N N 88  
GLU C   O    doub N N 89  
GLU C   OXT  sing N N 90  
GLU CB  CG   sing N N 91  
GLU CB  HB2  sing N N 92  
GLU CB  HB3  sing N N 93  
GLU CG  CD   sing N N 94  
GLU CG  HG2  sing N N 95  
GLU CG  HG3  sing N N 96  
GLU CD  OE1  doub N N 97  
GLU CD  OE2  sing N N 98  
GLU OE2 HE2  sing N N 99  
GLU OXT HXT  sing N N 100 
GLY N   CA   sing N N 101 
GLY N   H    sing N N 102 
GLY N   H2   sing N N 103 
GLY CA  C    sing N N 104 
GLY CA  HA2  sing N N 105 
GLY CA  HA3  sing N N 106 
GLY C   O    doub N N 107 
GLY C   OXT  sing N N 108 
GLY OXT HXT  sing N N 109 
HIS N   CA   sing N N 110 
HIS N   H    sing N N 111 
HIS N   H2   sing N N 112 
HIS CA  C    sing N N 113 
HIS CA  CB   sing N N 114 
HIS CA  HA   sing N N 115 
HIS C   O    doub N N 116 
HIS C   OXT  sing N N 117 
HIS CB  CG   sing N N 118 
HIS CB  HB2  sing N N 119 
HIS CB  HB3  sing N N 120 
HIS CG  ND1  sing Y N 121 
HIS CG  CD2  doub Y N 122 
HIS ND1 CE1  doub Y N 123 
HIS ND1 HD1  sing N N 124 
HIS CD2 NE2  sing Y N 125 
HIS CD2 HD2  sing N N 126 
HIS CE1 NE2  sing Y N 127 
HIS CE1 HE1  sing N N 128 
HIS NE2 HE2  sing N N 129 
HIS OXT HXT  sing N N 130 
HOH O   H1   sing N N 131 
HOH O   H2   sing N N 132 
ILE N   CA   sing N N 133 
ILE N   H    sing N N 134 
ILE N   H2   sing N N 135 
ILE CA  C    sing N N 136 
ILE CA  CB   sing N N 137 
ILE CA  HA   sing N N 138 
ILE C   O    doub N N 139 
ILE C   OXT  sing N N 140 
ILE CB  CG1  sing N N 141 
ILE CB  CG2  sing N N 142 
ILE CB  HB   sing N N 143 
ILE CG1 CD1  sing N N 144 
ILE CG1 HG12 sing N N 145 
ILE CG1 HG13 sing N N 146 
ILE CG2 HG21 sing N N 147 
ILE CG2 HG22 sing N N 148 
ILE CG2 HG23 sing N N 149 
ILE CD1 HD11 sing N N 150 
ILE CD1 HD12 sing N N 151 
ILE CD1 HD13 sing N N 152 
ILE OXT HXT  sing N N 153 
LEU N   CA   sing N N 154 
LEU N   H    sing N N 155 
LEU N   H2   sing N N 156 
LEU CA  C    sing N N 157 
LEU CA  CB   sing N N 158 
LEU CA  HA   sing N N 159 
LEU C   O    doub N N 160 
LEU C   OXT  sing N N 161 
LEU CB  CG   sing N N 162 
LEU CB  HB2  sing N N 163 
LEU CB  HB3  sing N N 164 
LEU CG  CD1  sing N N 165 
LEU CG  CD2  sing N N 166 
LEU CG  HG   sing N N 167 
LEU CD1 HD11 sing N N 168 
LEU CD1 HD12 sing N N 169 
LEU CD1 HD13 sing N N 170 
LEU CD2 HD21 sing N N 171 
LEU CD2 HD22 sing N N 172 
LEU CD2 HD23 sing N N 173 
LEU OXT HXT  sing N N 174 
LYS N   CA   sing N N 175 
LYS N   H    sing N N 176 
LYS N   H2   sing N N 177 
LYS CA  C    sing N N 178 
LYS CA  CB   sing N N 179 
LYS CA  HA   sing N N 180 
LYS C   O    doub N N 181 
LYS C   OXT  sing N N 182 
LYS CB  CG   sing N N 183 
LYS CB  HB2  sing N N 184 
LYS CB  HB3  sing N N 185 
LYS CG  CD   sing N N 186 
LYS CG  HG2  sing N N 187 
LYS CG  HG3  sing N N 188 
LYS CD  CE   sing N N 189 
LYS CD  HD2  sing N N 190 
LYS CD  HD3  sing N N 191 
LYS CE  NZ   sing N N 192 
LYS CE  HE2  sing N N 193 
LYS CE  HE3  sing N N 194 
LYS NZ  HZ1  sing N N 195 
LYS NZ  HZ2  sing N N 196 
LYS NZ  HZ3  sing N N 197 
LYS OXT HXT  sing N N 198 
MET N   CA   sing N N 199 
MET N   H    sing N N 200 
MET N   H2   sing N N 201 
MET CA  C    sing N N 202 
MET CA  CB   sing N N 203 
MET CA  HA   sing N N 204 
MET C   O    doub N N 205 
MET C   OXT  sing N N 206 
MET CB  CG   sing N N 207 
MET CB  HB2  sing N N 208 
MET CB  HB3  sing N N 209 
MET CG  SD   sing N N 210 
MET CG  HG2  sing N N 211 
MET CG  HG3  sing N N 212 
MET SD  CE   sing N N 213 
MET CE  HE1  sing N N 214 
MET CE  HE2  sing N N 215 
MET CE  HE3  sing N N 216 
MET OXT HXT  sing N N 217 
PHE N   CA   sing N N 218 
PHE N   H    sing N N 219 
PHE N   H2   sing N N 220 
PHE CA  C    sing N N 221 
PHE CA  CB   sing N N 222 
PHE CA  HA   sing N N 223 
PHE C   O    doub N N 224 
PHE C   OXT  sing N N 225 
PHE CB  CG   sing N N 226 
PHE CB  HB2  sing N N 227 
PHE CB  HB3  sing N N 228 
PHE CG  CD1  doub Y N 229 
PHE CG  CD2  sing Y N 230 
PHE CD1 CE1  sing Y N 231 
PHE CD1 HD1  sing N N 232 
PHE CD2 CE2  doub Y N 233 
PHE CD2 HD2  sing N N 234 
PHE CE1 CZ   doub Y N 235 
PHE CE1 HE1  sing N N 236 
PHE CE2 CZ   sing Y N 237 
PHE CE2 HE2  sing N N 238 
PHE CZ  HZ   sing N N 239 
PHE OXT HXT  sing N N 240 
PRO N   CA   sing N N 241 
PRO N   CD   sing N N 242 
PRO N   H    sing N N 243 
PRO CA  C    sing N N 244 
PRO CA  CB   sing N N 245 
PRO CA  HA   sing N N 246 
PRO C   O    doub N N 247 
PRO C   OXT  sing N N 248 
PRO CB  CG   sing N N 249 
PRO CB  HB2  sing N N 250 
PRO CB  HB3  sing N N 251 
PRO CG  CD   sing N N 252 
PRO CG  HG2  sing N N 253 
PRO CG  HG3  sing N N 254 
PRO CD  HD2  sing N N 255 
PRO CD  HD3  sing N N 256 
PRO OXT HXT  sing N N 257 
SER N   CA   sing N N 258 
SER N   H    sing N N 259 
SER N   H2   sing N N 260 
SER CA  C    sing N N 261 
SER CA  CB   sing N N 262 
SER CA  HA   sing N N 263 
SER C   O    doub N N 264 
SER C   OXT  sing N N 265 
SER CB  OG   sing N N 266 
SER CB  HB2  sing N N 267 
SER CB  HB3  sing N N 268 
SER OG  HG   sing N N 269 
SER OXT HXT  sing N N 270 
TRP N   CA   sing N N 271 
TRP N   H    sing N N 272 
TRP N   H2   sing N N 273 
TRP CA  C    sing N N 274 
TRP CA  CB   sing N N 275 
TRP CA  HA   sing N N 276 
TRP C   O    doub N N 277 
TRP C   OXT  sing N N 278 
TRP CB  CG   sing N N 279 
TRP CB  HB2  sing N N 280 
TRP CB  HB3  sing N N 281 
TRP CG  CD1  doub Y N 282 
TRP CG  CD2  sing Y N 283 
TRP CD1 NE1  sing Y N 284 
TRP CD1 HD1  sing N N 285 
TRP CD2 CE2  doub Y N 286 
TRP CD2 CE3  sing Y N 287 
TRP NE1 CE2  sing Y N 288 
TRP NE1 HE1  sing N N 289 
TRP CE2 CZ2  sing Y N 290 
TRP CE3 CZ3  doub Y N 291 
TRP CE3 HE3  sing N N 292 
TRP CZ2 CH2  doub Y N 293 
TRP CZ2 HZ2  sing N N 294 
TRP CZ3 CH2  sing Y N 295 
TRP CZ3 HZ3  sing N N 296 
TRP CH2 HH2  sing N N 297 
TRP OXT HXT  sing N N 298 
TYR N   CA   sing N N 299 
TYR N   H    sing N N 300 
TYR N   H2   sing N N 301 
TYR CA  C    sing N N 302 
TYR CA  CB   sing N N 303 
TYR CA  HA   sing N N 304 
TYR C   O    doub N N 305 
TYR C   OXT  sing N N 306 
TYR CB  CG   sing N N 307 
TYR CB  HB2  sing N N 308 
TYR CB  HB3  sing N N 309 
TYR CG  CD1  doub Y N 310 
TYR CG  CD2  sing Y N 311 
TYR CD1 CE1  sing Y N 312 
TYR CD1 HD1  sing N N 313 
TYR CD2 CE2  doub Y N 314 
TYR CD2 HD2  sing N N 315 
TYR CE1 CZ   doub Y N 316 
TYR CE1 HE1  sing N N 317 
TYR CE2 CZ   sing Y N 318 
TYR CE2 HE2  sing N N 319 
TYR CZ  OH   sing N N 320 
TYR OH  HH   sing N N 321 
TYR OXT HXT  sing N N 322 
VAL N   CA   sing N N 323 
VAL N   H    sing N N 324 
VAL N   H2   sing N N 325 
VAL CA  C    sing N N 326 
VAL CA  CB   sing N N 327 
VAL CA  HA   sing N N 328 
VAL C   O    doub N N 329 
VAL C   OXT  sing N N 330 
VAL CB  CG1  sing N N 331 
VAL CB  CG2  sing N N 332 
VAL CB  HB   sing N N 333 
VAL CG1 HG11 sing N N 334 
VAL CG1 HG12 sing N N 335 
VAL CG1 HG13 sing N N 336 
VAL CG2 HG21 sing N N 337 
VAL CG2 HG22 sing N N 338 
VAL CG2 HG23 sing N N 339 
VAL OXT HXT  sing N N 340 
# 
loop_
_pdbx_audit_support.funding_organization 
_pdbx_audit_support.country 
_pdbx_audit_support.grant_number 
_pdbx_audit_support.ordinal 
'Academia Sinica (Taiwan)'               Taiwan ?                         1 
'National Science Council (NSC, Taiwan)' Taiwan 'NSTC 111-2311-B-001-001' 2 
'National Science Council (NSC, Taiwan)' Taiwan 'NSTC 111-2311-B-001-002' 3 
'National Science Council (NSC, Taiwan)' Taiwan 'NSTC 110-2326-B-007-002' 4 
'National Science Council (NSC, Taiwan)' Taiwan 'NSTC 111-2326-B-007-001' 5 
# 
_pdbx_initial_refinement_model.id               1 
_pdbx_initial_refinement_model.entity_id_list   ? 
_pdbx_initial_refinement_model.type             'in silico model' 
_pdbx_initial_refinement_model.source_name      AlphaFold 
_pdbx_initial_refinement_model.accession_code   ? 
_pdbx_initial_refinement_model.details          ? 
# 
_atom_sites.entry_id                    8WQN 
_atom_sites.Cartn_transf_matrix[1][1]   ? 
_atom_sites.Cartn_transf_matrix[1][2]   ? 
_atom_sites.Cartn_transf_matrix[1][3]   ? 
_atom_sites.Cartn_transf_matrix[2][1]   ? 
_atom_sites.Cartn_transf_matrix[2][2]   ? 
_atom_sites.Cartn_transf_matrix[2][3]   ? 
_atom_sites.Cartn_transf_matrix[3][1]   ? 
_atom_sites.Cartn_transf_matrix[3][2]   ? 
_atom_sites.Cartn_transf_matrix[3][3]   ? 
_atom_sites.Cartn_transf_vector[1]      ? 
_atom_sites.Cartn_transf_vector[2]      ? 
_atom_sites.Cartn_transf_vector[3]      ? 
_atom_sites.Cartn_transform_axes        ? 
_atom_sites.fract_transf_matrix[1][1]   0.01882224 
_atom_sites.fract_transf_matrix[1][2]   -0.00448639 
_atom_sites.fract_transf_matrix[1][3]   -0.02225434 
_atom_sites.fract_transf_matrix[2][1]   -0.00483510 
_atom_sites.fract_transf_matrix[2][2]   0.01175215 
_atom_sites.fract_transf_matrix[2][3]   -0.00645862 
_atom_sites.fract_transf_matrix[3][1]   0.00962040 
_atom_sites.fract_transf_matrix[3][2]   0.00758895 
_atom_sites.fract_transf_matrix[3][3]   0.00660682 
_atom_sites.fract_transf_vector[1]      0.120613 
_atom_sites.fract_transf_vector[2]      -0.146666 
_atom_sites.fract_transf_vector[3]      -0.171793 
_atom_sites.solution_primary            ? 
_atom_sites.solution_secondary          ? 
_atom_sites.solution_hydrogens          ? 
_atom_sites.special_details             ? 
# 
loop_
_atom_type.symbol 
C 
N 
O 
S 
# 
loop_
_atom_site.group_PDB 
_atom_site.id 
_atom_site.type_symbol 
_atom_site.label_atom_id 
_atom_site.label_alt_id 
_atom_site.label_comp_id 
_atom_site.label_asym_id 
_atom_site.label_entity_id 
_atom_site.label_seq_id 
_atom_site.pdbx_PDB_ins_code 
_atom_site.Cartn_x 
_atom_site.Cartn_y 
_atom_site.Cartn_z 
_atom_site.occupancy 
_atom_site.B_iso_or_equiv 
_atom_site.pdbx_formal_charge 
_atom_site.auth_seq_id 
_atom_site.auth_comp_id 
_atom_site.auth_asym_id 
_atom_site.auth_atom_id 
_atom_site.pdbx_PDB_model_num 
ATOM   1    N N   . MET A 1 1   ? -14.051 10.534  -3.301  1.00 29.09 ? 1   MET A N   1 
ATOM   2    C CA  . MET A 1 1   ? -14.171 9.240   -2.627  1.00 35.87 ? 1   MET A CA  1 
ATOM   3    C C   . MET A 1 1   ? -12.763 8.675   -2.381  1.00 31.24 ? 1   MET A C   1 
ATOM   4    O O   . MET A 1 1   ? -12.502 7.968   -1.407  1.00 38.48 ? 1   MET A O   1 
ATOM   5    C CB  . MET A 1 1   ? -15.032 8.288   -3.476  1.00 35.51 ? 1   MET A CB  1 
ATOM   6    C CG  . MET A 1 1   ? -15.818 7.237   -2.704  1.00 47.24 ? 1   MET A CG  1 
ATOM   7    S SD  . MET A 1 1   ? -14.840 5.991   -1.838  1.00 58.89 ? 1   MET A SD  1 
ATOM   8    C CE  . MET A 1 1   ? -15.096 4.585   -2.919  1.00 44.49 ? 1   MET A CE  1 
ATOM   9    N N   . PHE A 1 2   ? -11.854 9.070   -3.262  1.00 24.88 ? 2   PHE A N   1 
ATOM   10   C CA  . PHE A 1 2   ? -10.547 8.453   -3.425  1.00 17.93 ? 2   PHE A CA  1 
ATOM   11   C C   . PHE A 1 2   ? -9.405  9.285   -2.872  1.00 14.63 ? 2   PHE A C   1 
ATOM   12   O O   . PHE A 1 2   ? -8.241  8.886   -3.021  1.00 15.21 ? 2   PHE A O   1 
ATOM   13   C CB  . PHE A 1 2   ? -10.305 8.190   -4.915  1.00 22.96 ? 2   PHE A CB  1 
ATOM   14   C CG  . PHE A 1 2   ? -11.346 7.315   -5.538  1.00 21.85 ? 2   PHE A CG  1 
ATOM   15   C CD1 . PHE A 1 2   ? -11.253 5.941   -5.441  1.00 24.03 ? 2   PHE A CD1 1 
ATOM   16   C CD2 . PHE A 1 2   ? -12.436 7.872   -6.196  1.00 29.43 ? 2   PHE A CD2 1 
ATOM   17   C CE1 . PHE A 1 2   ? -12.221 5.128   -6.006  1.00 25.04 ? 2   PHE A CE1 1 
ATOM   18   C CE2 . PHE A 1 2   ? -13.402 7.061   -6.761  1.00 25.70 ? 2   PHE A CE2 1 
ATOM   19   C CZ  . PHE A 1 2   ? -13.296 5.694   -6.662  1.00 26.08 ? 2   PHE A CZ  1 
ATOM   20   N N   . GLU A 1 3   ? -9.699  10.424  -2.241  1.00 19.57 ? 3   GLU A N   1 
ATOM   21   C CA  . GLU A 1 3   ? -8.637  11.287  -1.733  1.00 19.74 ? 3   GLU A CA  1 
ATOM   22   C C   . GLU A 1 3   ? -7.732  10.539  -0.757  1.00 18.50 ? 3   GLU A C   1 
ATOM   23   O O   . GLU A 1 3   ? -6.510  10.737  -0.756  1.00 15.37 ? 3   GLU A O   1 
ATOM   24   C CB  . GLU A 1 3   ? -9.247  12.518  -1.059  1.00 24.01 ? 3   GLU A CB  1 
ATOM   25   C CG  . GLU A 1 3   ? -8.297  13.251  -0.137  1.00 30.90 ? 3   GLU A CG  1 
ATOM   26   C CD  . GLU A 1 3   ? -8.946  14.433  0.554   1.00 43.74 ? 3   GLU A CD  1 
ATOM   27   O OE1 . GLU A 1 3   ? -8.339  14.974  1.503   1.00 46.82 ? 3   GLU A OE1 1 
ATOM   28   O OE2 . GLU A 1 3   ? -10.076 14.804  0.168   1.00 48.46 ? 3   GLU A OE2 1 
ATOM   29   N N   . LYS A 1 4   ? -8.303  9.665   0.079   1.00 14.25 ? 4   LYS A N   1 
ATOM   30   C CA  . LYS A 1 4   ? -7.476  8.961   1.056   1.00 16.43 ? 4   LYS A CA  1 
ATOM   31   C C   . LYS A 1 4   ? -6.499  8.006   0.372   1.00 15.12 ? 4   LYS A C   1 
ATOM   32   O O   . LYS A 1 4   ? -5.369  7.808   0.845   1.00 13.65 ? 4   LYS A O   1 
ATOM   33   C CB  . LYS A 1 4   ? -8.353  8.194   2.050   1.00 17.78 ? 4   LYS A CB  1 
ATOM   34   C CG  . LYS A 1 4   ? -9.089  9.087   3.030   1.00 27.89 ? 4   LYS A CG  1 
ATOM   35   C CD  . LYS A 1 4   ? -9.738  8.278   4.151   1.00 40.52 ? 4   LYS A CD  1 
ATOM   36   C CE  . LYS A 1 4   ? -10.104 9.172   5.332   1.00 45.51 ? 4   LYS A CE  1 
ATOM   37   N NZ  . LYS A 1 4   ? -11.250 8.629   6.115   1.00 49.32 ? 4   LYS A NZ  1 
ATOM   38   N N   . LEU A 1 5   ? -6.920  7.406   -0.737  1.00 10.19 ? 5   LEU A N   1 
ATOM   39   C CA  . LEU A 1 5   ? -6.048  6.505   -1.483  1.00 12.51 ? 5   LEU A CA  1 
ATOM   40   C C   . LEU A 1 5   ? -4.877  7.257   -2.103  1.00 13.38 ? 5   LEU A C   1 
ATOM   41   O O   . LEU A 1 5   ? -3.722  6.828   -1.976  1.00 13.30 ? 5   LEU A O   1 
ATOM   42   C CB  . LEU A 1 5   ? -6.846  5.791   -2.569  1.00 12.26 ? 5   LEU A CB  1 
ATOM   43   C CG  . LEU A 1 5   ? -6.015  4.886   -3.479  1.00 13.93 ? 5   LEU A CG  1 
ATOM   44   C CD1 . LEU A 1 5   ? -5.330  3.795   -2.663  1.00 13.70 ? 5   LEU A CD1 1 
ATOM   45   C CD2 . LEU A 1 5   ? -6.878  4.288   -4.574  1.00 16.68 ? 5   LEU A CD2 1 
ATOM   46   N N   . TYR A 1 6   ? -5.151  8.380   -2.789  1.00 12.91 ? 6   TYR A N   1 
ATOM   47   C CA  . TYR A 1 6   ? -4.058  9.148   -3.394  1.00 13.26 ? 6   TYR A CA  1 
ATOM   48   C C   . TYR A 1 6   ? -3.109  9.676   -2.326  1.00 13.34 ? 6   TYR A C   1 
ATOM   49   O O   . TYR A 1 6   ? -1.887  9.643   -2.502  1.00 12.41 ? 6   TYR A O   1 
ATOM   50   C CB  . TYR A 1 6   ? -4.581  10.326  -4.220  1.00 12.80 ? 6   TYR A CB  1 
ATOM   51   C CG  . TYR A 1 6   ? -5.692  9.983   -5.183  1.00 10.63 ? 6   TYR A CG  1 
ATOM   52   C CD1 . TYR A 1 6   ? -5.654  8.813   -5.936  1.00 12.41 ? 6   TYR A CD1 1 
ATOM   53   C CD2 . TYR A 1 6   ? -6.785  10.833  -5.332  1.00 17.35 ? 6   TYR A CD2 1 
ATOM   54   C CE1 . TYR A 1 6   ? -6.698  8.498   -6.832  1.00 16.72 ? 6   TYR A CE1 1 
ATOM   55   C CE2 . TYR A 1 6   ? -7.823  10.527  -6.221  1.00 17.93 ? 6   TYR A CE2 1 
ATOM   56   C CZ  . TYR A 1 6   ? -7.766  9.366   -6.960  1.00 22.78 ? 6   TYR A CZ  1 
ATOM   57   O OH  . TYR A 1 6   ? -8.796  9.062   -7.834  1.00 20.57 ? 6   TYR A OH  1 
ATOM   58   N N   . SER A 1 7   ? -3.654  10.176  -1.216  1.00 12.02 ? 7   SER A N   1 
ATOM   59   C CA  . SER A 1 7   ? -2.798  10.714  -0.167  1.00 12.71 ? 7   SER A CA  1 
ATOM   60   C C   . SER A 1 7   ? -1.969  9.609   0.485   1.00 13.67 ? 7   SER A C   1 
ATOM   61   O O   . SER A 1 7   ? -0.787  9.811   0.795   1.00 12.76 ? 7   SER A O   1 
ATOM   62   C CB  . SER A 1 7   ? -3.655  11.463  0.861   1.00 17.14 ? 7   SER A CB  1 
ATOM   63   O OG  . SER A 1 7   ? -2.900  11.808  2.010   1.00 27.19 ? 7   SER A OG  1 
ATOM   64   N N   . ALA A 1 8   ? -2.556  8.424   0.686   1.00 11.92 ? 8   ALA A N   1 
ATOM   65   C CA  . ALA A 1 8   ? -1.788  7.322   1.264   1.00 12.22 ? 8   ALA A CA  1 
ATOM   66   C C   . ALA A 1 8   ? -0.588  6.974   0.400   1.00 12.40 ? 8   ALA A C   1 
ATOM   67   O O   . ALA A 1 8   ? 0.509   6.705   0.918   1.00 11.61 ? 8   ALA A O   1 
ATOM   68   C CB  . ALA A 1 8   ? -2.674  6.091   1.436   1.00 11.56 ? 8   ALA A CB  1 
ATOM   69   N N   . ILE A 1 9   ? -0.785  6.954   -0.922  1.00 7.52  ? 9   ILE A N   1 
ATOM   70   C CA  . ILE A 1 9   ? 0.300   6.627   -1.840  1.00 12.35 ? 9   ILE A CA  1 
ATOM   71   C C   . ILE A 1 9   ? 1.404   7.688   -1.780  1.00 11.50 ? 9   ILE A C   1 
ATOM   72   O O   . ILE A 1 9   ? 2.596   7.360   -1.708  1.00 11.24 ? 9   ILE A O   1 
ATOM   73   C CB  . ILE A 1 9   ? -0.275  6.441   -3.257  1.00 11.52 ? 9   ILE A CB  1 
ATOM   74   C CG1 . ILE A 1 9   ? -1.066  5.124   -3.297  1.00 12.64 ? 9   ILE A CG1 1 
ATOM   75   C CG2 . ILE A 1 9   ? 0.859   6.494   -4.293  1.00 13.06 ? 9   ILE A CG2 1 
ATOM   76   C CD1 . ILE A 1 9   ? -1.966  4.962   -4.511  1.00 14.73 ? 9   ILE A CD1 1 
ATOM   77   N N   . ILE A 1 10  ? 1.045   8.966   -1.800  1.00 10.05 ? 10  ILE A N   1 
ATOM   78   C CA  . ILE A 1 10  ? 2.081   10.000  -1.778  1.00 9.10  ? 10  ILE A CA  1 
ATOM   79   C C   . ILE A 1 10  ? 2.812   9.996   -0.432  1.00 10.99 ? 10  ILE A C   1 
ATOM   80   O O   . ILE A 1 10  ? 4.049   10.070  -0.372  1.00 11.53 ? 10  ILE A O   1 
ATOM   81   C CB  . ILE A 1 10  ? 1.468   11.373  -2.072  1.00 12.75 ? 10  ILE A CB  1 
ATOM   82   C CG1 . ILE A 1 10  ? 0.912   11.428  -3.498  1.00 13.78 ? 10  ILE A CG1 1 
ATOM   83   C CG2 . ILE A 1 10  ? 2.523   12.473  -1.870  1.00 18.22 ? 10  ILE A CG2 1 
ATOM   84   C CD1 . ILE A 1 10  ? 0.012   12.658  -3.711  1.00 25.97 ? 10  ILE A CD1 1 
ATOM   85   N N   . TYR A 1 11  ? 2.061   9.911   0.669   1.00 10.74 ? 11  TYR A N   1 
ATOM   86   C CA  . TYR A 1 11  ? 2.697   9.971   1.989   1.00 9.87  ? 11  TYR A CA  1 
ATOM   87   C C   . TYR A 1 11  ? 3.611   8.779   2.212   1.00 11.39 ? 11  TYR A C   1 
ATOM   88   O O   . TYR A 1 11  ? 4.722   8.929   2.736   1.00 12.84 ? 11  TYR A O   1 
ATOM   89   C CB  . TYR A 1 11  ? 1.641   10.036  3.099   1.00 10.49 ? 11  TYR A CB  1 
ATOM   90   C CG  . TYR A 1 11  ? 1.186   11.442  3.442   1.00 13.45 ? 11  TYR A CG  1 
ATOM   91   C CD1 . TYR A 1 11  ? 0.427   12.180  2.547   1.00 14.59 ? 11  TYR A CD1 1 
ATOM   92   C CD2 . TYR A 1 11  ? 1.546   12.040  4.652   1.00 15.29 ? 11  TYR A CD2 1 
ATOM   93   C CE1 . TYR A 1 11  ? 0.021   13.464  2.839   1.00 17.87 ? 11  TYR A CE1 1 
ATOM   94   C CE2 . TYR A 1 11  ? 1.153   13.345  4.944   1.00 16.81 ? 11  TYR A CE2 1 
ATOM   95   C CZ  . TYR A 1 11  ? 0.387   14.041  4.027   1.00 17.75 ? 11  TYR A CZ  1 
ATOM   96   O OH  . TYR A 1 11  ? -0.028  15.321  4.286   1.00 22.36 ? 11  TYR A OH  1 
ATOM   97   N N   . SER A 1 12  ? 3.173   7.584   1.796   1.00 11.37 ? 12  SER A N   1 
ATOM   98   C CA  . SER A 1 12  ? 4.009   6.400   1.989   1.00 10.36 ? 12  SER A CA  1 
ATOM   99   C C   . SER A 1 12  ? 5.264   6.475   1.121   1.00 12.76 ? 12  SER A C   1 
ATOM   100  O O   . SER A 1 12  ? 6.357   6.074   1.553   1.00 11.81 ? 12  SER A O   1 
ATOM   101  C CB  . SER A 1 12  ? 3.196   5.137   1.697   1.00 12.19 ? 12  SER A CB  1 
ATOM   102  O OG  . SER A 1 12  ? 2.773   5.108   0.348   1.00 12.04 ? 12  SER A OG  1 
ATOM   103  N N   . ASP A 1 13  ? 5.133   7.009   -0.101  1.00 12.87 ? 13  ASP A N   1 
ATOM   104  C CA  . ASP A 1 13  ? 6.297   7.184   -0.967  1.00 10.96 ? 13  ASP A CA  1 
ATOM   105  C C   . ASP A 1 13  ? 7.317   8.134   -0.340  1.00 13.75 ? 13  ASP A C   1 
ATOM   106  O O   . ASP A 1 13  ? 8.526   7.858   -0.343  1.00 15.18 ? 13  ASP A O   1 
ATOM   107  C CB  . ASP A 1 13  ? 5.847   7.691   -2.343  1.00 14.46 ? 13  ASP A CB  1 
ATOM   108  C CG  . ASP A 1 13  ? 6.953   7.619   -3.376  1.00 16.69 ? 13  ASP A CG  1 
ATOM   109  O OD1 . ASP A 1 13  ? 7.440   6.502   -3.637  1.00 15.48 ? 13  ASP A OD1 1 
ATOM   110  O OD2 . ASP A 1 13  ? 7.328   8.684   -3.924  1.00 22.49 ? 13  ASP A OD2 1 
ATOM   111  N N   . GLU A 1 14  ? 6.852   9.259   0.201   1.00 11.52 ? 14  GLU A N   1 
ATOM   112  C CA  . GLU A 1 14  ? 7.775   10.205  0.828   1.00 13.45 ? 14  GLU A CA  1 
ATOM   113  C C   . GLU A 1 14  ? 8.404   9.608   2.082   1.00 14.98 ? 14  GLU A C   1 
ATOM   114  O O   . GLU A 1 14  ? 9.599   9.808   2.346   1.00 12.19 ? 14  GLU A O   1 
ATOM   115  C CB  . GLU A 1 14  ? 7.043   11.504  1.162   1.00 15.61 ? 14  GLU A CB  1 
ATOM   116  C CG  . GLU A 1 14  ? 6.785   12.402  -0.040  1.00 19.98 ? 14  GLU A CG  1 
ATOM   117  C CD  . GLU A 1 14  ? 8.044   12.737  -0.846  1.00 21.55 ? 14  GLU A CD  1 
ATOM   118  O OE1 . GLU A 1 14  ? 9.093   13.030  -0.246  1.00 25.49 ? 14  GLU A OE1 1 
ATOM   119  O OE2 . GLU A 1 14  ? 7.985   12.640  -2.082  1.00 27.25 ? 14  GLU A OE2 1 
ATOM   120  N N   . PHE A 1 15  ? 7.614   8.879   2.878   1.00 11.12 ? 15  PHE A N   1 
ATOM   121  C CA  . PHE A 1 15  ? 8.162   8.266   4.084   1.00 10.16 ? 15  PHE A CA  1 
ATOM   122  C C   . PHE A 1 15  ? 9.235   7.240   3.747   1.00 12.41 ? 15  PHE A C   1 
ATOM   123  O O   . PHE A 1 15  ? 10.302  7.219   4.377   1.00 11.34 ? 15  PHE A O   1 
ATOM   124  C CB  . PHE A 1 15  ? 7.048   7.598   4.901   1.00 10.22 ? 15  PHE A CB  1 
ATOM   125  C CG  . PHE A 1 15  ? 7.566   6.849   6.108   1.00 13.05 ? 15  PHE A CG  1 
ATOM   126  C CD1 . PHE A 1 15  ? 7.978   7.533   7.239   1.00 16.27 ? 15  PHE A CD1 1 
ATOM   127  C CD2 . PHE A 1 15  ? 7.651   5.464   6.100   1.00 18.16 ? 15  PHE A CD2 1 
ATOM   128  C CE1 . PHE A 1 15  ? 8.471   6.847   8.352   1.00 19.03 ? 15  PHE A CE1 1 
ATOM   129  C CE2 . PHE A 1 15  ? 8.156   4.773   7.195   1.00 17.79 ? 15  PHE A CE2 1 
ATOM   130  C CZ  . PHE A 1 15  ? 8.557   5.461   8.325   1.00 16.70 ? 15  PHE A CZ  1 
ATOM   131  N N   . LYS A 1 16  ? 8.983   6.385   2.754   1.00 11.28 ? 16  LYS A N   1 
ATOM   132  C CA  . LYS A 1 16  ? 9.961   5.356   2.419   1.00 10.74 ? 16  LYS A CA  1 
ATOM   133  C C   . LYS A 1 16  ? 11.246  5.970   1.881   1.00 12.50 ? 16  LYS A C   1 
ATOM   134  O O   . LYS A 1 16  ? 12.340  5.453   2.149   1.00 11.94 ? 16  LYS A O   1 
ATOM   135  C CB  . LYS A 1 16  ? 9.382   4.356   1.409   1.00 15.01 ? 16  LYS A CB  1 
ATOM   136  C CG  . LYS A 1 16  ? 10.152  3.037   1.380   1.00 10.81 ? 16  LYS A CG  1 
ATOM   137  C CD  . LYS A 1 16  ? 9.721   2.189   0.201   1.00 13.43 ? 16  LYS A CD  1 
ATOM   138  C CE  . LYS A 1 16  ? 10.495  0.890   0.098   1.00 20.17 ? 16  LYS A CE  1 
ATOM   139  N NZ  . LYS A 1 16  ? 10.125  0.194   -1.201  1.00 18.23 ? 16  LYS A NZ  1 
ATOM   140  N N   . LYS A 1 17  ? 11.137  7.076   1.148   1.00 12.25 ? 17  LYS A N   1 
ATOM   141  C CA  . LYS A 1 17  ? 12.341  7.770   0.703   1.00 12.89 ? 17  LYS A CA  1 
ATOM   142  C C   . LYS A 1 17  ? 13.132  8.299   1.893   1.00 18.75 ? 17  LYS A C   1 
ATOM   143  O O   . LYS A 1 17  ? 14.366  8.232   1.909   1.00 17.75 ? 17  LYS A O   1 
ATOM   144  C CB  . LYS A 1 17  ? 11.944  8.914   -0.230  1.00 15.16 ? 17  LYS A CB  1 
ATOM   145  C CG  . LYS A 1 17  ? 11.446  8.413   -1.576  1.00 14.50 ? 17  LYS A CG  1 
ATOM   146  C CD  . LYS A 1 17  ? 11.287  9.553   -2.574  1.00 23.35 ? 17  LYS A CD  1 
ATOM   147  C CE  . LYS A 1 17  ? 10.767  9.034   -3.911  1.00 27.98 ? 17  LYS A CE  1 
ATOM   148  N NZ  . LYS A 1 17  ? 9.826   9.975   -4.573  1.00 39.12 ? 17  LYS A NZ  1 
ATOM   149  N N   . ILE A 1 18  ? 12.434  8.829   2.904   1.00 13.05 ? 18  ILE A N   1 
ATOM   150  C CA  . ILE A 1 18  ? 13.109  9.326   4.106   1.00 13.89 ? 18  ILE A CA  1 
ATOM   151  C C   . ILE A 1 18  ? 13.782  8.194   4.883   1.00 15.51 ? 18  ILE A C   1 
ATOM   152  O O   . ILE A 1 18  ? 14.904  8.351   5.387   1.00 16.18 ? 18  ILE A O   1 
ATOM   153  C CB  . ILE A 1 18  ? 12.105  10.100  4.977   1.00 15.75 ? 18  ILE A CB  1 
ATOM   154  C CG1 . ILE A 1 18  ? 11.663  11.383  4.266   1.00 18.89 ? 18  ILE A CG1 1 
ATOM   155  C CG2 . ILE A 1 18  ? 12.670  10.365  6.364   1.00 19.06 ? 18  ILE A CG2 1 
ATOM   156  C CD1 . ILE A 1 18  ? 10.525  12.126  4.967   1.00 20.30 ? 18  ILE A CD1 1 
ATOM   157  N N   . LEU A 1 19  ? 13.103  7.059   5.028   1.00 13.81 ? 19  LEU A N   1 
ATOM   158  C CA  . LEU A 1 19  ? 13.598  5.973   5.875   1.00 15.92 ? 19  LEU A CA  1 
ATOM   159  C C   . LEU A 1 19  ? 14.643  5.116   5.163   1.00 15.23 ? 19  LEU A C   1 
ATOM   160  O O   . LEU A 1 19  ? 15.692  4.775   5.742   1.00 15.08 ? 19  LEU A O   1 
ATOM   161  C CB  . LEU A 1 19  ? 12.424  5.093   6.316   1.00 15.59 ? 19  LEU A CB  1 
ATOM   162  C CG  . LEU A 1 19  ? 12.745  3.957   7.297   1.00 22.31 ? 19  LEU A CG  1 
ATOM   163  C CD1 . LEU A 1 19  ? 13.130  4.523   8.652   1.00 22.49 ? 19  LEU A CD1 1 
ATOM   164  C CD2 . LEU A 1 19  ? 11.583  2.980   7.417   1.00 25.18 ? 19  LEU A CD2 1 
ATOM   165  N N   . LEU A 1 20  ? 14.355  4.726   3.921   1.00 12.40 ? 20  LEU A N   1 
ATOM   166  C CA  . LEU A 1 20  ? 15.124  3.720   3.215   1.00 12.64 ? 20  LEU A CA  1 
ATOM   167  C C   . LEU A 1 20  ? 15.790  4.226   1.940   1.00 12.61 ? 20  LEU A C   1 
ATOM   168  O O   . LEU A 1 20  ? 16.535  3.460   1.318   1.00 13.35 ? 20  LEU A O   1 
ATOM   169  C CB  . LEU A 1 20  ? 14.244  2.500   2.859   1.00 14.11 ? 20  LEU A CB  1 
ATOM   170  C CG  . LEU A 1 20  ? 13.529  1.740   3.991   1.00 14.96 ? 20  LEU A CG  1 
ATOM   171  C CD1 . LEU A 1 20  ? 12.789  0.496   3.423   1.00 17.26 ? 20  LEU A CD1 1 
ATOM   172  C CD2 . LEU A 1 20  ? 14.529  1.323   5.066   1.00 15.49 ? 20  LEU A CD2 1 
ATOM   173  N N   . GLY A 1 21  ? 15.518  5.457   1.512   1.00 14.21 ? 21  GLY A N   1 
ATOM   174  C CA  . GLY A 1 21  ? 16.190  6.008   0.342   1.00 16.00 ? 21  GLY A CA  1 
ATOM   175  C C   . GLY A 1 21  ? 15.619  5.619   -1.000  1.00 19.00 ? 21  GLY A C   1 
ATOM   176  O O   . GLY A 1 21  ? 16.244  5.911   -2.026  1.00 17.91 ? 21  GLY A O   1 
ATOM   177  N N   . ARG A 1 22  ? 14.445  4.994   -1.040  1.00 14.68 ? 22  ARG A N   1 
ATOM   178  C CA  . ARG A 1 22  ? 13.811  4.687   -2.307  1.00 17.81 ? 22  ARG A CA  1 
ATOM   179  C C   . ARG A 1 22  ? 12.311  4.789   -2.134  1.00 18.75 ? 22  ARG A C   1 
ATOM   180  O O   . ARG A 1 22  ? 11.789  4.659   -1.023  1.00 14.34 ? 22  ARG A O   1 
ATOM   181  C CB  . ARG A 1 22  ? 14.205  3.298   -2.809  1.00 20.12 ? 22  ARG A CB  1 
ATOM   182  C CG  . ARG A 1 22  ? 14.030  2.207   -1.792  1.00 22.81 ? 22  ARG A CG  1 
ATOM   183  C CD  . ARG A 1 22  ? 14.229  0.830   -2.428  1.00 30.48 ? 22  ARG A CD  1 
ATOM   184  N NE  . ARG A 1 22  ? 14.009  -0.244  -1.465  1.00 31.92 ? 22  ARG A NE  1 
ATOM   185  C CZ  . ARG A 1 22  ? 14.803  -0.509  -0.434  1.00 31.49 ? 22  ARG A CZ  1 
ATOM   186  N NH1 . ARG A 1 22  ? 15.890  0.215   -0.187  1.00 26.62 ? 22  ARG A NH1 1 
ATOM   187  N NH2 . ARG A 1 22  ? 14.496  -1.519  0.377   1.00 26.37 ? 22  ARG A NH2 1 
ATOM   188  N N   . GLY A 1 23  ? 11.627  5.027   -3.247  1.00 15.03 ? 23  GLY A N   1 
ATOM   189  C CA  . GLY A 1 23  ? 10.178  5.093   -3.230  1.00 16.84 ? 23  GLY A CA  1 
ATOM   190  C C   . GLY A 1 23  ? 9.510   3.731   -3.096  1.00 16.05 ? 23  GLY A C   1 
ATOM   191  O O   . GLY A 1 23  ? 10.123  2.660   -3.183  1.00 15.80 ? 23  GLY A O   1 
ATOM   192  N N   . VAL A 1 24  ? 8.188   3.782   -2.887  1.00 12.74 ? 24  VAL A N   1 
ATOM   193  C CA  . VAL A 1 24  ? 7.433   2.556   -2.791  1.00 14.32 ? 24  VAL A CA  1 
ATOM   194  C C   . VAL A 1 24  ? 7.405   1.880   -4.155  1.00 14.78 ? 24  VAL A C   1 
ATOM   195  O O   . VAL A 1 24  ? 7.561   2.520   -5.206  1.00 18.57 ? 24  VAL A O   1 
ATOM   196  C CB  . VAL A 1 24  ? 6.010   2.806   -2.260  1.00 12.72 ? 24  VAL A CB  1 
ATOM   197  C CG1 . VAL A 1 24  ? 6.067   3.293   -0.821  1.00 12.69 ? 24  VAL A CG1 1 
ATOM   198  C CG2 . VAL A 1 24  ? 5.305   3.842   -3.106  1.00 18.61 ? 24  VAL A CG2 1 
ATOM   199  N N   . ASP A 1 25  ? 7.234   0.564   -4.129  1.00 12.77 ? 25  ASP A N   1 
ATOM   200  C CA  . ASP A 1 25  ? 7.248   -0.264  -5.325  1.00 18.95 ? 25  ASP A CA  1 
ATOM   201  C C   . ASP A 1 25  ? 5.833   -0.689  -5.718  1.00 17.31 ? 25  ASP A C   1 
ATOM   202  O O   . ASP A 1 25  ? 4.835   -0.327  -5.082  1.00 15.29 ? 25  ASP A O   1 
ATOM   203  C CB  . ASP A 1 25  ? 8.195   -1.469  -5.144  1.00 16.39 ? 25  ASP A CB  1 
ATOM   204  C CG  . ASP A 1 25  ? 7.731   -2.474  -4.083  1.00 22.85 ? 25  ASP A CG  1 
ATOM   205  O OD1 . ASP A 1 25  ? 6.526   -2.671  -3.844  1.00 20.73 ? 25  ASP A OD1 1 
ATOM   206  O OD2 . ASP A 1 25  ? 8.615   -3.128  -3.485  1.00 27.95 ? 25  ASP A OD2 1 
ATOM   207  N N   . ASP A 1 26  ? 5.753   -1.452  -6.818  1.00 15.37 ? 26  ASP A N   1 
ATOM   208  C CA  . ASP A 1 26  ? 4.467   -1.816  -7.401  1.00 16.05 ? 26  ASP A CA  1 
ATOM   209  C C   . ASP A 1 26  ? 3.583   -2.553  -6.400  1.00 14.53 ? 26  ASP A C   1 
ATOM   210  O O   . ASP A 1 26  ? 2.374   -2.297  -6.317  1.00 13.93 ? 26  ASP A O   1 
ATOM   211  C CB  . ASP A 1 26  ? 4.678   -2.702  -8.627  1.00 15.56 ? 26  ASP A CB  1 
ATOM   212  C CG  . ASP A 1 26  ? 5.373   -1.979  -9.769  1.00 24.77 ? 26  ASP A CG  1 
ATOM   213  O OD1 . ASP A 1 26  ? 6.437   -2.460  -10.198 1.00 33.49 ? 26  ASP A OD1 1 
ATOM   214  O OD2 . ASP A 1 26  ? 4.864   -0.952  -10.253 1.00 29.43 ? 26  ASP A OD2 1 
ATOM   215  N N   . LEU A 1 27  ? 4.149   -3.540  -5.702  1.00 14.27 ? 27  LEU A N   1 
ATOM   216  C CA  . LEU A 1 27  ? 3.350   -4.361  -4.796  1.00 16.05 ? 27  LEU A CA  1 
ATOM   217  C C   . LEU A 1 27  ? 2.892   -3.559  -3.596  1.00 12.18 ? 27  LEU A C   1 
ATOM   218  O O   . LEU A 1 27  ? 1.783   -3.767  -3.086  1.00 13.87 ? 27  LEU A O   1 
ATOM   219  C CB  . LEU A 1 27  ? 4.149   -5.579  -4.332  1.00 15.87 ? 27  LEU A CB  1 
ATOM   220  C CG  . LEU A 1 27  ? 4.404   -6.613  -5.432  1.00 23.20 ? 27  LEU A CG  1 
ATOM   221  C CD1 . LEU A 1 27  ? 5.626   -7.453  -5.089  1.00 30.53 ? 27  LEU A CD1 1 
ATOM   222  C CD2 . LEU A 1 27  ? 3.178   -7.476  -5.656  1.00 25.56 ? 27  LEU A CD2 1 
ATOM   223  N N   . GLU A 1 28  ? 3.745   -2.657  -3.112  1.00 12.97 ? 28  GLU A N   1 
ATOM   224  C CA  . GLU A 1 28  ? 3.347   -1.797  -2.003  1.00 12.89 ? 28  GLU A CA  1 
ATOM   225  C C   . GLU A 1 28  ? 2.199   -0.880  -2.405  1.00 10.20 ? 28  GLU A C   1 
ATOM   226  O O   . GLU A 1 28  ? 1.247   -0.691  -1.641  1.00 11.67 ? 28  GLU A O   1 
ATOM   227  C CB  . GLU A 1 28  ? 4.549   -0.986  -1.517  1.00 13.65 ? 28  GLU A CB  1 
ATOM   228  C CG  . GLU A 1 28  ? 5.573   -1.852  -0.748  1.00 14.95 ? 28  GLU A CG  1 
ATOM   229  C CD  . GLU A 1 28  ? 6.871   -1.128  -0.445  1.00 17.94 ? 28  GLU A CD  1 
ATOM   230  O OE1 . GLU A 1 28  ? 7.346   -0.366  -1.313  1.00 15.88 ? 28  GLU A OE1 1 
ATOM   231  O OE2 . GLU A 1 28  ? 7.445   -1.347  0.655   1.00 18.38 ? 28  GLU A OE2 1 
ATOM   232  N N   . ILE A 1 29  ? 2.265   -0.310  -3.602  1.00 10.61 ? 29  ILE A N   1 
ATOM   233  C CA  . ILE A 1 29  ? 1.141   0.488   -4.094  1.00 11.98 ? 29  ILE A CA  1 
ATOM   234  C C   . ILE A 1 29  ? -0.125  -0.358  -4.173  1.00 11.77 ? 29  ILE A C   1 
ATOM   235  O O   . ILE A 1 29  ? -1.212  0.061   -3.738  1.00 11.31 ? 29  ILE A O   1 
ATOM   236  C CB  . ILE A 1 29  ? 1.485   1.111   -5.458  1.00 11.94 ? 29  ILE A CB  1 
ATOM   237  C CG1 . ILE A 1 29  ? 2.649   2.095   -5.324  1.00 15.28 ? 29  ILE A CG1 1 
ATOM   238  C CG2 . ILE A 1 29  ? 0.240   1.765   -6.076  1.00 14.37 ? 29  ILE A CG2 1 
ATOM   239  C CD1 . ILE A 1 29  ? 2.258   3.419   -4.772  1.00 21.08 ? 29  ILE A CD1 1 
ATOM   240  N N   . ALA A 1 30  ? -0.004  -1.573  -4.718  1.00 13.25 ? 30  ALA A N   1 
ATOM   241  C CA  . ALA A 1 30  ? -1.167  -2.448  -4.836  1.00 15.82 ? 30  ALA A CA  1 
ATOM   242  C C   . ALA A 1 30  ? -1.793  -2.750  -3.481  1.00 12.67 ? 30  ALA A C   1 
ATOM   243  O O   . ALA A 1 30  ? -3.011  -2.932  -3.396  1.00 13.24 ? 30  ALA A O   1 
ATOM   244  C CB  . ALA A 1 30  ? -0.779  -3.752  -5.542  1.00 14.72 ? 30  ALA A CB  1 
ATOM   245  N N   . SER A 1 31  ? -0.992  -2.788  -2.405  1.00 9.65  ? 31  SER A N   1 
ATOM   246  C CA  . SER A 1 31  ? -1.575  -3.053  -1.089  1.00 11.23 ? 31  SER A CA  1 
ATOM   247  C C   . SER A 1 31  ? -2.570  -1.976  -0.675  1.00 11.67 ? 31  SER A C   1 
ATOM   248  O O   . SER A 1 31  ? -3.549  -2.281  0.017   1.00 13.55 ? 31  SER A O   1 
ATOM   249  C CB  . SER A 1 31  ? -0.477  -3.203  -0.015  1.00 10.96 ? 31  SER A CB  1 
ATOM   250  O OG  . SER A 1 31  ? 0.075   -1.954  0.352   1.00 12.56 ? 31  SER A OG  1 
ATOM   251  N N   . ALA A 1 32  ? -2.353  -0.716  -1.072  1.00 11.68 ? 32  ALA A N   1 
ATOM   252  C CA  . ALA A 1 32  ? -3.319  0.334   -0.739  1.00 12.24 ? 32  ALA A CA  1 
ATOM   253  C C   . ALA A 1 32  ? -4.620  0.179   -1.516  1.00 13.18 ? 32  ALA A C   1 
ATOM   254  O O   . ALA A 1 32  ? -5.693  0.491   -0.987  1.00 13.74 ? 32  ALA A O   1 
ATOM   255  C CB  . ALA A 1 32  ? -2.728  1.716   -1.009  1.00 15.04 ? 32  ALA A CB  1 
ATOM   256  N N   . TYR A 1 33  ? -4.549  -0.309  -2.757  1.00 10.69 ? 33  TYR A N   1 
ATOM   257  C CA  . TYR A 1 33  ? -5.778  -0.548  -3.514  1.00 13.29 ? 33  TYR A CA  1 
ATOM   258  C C   . TYR A 1 33  ? -6.577  -1.672  -2.879  1.00 15.44 ? 33  TYR A C   1 
ATOM   259  O O   . TYR A 1 33  ? -7.799  -1.562  -2.718  1.00 15.33 ? 33  TYR A O   1 
ATOM   260  C CB  . TYR A 1 33  ? -5.449  -0.861  -4.988  1.00 12.32 ? 33  TYR A CB  1 
ATOM   261  C CG  . TYR A 1 33  ? -5.050  0.381   -5.768  1.00 14.11 ? 33  TYR A CG  1 
ATOM   262  C CD1 . TYR A 1 33  ? -3.796  0.959   -5.603  1.00 14.25 ? 33  TYR A CD1 1 
ATOM   263  C CD2 . TYR A 1 33  ? -5.937  0.994   -6.644  1.00 13.64 ? 33  TYR A CD2 1 
ATOM   264  C CE1 . TYR A 1 33  ? -3.439  2.106   -6.296  1.00 13.53 ? 33  TYR A CE1 1 
ATOM   265  C CE2 . TYR A 1 33  ? -5.583  2.133   -7.353  1.00 14.72 ? 33  TYR A CE2 1 
ATOM   266  C CZ  . TYR A 1 33  ? -4.336  2.684   -7.178  1.00 17.93 ? 33  TYR A CZ  1 
ATOM   267  O OH  . TYR A 1 33  ? -3.991  3.824   -7.876  1.00 15.55 ? 33  TYR A OH  1 
ATOM   268  N N   . ILE A 1 34  ? -5.898  -2.749  -2.482  1.00 13.45 ? 34  ILE A N   1 
ATOM   269  C CA  . ILE A 1 34  ? -6.568  -3.841  -1.782  1.00 15.98 ? 34  ILE A CA  1 
ATOM   270  C C   . ILE A 1 34  ? -7.168  -3.360  -0.464  1.00 16.29 ? 34  ILE A C   1 
ATOM   271  O O   . ILE A 1 34  ? -8.300  -3.724  -0.114  1.00 15.64 ? 34  ILE A O   1 
ATOM   272  C CB  . ILE A 1 34  ? -5.586  -5.006  -1.562  1.00 12.67 ? 34  ILE A CB  1 
ATOM   273  C CG1 . ILE A 1 34  ? -5.158  -5.596  -2.907  1.00 17.01 ? 34  ILE A CG1 1 
ATOM   274  C CG2 . ILE A 1 34  ? -6.223  -6.064  -0.643  1.00 20.69 ? 34  ILE A CG2 1 
ATOM   275  C CD1 . ILE A 1 34  ? -6.301  -6.077  -3.770  1.00 17.34 ? 34  ILE A CD1 1 
ATOM   276  N N   . ALA A 1 35  ? -6.428  -2.540  0.299   1.00 12.85 ? 35  ALA A N   1 
ATOM   277  C CA  . ALA A 1 35  ? -6.961  -2.044  1.564   1.00 14.54 ? 35  ALA A CA  1 
ATOM   278  C C   . ALA A 1 35  ? -8.147  -1.112  1.346   1.00 12.85 ? 35  ALA A C   1 
ATOM   279  O O   . ALA A 1 35  ? -9.050  -1.039  2.193   1.00 15.53 ? 35  ALA A O   1 
ATOM   280  C CB  . ALA A 1 35  ? -5.861  -1.320  2.360   1.00 13.04 ? 35  ALA A CB  1 
ATOM   281  N N   . PHE A 1 36  ? -8.164  -0.402  0.222   1.00 12.46 ? 36  PHE A N   1 
ATOM   282  C CA  . PHE A 1 36  ? -9.267  0.495   -0.082  1.00 14.90 ? 36  PHE A CA  1 
ATOM   283  C C   . PHE A 1 36  ? -10.554 -0.288  -0.310  1.00 15.17 ? 36  PHE A C   1 
ATOM   284  O O   . PHE A 1 36  ? -11.640 0.167   0.075   1.00 17.73 ? 36  PHE A O   1 
ATOM   285  C CB  . PHE A 1 36  ? -8.895  1.337   -1.308  1.00 13.99 ? 36  PHE A CB  1 
ATOM   286  C CG  . PHE A 1 36  ? -9.886  2.410   -1.642  1.00 21.19 ? 36  PHE A CG  1 
ATOM   287  C CD1 . PHE A 1 36  ? -9.847  3.631   -0.990  1.00 18.31 ? 36  PHE A CD1 1 
ATOM   288  C CD2 . PHE A 1 36  ? -10.833 2.212   -2.638  1.00 20.14 ? 36  PHE A CD2 1 
ATOM   289  C CE1 . PHE A 1 36  ? -10.751 4.641   -1.315  1.00 21.39 ? 36  PHE A CE1 1 
ATOM   290  C CE2 . PHE A 1 36  ? -11.737 3.217   -2.968  1.00 21.99 ? 36  PHE A CE2 1 
ATOM   291  C CZ  . PHE A 1 36  ? -11.693 4.432   -2.305  1.00 22.20 ? 36  PHE A CZ  1 
ATOM   292  N N   . LEU A 1 37  ? -10.442 -1.469  -0.918  1.00 15.58 ? 37  LEU A N   1 
ATOM   293  C CA  . LEU A 1 37  ? -11.594 -2.317  -1.213  1.00 18.17 ? 37  LEU A CA  1 
ATOM   294  C C   . LEU A 1 37  ? -12.052 -3.112  0.003   1.00 25.43 ? 37  LEU A C   1 
ATOM   295  O O   . LEU A 1 37  ? -13.259 -3.260  0.227   1.00 20.19 ? 37  LEU A O   1 
ATOM   296  C CB  . LEU A 1 37  ? -11.260 -3.275  -2.354  1.00 19.38 ? 37  LEU A CB  1 
ATOM   297  C CG  . LEU A 1 37  ? -10.987 -2.641  -3.719  1.00 22.68 ? 37  LEU A CG  1 
ATOM   298  C CD1 . LEU A 1 37  ? -10.240 -3.619  -4.619  1.00 22.09 ? 37  LEU A CD1 1 
ATOM   299  C CD2 . LEU A 1 37  ? -12.285 -2.174  -4.382  1.00 24.43 ? 37  LEU A CD2 1 
ATOM   300  N N   . TYR A 1 38  ? -11.111 -3.652  0.779   1.00 19.78 ? 38  TYR A N   1 
ATOM   301  C CA  . TYR A 1 38  ? -11.399 -4.564  1.888   1.00 19.59 ? 38  TYR A CA  1 
ATOM   302  C C   . TYR A 1 38  ? -10.818 -4.022  3.184   1.00 21.44 ? 38  TYR A C   1 
ATOM   303  O O   . TYR A 1 38  ? -9.674  -4.321  3.552   1.00 15.73 ? 38  TYR A O   1 
ATOM   304  C CB  . TYR A 1 38  ? -10.884 -5.959  1.596   1.00 19.97 ? 38  TYR A CB  1 
ATOM   305  C CG  . TYR A 1 38  ? -11.317 -6.463  0.242   1.00 19.65 ? 38  TYR A CG  1 
ATOM   306  C CD1 . TYR A 1 38  ? -12.554 -7.077  0.095   1.00 29.41 ? 38  TYR A CD1 1 
ATOM   307  C CD2 . TYR A 1 38  ? -10.497 -6.346  -0.883  1.00 25.11 ? 38  TYR A CD2 1 
ATOM   308  C CE1 . TYR A 1 38  ? -12.981 -7.541  -1.127  1.00 30.29 ? 38  TYR A CE1 1 
ATOM   309  C CE2 . TYR A 1 38  ? -10.923 -6.823  -2.129  1.00 28.59 ? 38  TYR A CE2 1 
ATOM   310  C CZ  . TYR A 1 38  ? -12.171 -7.420  -2.230  1.00 28.45 ? 38  TYR A CZ  1 
ATOM   311  O OH  . TYR A 1 38  ? -12.642 -7.908  -3.435  1.00 34.80 ? 38  TYR A OH  1 
ATOM   312  N N   . GLU A 1 39  ? -11.636 -3.248  3.894   1.00 17.55 ? 39  GLU A N   1 
ATOM   313  C CA  . GLU A 1 39  ? -11.184 -2.615  5.126   1.00 22.03 ? 39  GLU A CA  1 
ATOM   314  C C   . GLU A 1 39  ? -10.872 -3.622  6.224   1.00 20.92 ? 39  GLU A C   1 
ATOM   315  O O   . GLU A 1 39  ? -10.095 -3.310  7.132   1.00 24.53 ? 39  GLU A O   1 
ATOM   316  C CB  . GLU A 1 39  ? -12.248 -1.627  5.606   1.00 29.11 ? 39  GLU A CB  1 
ATOM   317  C CG  . GLU A 1 39  ? -12.368 -0.402  4.705   1.00 32.41 ? 39  GLU A CG  1 
ATOM   318  C CD  . GLU A 1 39  ? -13.110 0.740   5.376   1.00 44.45 ? 39  GLU A CD  1 
ATOM   319  O OE1 . GLU A 1 39  ? -12.689 1.907   5.205   1.00 52.35 ? 39  GLU A OE1 1 
ATOM   320  O OE2 . GLU A 1 39  ? -14.110 0.465   6.078   1.00 50.54 ? 39  GLU A OE2 1 
ATOM   321  N N   . ASP A 1 40  ? -11.431 -4.825  6.155   1.00 19.35 ? 40  ASP A N   1 
ATOM   322  C CA  . ASP A 1 40  ? -11.331 -5.771  7.251   1.00 20.97 ? 40  ASP A CA  1 
ATOM   323  C C   . ASP A 1 40  ? -10.365 -6.911  6.968   1.00 21.76 ? 40  ASP A C   1 
ATOM   324  O O   . ASP A 1 40  ? -10.259 -7.836  7.781   1.00 22.68 ? 40  ASP A O   1 
ATOM   325  C CB  . ASP A 1 40  ? -12.722 -6.316  7.557   1.00 27.76 ? 40  ASP A CB  1 
ATOM   326  C CG  . ASP A 1 40  ? -13.498 -5.399  8.455   1.00 32.55 ? 40  ASP A CG  1 
ATOM   327  O OD1 . ASP A 1 40  ? -14.742 -5.373  8.346   1.00 42.66 ? 40  ASP A OD1 1 
ATOM   328  O OD2 . ASP A 1 40  ? -12.864 -4.679  9.254   1.00 38.81 ? 40  ASP A OD2 1 
ATOM   329  N N   . LEU A 1 41  ? -9.665  -6.867  5.861   1.00 18.17 ? 41  LEU A N   1 
ATOM   330  C CA  . LEU A 1 41  ? -8.805  -7.950  5.410   1.00 17.31 ? 41  LEU A CA  1 
ATOM   331  C C   . LEU A 1 41  ? -7.391  -7.726  5.929   1.00 16.13 ? 41  LEU A C   1 
ATOM   332  O O   . LEU A 1 41  ? -6.828  -6.657  5.702   1.00 14.04 ? 41  LEU A O   1 
ATOM   333  C CB  . LEU A 1 41  ? -8.796  -7.996  3.886   1.00 17.07 ? 41  LEU A CB  1 
ATOM   334  C CG  . LEU A 1 41  ? -8.021  -9.082  3.158   1.00 20.71 ? 41  LEU A CG  1 
ATOM   335  C CD1 . LEU A 1 41  ? -8.531  -10.473 3.524   1.00 20.33 ? 41  LEU A CD1 1 
ATOM   336  C CD2 . LEU A 1 41  ? -8.102  -8.820  1.657   1.00 23.56 ? 41  LEU A CD2 1 
ATOM   337  N N   . PRO A 1 42  ? -6.790  -8.685  6.629   1.00 13.99 ? 42  PRO A N   1 
ATOM   338  C CA  . PRO A 1 42  ? -5.372  -8.541  6.981   1.00 11.64 ? 42  PRO A CA  1 
ATOM   339  C C   . PRO A 1 42  ? -4.529  -8.500  5.721   1.00 14.68 ? 42  PRO A C   1 
ATOM   340  O O   . PRO A 1 42  ? -4.781  -9.224  4.764   1.00 15.31 ? 42  PRO A O   1 
ATOM   341  C CB  . PRO A 1 42  ? -5.087  -9.796  7.815   1.00 15.83 ? 42  PRO A CB  1 
ATOM   342  C CG  . PRO A 1 42  ? -6.439  -10.184 8.355   1.00 17.89 ? 42  PRO A CG  1 
ATOM   343  C CD  . PRO A 1 42  ? -7.379  -9.896  7.230   1.00 13.97 ? 42  PRO A CD  1 
ATOM   344  N N   . ILE A 1 43  ? -3.522  -7.637  5.727   1.00 11.94 ? 43  ILE A N   1 
ATOM   345  C CA  . ILE A 1 43  ? -2.600  -7.501  4.611   1.00 10.60 ? 43  ILE A CA  1 
ATOM   346  C C   . ILE A 1 43  ? -1.221  -7.816  5.156   1.00 14.04 ? 43  ILE A C   1 
ATOM   347  O O   . ILE A 1 43  ? -0.756  -7.162  6.098   1.00 12.09 ? 43  ILE A O   1 
ATOM   348  C CB  . ILE A 1 43  ? -2.676  -6.104  3.972   1.00 15.67 ? 43  ILE A CB  1 
ATOM   349  C CG1 . ILE A 1 43  ? -4.100  -5.883  3.423   1.00 16.00 ? 43  ILE A CG1 1 
ATOM   350  C CG2 . ILE A 1 43  ? -1.641  -5.936  2.888   1.00 14.15 ? 43  ILE A CG2 1 
ATOM   351  C CD1 . ILE A 1 43  ? -4.472  -4.427  3.271   1.00 22.39 ? 43  ILE A CD1 1 
ATOM   352  N N   . ILE A 1 44  ? -0.595  -8.845  4.591   1.00 11.58 ? 44  ILE A N   1 
ATOM   353  C CA  . ILE A 1 44  ? 0.604   -9.468  5.137   1.00 13.70 ? 44  ILE A CA  1 
ATOM   354  C C   . ILE A 1 44  ? 1.706   -9.330  4.108   1.00 15.24 ? 44  ILE A C   1 
ATOM   355  O O   . ILE A 1 44  ? 1.573   -9.826  2.988   1.00 15.12 ? 44  ILE A O   1 
ATOM   356  C CB  . ILE A 1 44  ? 0.358   -10.946 5.468   1.00 12.55 ? 44  ILE A CB  1 
ATOM   357  C CG1 . ILE A 1 44  ? -0.794  -11.082 6.467   1.00 13.39 ? 44  ILE A CG1 1 
ATOM   358  C CG2 . ILE A 1 44  ? 1.649   -11.586 6.008   1.00 17.99 ? 44  ILE A CG2 1 
ATOM   359  C CD1 . ILE A 1 44  ? -1.585  -12.360 6.312   1.00 25.34 ? 44  ILE A CD1 1 
ATOM   360  N N   . GLY A 1 45  ? 2.809   -8.690  4.488   1.00 12.86 ? 45  GLY A N   1 
ATOM   361  C CA  . GLY A 1 45  ? 3.909   -8.543  3.553   1.00 13.51 ? 45  GLY A CA  1 
ATOM   362  C C   . GLY A 1 45  ? 4.122   -7.094  3.167   1.00 15.35 ? 45  GLY A C   1 
ATOM   363  O O   . GLY A 1 45  ? 4.055   -6.212  4.027   1.00 13.97 ? 45  GLY A O   1 
ATOM   364  N N   . LYS A 1 46  ? 4.356   -6.826  1.886   1.00 13.77 ? 46  LYS A N   1 
ATOM   365  C CA  . LYS A 1 46  ? 4.630   -5.456  1.448   1.00 13.69 ? 46  LYS A CA  1 
ATOM   366  C C   . LYS A 1 46  ? 3.348   -4.650  1.587   1.00 15.82 ? 46  LYS A C   1 
ATOM   367  O O   . LYS A 1 46  ? 2.405   -4.846  0.810   1.00 17.20 ? 46  LYS A O   1 
ATOM   368  C CB  . LYS A 1 46  ? 5.126   -5.447  0.003   1.00 16.54 ? 46  LYS A CB  1 
ATOM   369  C CG  . LYS A 1 46  ? 6.637   -5.602  -0.117  1.00 19.08 ? 46  LYS A CG  1 
ATOM   370  C CD  . LYS A 1 46  ? 7.027   -6.125  -1.492  1.00 24.29 ? 46  LYS A CD  1 
ATOM   371  C CE  . LYS A 1 46  ? 8.551   -6.137  -1.634  1.00 32.19 ? 46  LYS A CE  1 
ATOM   372  N NZ  . LYS A 1 46  ? 9.125   -4.771  -1.812  1.00 33.92 ? 46  LYS A NZ  1 
ATOM   373  N N   . ASN A 1 47  ? 3.302   -3.744  2.582   1.00 9.80  ? 47  ASN A N   1 
ATOM   374  C CA  . ASN A 1 47  ? 2.021   -3.157  2.963   1.00 9.59  ? 47  ASN A CA  1 
ATOM   375  C C   . ASN A 1 47  ? 2.125   -1.695  3.377   1.00 11.08 ? 47  ASN A C   1 
ATOM   376  O O   . ASN A 1 47  ? 1.190   -1.189  4.011   1.00 8.94  ? 47  ASN A O   1 
ATOM   377  C CB  . ASN A 1 47  ? 1.383   -3.973  4.121   1.00 9.18  ? 47  ASN A CB  1 
ATOM   378  C CG  . ASN A 1 47  ? 2.230   -3.946  5.398   1.00 7.77  ? 47  ASN A CG  1 
ATOM   379  O OD1 . ASN A 1 47  ? 3.214   -3.210  5.491   1.00 9.46  ? 47  ASN A OD1 1 
ATOM   380  N ND2 . ASN A 1 47  ? 1.845   -4.741  6.374   1.00 9.95  ? 47  ASN A ND2 1 
ATOM   381  N N   . LEU A 1 48  ? 3.225   -1.003  3.054   1.00 8.63  ? 48  LEU A N   1 
ATOM   382  C CA  . LEU A 1 48  ? 3.405   0.354   3.580   1.00 7.28  ? 48  LEU A CA  1 
ATOM   383  C C   . LEU A 1 48  ? 2.295   1.288   3.115   1.00 8.99  ? 48  LEU A C   1 
ATOM   384  O O   . LEU A 1 48  ? 1.784   2.091   3.906   1.00 9.54  ? 48  LEU A O   1 
ATOM   385  C CB  . LEU A 1 48  ? 4.767   0.901   3.179   1.00 8.11  ? 48  LEU A CB  1 
ATOM   386  C CG  . LEU A 1 48  ? 5.119   2.266   3.785   1.00 8.34  ? 48  LEU A CG  1 
ATOM   387  C CD1 . LEU A 1 48  ? 5.296   2.115   5.303   1.00 11.28 ? 48  LEU A CD1 1 
ATOM   388  C CD2 . LEU A 1 48  ? 6.379   2.791   3.142   1.00 12.32 ? 48  LEU A CD2 1 
ATOM   389  N N   . CYS A 1 49  ? 1.890   1.196   1.843   1.00 9.99  ? 49  CYS A N   1 
ATOM   390  C CA  . CYS A 1 49  ? 0.850   2.107   1.370   1.00 8.21  ? 49  CYS A CA  1 
ATOM   391  C C   . CYS A 1 49  ? -0.487  1.808   2.043   1.00 10.57 ? 49  CYS A C   1 
ATOM   392  O O   . CYS A 1 49  ? -1.219  2.732   2.416   1.00 10.57 ? 49  CYS A O   1 
ATOM   393  C CB  . CYS A 1 49  ? 0.726   2.038   -0.154  1.00 8.40  ? 49  CYS A CB  1 
ATOM   394  S SG  . CYS A 1 49  ? 2.295   2.326   -1.035  1.00 13.26 ? 49  CYS A SG  1 
ATOM   395  N N   . ALA A 1 50  ? -0.809  0.526   2.230   1.00 8.51  ? 50  ALA A N   1 
ATOM   396  C CA  . ALA A 1 50  ? -2.005  0.164   2.990   1.00 8.48  ? 50  ALA A CA  1 
ATOM   397  C C   . ALA A 1 50  ? -1.940  0.710   4.403   1.00 10.88 ? 50  ALA A C   1 
ATOM   398  O O   . ALA A 1 50  ? -2.966  1.096   4.988   1.00 10.04 ? 50  ALA A O   1 
ATOM   399  C CB  . ALA A 1 50  ? -2.148  -1.358  3.038   1.00 11.47 ? 50  ALA A CB  1 
ATOM   400  N N   . ALA A 1 51  ? -0.740  0.730   4.985   1.00 10.37 ? 51  ALA A N   1 
ATOM   401  C CA  . ALA A 1 51  ? -0.616  1.233   6.351   1.00 10.89 ? 51  ALA A CA  1 
ATOM   402  C C   . ALA A 1 51  ? -0.928  2.717   6.436   1.00 11.34 ? 51  ALA A C   1 
ATOM   403  O O   . ALA A 1 51  ? -1.578  3.161   7.389   1.00 10.37 ? 51  ALA A O   1 
ATOM   404  C CB  . ALA A 1 51  ? 0.782   0.953   6.893   1.00 10.69 ? 51  ALA A CB  1 
ATOM   405  N N   . PHE A 1 52  ? -0.450  3.519   5.480   1.00 8.84  ? 52  PHE A N   1 
ATOM   406  C CA  . PHE A 1 52  ? -0.817  4.928   5.535   1.00 9.39  ? 52  PHE A CA  1 
ATOM   407  C C   . PHE A 1 52  ? -2.304  5.125   5.268   1.00 12.26 ? 52  PHE A C   1 
ATOM   408  O O   . PHE A 1 52  ? -2.906  6.075   5.788   1.00 10.90 ? 52  PHE A O   1 
ATOM   409  C CB  . PHE A 1 52  ? 0.052   5.729   4.563   1.00 11.76 ? 52  PHE A CB  1 
ATOM   410  C CG  . PHE A 1 52  ? 1.392   6.112   5.161   1.00 11.81 ? 52  PHE A CG  1 
ATOM   411  C CD1 . PHE A 1 52  ? 2.441   5.209   5.169   1.00 12.80 ? 52  PHE A CD1 1 
ATOM   412  C CD2 . PHE A 1 52  ? 1.578   7.362   5.729   1.00 10.84 ? 52  PHE A CD2 1 
ATOM   413  C CE1 . PHE A 1 52  ? 3.663   5.540   5.746   1.00 14.01 ? 52  PHE A CE1 1 
ATOM   414  C CE2 . PHE A 1 52  ? 2.802   7.720   6.286   1.00 13.21 ? 52  PHE A CE2 1 
ATOM   415  C CZ  . PHE A 1 52  ? 3.848   6.796   6.305   1.00 15.69 ? 52  PHE A CZ  1 
ATOM   416  N N   . LEU A 1 53  ? -2.930  4.232   4.499   1.00 11.11 ? 53  LEU A N   1 
ATOM   417  C CA  . LEU A 1 53  ? -4.370  4.360   4.290   1.00 11.60 ? 53  LEU A CA  1 
ATOM   418  C C   . LEU A 1 53  ? -5.143  4.100   5.584   1.00 11.71 ? 53  LEU A C   1 
ATOM   419  O O   . LEU A 1 53  ? -6.085  4.832   5.921   1.00 12.17 ? 53  LEU A O   1 
ATOM   420  C CB  . LEU A 1 53  ? -4.832  3.392   3.202   1.00 10.04 ? 53  LEU A CB  1 
ATOM   421  C CG  . LEU A 1 53  ? -6.327  3.494   2.857   1.00 13.49 ? 53  LEU A CG  1 
ATOM   422  C CD1 . LEU A 1 53  ? -6.620  4.855   2.239   1.00 14.18 ? 53  LEU A CD1 1 
ATOM   423  C CD2 . LEU A 1 53  ? -6.751  2.362   1.917   1.00 16.90 ? 53  LEU A CD2 1 
ATOM   424  N N   . ARG A 1 54  ? -4.751  3.070   6.323   1.00 10.02 ? 54  ARG A N   1 
ATOM   425  C CA  . ARG A 1 54  ? -5.497  2.653   7.508   1.00 9.81  ? 54  ARG A CA  1 
ATOM   426  C C   . ARG A 1 54  ? -5.141  3.451   8.755   1.00 13.50 ? 54  ARG A C   1 
ATOM   427  O O   . ARG A 1 54  ? -6.006  3.653   9.622   1.00 14.82 ? 54  ARG A O   1 
ATOM   428  C CB  . ARG A 1 54  ? -5.266  1.165   7.769   1.00 11.18 ? 54  ARG A CB  1 
ATOM   429  C CG  . ARG A 1 54  ? -5.956  0.286   6.728   1.00 10.85 ? 54  ARG A CG  1 
ATOM   430  C CD  . ARG A 1 54  ? -5.799  -1.181  7.049   1.00 14.22 ? 54  ARG A CD  1 
ATOM   431  N NE  . ARG A 1 54  ? -6.638  -1.968  6.154   1.00 11.85 ? 54  ARG A NE  1 
ATOM   432  C CZ  . ARG A 1 54  ? -6.564  -3.284  6.028   1.00 13.71 ? 54  ARG A CZ  1 
ATOM   433  N NH1 . ARG A 1 54  ? -5.740  -4.003  6.775   1.00 11.79 ? 54  ARG A NH1 1 
ATOM   434  N NH2 . ARG A 1 54  ? -7.315  -3.894  5.108   1.00 12.31 ? 54  ARG A NH2 1 
ATOM   435  N N   . MET A 1 55  ? -3.888  3.876   8.873   1.00 12.89 ? 55  MET A N   1 
ATOM   436  C CA  . MET A 1 55  ? -3.370  4.539   10.063  1.00 11.99 ? 55  MET A CA  1 
ATOM   437  C C   . MET A 1 55  ? -3.073  6.013   9.884   1.00 13.48 ? 55  MET A C   1 
ATOM   438  O O   . MET A 1 55  ? -2.747  6.673   10.875  1.00 13.55 ? 55  MET A O   1 
ATOM   439  C CB  . MET A 1 55  ? -2.077  3.865   10.548  1.00 13.16 ? 55  MET A CB  1 
ATOM   440  C CG  . MET A 1 55  ? -2.063  2.370   10.435  1.00 10.94 ? 55  MET A CG  1 
ATOM   441  S SD  . MET A 1 55  ? -0.606  1.585   11.168  1.00 13.79 ? 55  MET A SD  1 
ATOM   442  C CE  . MET A 1 55  ? -0.483  2.295   12.822  1.00 13.19 ? 55  MET A CE  1 
ATOM   443  N N   . GLY A 1 56  ? -3.112  6.530   8.662   1.00 12.77 ? 56  GLY A N   1 
ATOM   444  C CA  . GLY A 1 56  ? -2.605  7.883   8.453   1.00 12.47 ? 56  GLY A CA  1 
ATOM   445  C C   . GLY A 1 56  ? -1.146  8.027   8.845   1.00 12.21 ? 56  GLY A C   1 
ATOM   446  O O   . GLY A 1 56  ? -0.342  7.099   8.740   1.00 12.50 ? 56  GLY A O   1 
ATOM   447  N N   . LEU A 1 57  ? -0.798  9.224   9.339   1.00 13.72 ? 57  LEU A N   1 
ATOM   448  C CA  . LEU A 1 57  ? 0.575   9.484   9.762   1.00 15.08 ? 57  LEU A CA  1 
ATOM   449  C C   . LEU A 1 57  ? 1.028   8.598   10.914  1.00 14.77 ? 57  LEU A C   1 
ATOM   450  O O   . LEU A 1 57  ? 2.235   8.457   11.125  1.00 14.20 ? 57  LEU A O   1 
ATOM   451  C CB  . LEU A 1 57  ? 0.731   10.949  10.159  1.00 17.56 ? 57  LEU A CB  1 
ATOM   452  C CG  . LEU A 1 57  ? 0.820   11.887  8.969   1.00 19.07 ? 57  LEU A CG  1 
ATOM   453  C CD1 . LEU A 1 57  ? 0.565   13.330  9.417   1.00 22.77 ? 57  LEU A CD1 1 
ATOM   454  C CD2 . LEU A 1 57  ? 2.209   11.707  8.350   1.00 21.99 ? 57  LEU A CD2 1 
ATOM   455  N N   . ASP A 1 58  ? 0.104   8.009   11.673  1.00 14.03 ? 58  ASP A N   1 
ATOM   456  C CA  . ASP A 1 58  ? 0.526   7.097   12.735  1.00 14.37 ? 58  ASP A CA  1 
ATOM   457  C C   . ASP A 1 58  ? 1.252   5.866   12.203  1.00 10.61 ? 58  ASP A C   1 
ATOM   458  O O   . ASP A 1 58  ? 1.882   5.157   12.991  1.00 11.81 ? 58  ASP A O   1 
ATOM   459  C CB  . ASP A 1 58  ? -0.685  6.670   13.571  1.00 14.19 ? 58  ASP A CB  1 
ATOM   460  C CG  . ASP A 1 58  ? -1.216  7.800   14.444  1.00 16.28 ? 58  ASP A CG  1 
ATOM   461  O OD1 . ASP A 1 58  ? -0.500  8.796   14.648  1.00 16.99 ? 58  ASP A OD1 1 
ATOM   462  O OD2 . ASP A 1 58  ? -2.361  7.686   14.913  1.00 19.48 ? 58  ASP A OD2 1 
ATOM   463  N N   . ALA A 1 59  ? 1.195   5.604   10.888  1.00 10.93 ? 59  ALA A N   1 
ATOM   464  C CA  . ALA A 1 59  ? 1.921   4.474   10.321  1.00 11.75 ? 59  ALA A CA  1 
ATOM   465  C C   . ALA A 1 59  ? 3.416   4.562   10.588  1.00 11.49 ? 59  ALA A C   1 
ATOM   466  O O   . ALA A 1 59  ? 4.084   3.527   10.655  1.00 11.33 ? 59  ALA A O   1 
ATOM   467  C CB  . ALA A 1 59  ? 1.667   4.390   8.804   1.00 12.13 ? 59  ALA A CB  1 
ATOM   468  N N   . VAL A 1 60  ? 3.945   5.767   10.807  1.00 11.26 ? 60  VAL A N   1 
ATOM   469  C CA  . VAL A 1 60  ? 5.382   5.898   10.985  1.00 12.50 ? 60  VAL A CA  1 
ATOM   470  C C   . VAL A 1 60  ? 5.866   5.181   12.234  1.00 13.81 ? 60  VAL A C   1 
ATOM   471  O O   . VAL A 1 60  ? 7.045   4.833   12.318  1.00 16.13 ? 60  VAL A O   1 
ATOM   472  C CB  . VAL A 1 60  ? 5.791   7.388   11.022  1.00 12.19 ? 60  VAL A CB  1 
ATOM   473  C CG1 . VAL A 1 60  ? 5.325   8.108   9.772   1.00 13.24 ? 60  VAL A CG1 1 
ATOM   474  C CG2 . VAL A 1 60  ? 5.252   8.059   12.294  1.00 13.71 ? 60  VAL A CG2 1 
ATOM   475  N N   . TYR A 1 61  ? 4.985   4.931   13.208  1.00 11.91 ? 61  TYR A N   1 
ATOM   476  C CA  . TYR A 1 61  ? 5.409   4.326   14.470  1.00 10.41 ? 61  TYR A CA  1 
ATOM   477  C C   . TYR A 1 61  ? 5.512   2.816   14.398  1.00 13.35 ? 61  TYR A C   1 
ATOM   478  O O   . TYR A 1 61  ? 6.022   2.195   15.340  1.00 13.23 ? 61  TYR A O   1 
ATOM   479  C CB  . TYR A 1 61  ? 4.419   4.705   15.574  1.00 14.60 ? 61  TYR A CB  1 
ATOM   480  C CG  . TYR A 1 61  ? 4.284   6.194   15.751  1.00 12.03 ? 61  TYR A CG  1 
ATOM   481  C CD1 . TYR A 1 61  ? 5.403   6.983   15.993  1.00 14.03 ? 61  TYR A CD1 1 
ATOM   482  C CD2 . TYR A 1 61  ? 3.044   6.811   15.672  1.00 13.94 ? 61  TYR A CD2 1 
ATOM   483  C CE1 . TYR A 1 61  ? 5.277   8.368   16.163  1.00 15.86 ? 61  TYR A CE1 1 
ATOM   484  C CE2 . TYR A 1 61  ? 2.904   8.174   15.832  1.00 12.55 ? 61  TYR A CE2 1 
ATOM   485  C CZ  . TYR A 1 61  ? 4.030   8.944   16.086  1.00 17.24 ? 61  TYR A CZ  1 
ATOM   486  O OH  . TYR A 1 61  ? 3.894   10.305  16.249  1.00 22.59 ? 61  TYR A OH  1 
ATOM   487  N N   . ASN A 1 62  ? 5.026   2.215   13.311  1.00 9.35  ? 62  ASN A N   1 
ATOM   488  C CA  . ASN A 1 62  ? 4.813   0.778   13.229  1.00 11.01 ? 62  ASN A CA  1 
ATOM   489  C C   . ASN A 1 62  ? 5.589   0.146   12.088  1.00 12.29 ? 62  ASN A C   1 
ATOM   490  O O   . ASN A 1 62  ? 5.315   -1.000  11.723  1.00 10.83 ? 62  ASN A O   1 
ATOM   491  C CB  . ASN A 1 62  ? 3.317   0.491   13.078  1.00 9.94  ? 62  ASN A CB  1 
ATOM   492  C CG  . ASN A 1 62  ? 2.539   0.829   14.333  1.00 13.99 ? 62  ASN A CG  1 
ATOM   493  O OD1 . ASN A 1 62  ? 2.429   1.993   14.707  1.00 13.32 ? 62  ASN A OD1 1 
ATOM   494  N ND2 . ASN A 1 62  ? 1.998   -0.192  14.989  1.00 11.17 ? 62  ASN A ND2 1 
ATOM   495  N N   . VAL A 1 63  ? 6.577   0.848   11.542  1.00 10.02 ? 63  VAL A N   1 
ATOM   496  C CA  . VAL A 1 63  ? 7.318   0.342   10.390  1.00 11.55 ? 63  VAL A CA  1 
ATOM   497  C C   . VAL A 1 63  ? 8.536   -0.438  10.867  1.00 13.55 ? 63  VAL A C   1 
ATOM   498  O O   . VAL A 1 63  ? 9.309   0.032   11.713  1.00 16.18 ? 63  VAL A O   1 
ATOM   499  C CB  . VAL A 1 63  ? 7.720   1.483   9.445   1.00 12.00 ? 63  VAL A CB  1 
ATOM   500  C CG1 . VAL A 1 63  ? 8.361   0.925   8.171   1.00 13.32 ? 63  VAL A CG1 1 
ATOM   501  C CG2 . VAL A 1 63  ? 6.494   2.293   9.085   1.00 16.88 ? 63  VAL A CG2 1 
ATOM   502  N N   . MET A 1 64  ? 8.695   -1.635  10.330  1.00 9.93  ? 64  MET A N   1 
ATOM   503  C CA  . MET A 1 64  ? 9.803   -2.525  10.648  1.00 12.33 ? 64  MET A CA  1 
ATOM   504  C C   . MET A 1 64  ? 11.039  -2.031  9.894   1.00 11.50 ? 64  MET A C   1 
ATOM   505  O O   . MET A 1 64  ? 10.934  -1.223  8.966   1.00 11.60 ? 64  MET A O   1 
ATOM   506  C CB  . MET A 1 64  ? 9.417   -3.934  10.206  1.00 12.90 ? 64  MET A CB  1 
ATOM   507  C CG  . MET A 1 64  ? 8.384   -4.685  11.087  1.00 11.84 ? 64  MET A CG  1 
ATOM   508  S SD  . MET A 1 64  ? 8.438   -4.458  12.850  1.00 18.14 ? 64  MET A SD  1 
ATOM   509  C CE  . MET A 1 64  ? 9.699   -5.679  13.235  1.00 30.65 ? 64  MET A CE  1 
ATOM   510  N N   . PRO A 1 65  ? 12.238  -2.516  10.238  1.00 12.10 ? 65  PRO A N   1 
ATOM   511  C CA  . PRO A 1 65  ? 13.421  -2.189  9.406   1.00 12.90 ? 65  PRO A CA  1 
ATOM   512  C C   . PRO A 1 65  ? 13.281  -2.521  7.931   1.00 12.07 ? 65  PRO A C   1 
ATOM   513  O O   . PRO A 1 65  ? 13.932  -1.865  7.100   1.00 11.68 ? 65  PRO A O   1 
ATOM   514  C CB  . PRO A 1 65  ? 14.541  -3.016  10.060  1.00 14.46 ? 65  PRO A CB  1 
ATOM   515  C CG  . PRO A 1 65  ? 14.150  -3.034  11.518  1.00 16.34 ? 65  PRO A CG  1 
ATOM   516  C CD  . PRO A 1 65  ? 12.617  -3.191  11.492  1.00 12.42 ? 65  PRO A CD  1 
ATOM   517  N N   . SER A 1 66  ? 12.464  -3.533  7.581   1.00 10.30 ? 66  SER A N   1 
ATOM   518  C CA  . SER A 1 66  ? 12.225  -3.957  6.205   1.00 10.81 ? 66  SER A CA  1 
ATOM   519  C C   . SER A 1 66  ? 11.370  -2.979  5.416   1.00 12.76 ? 66  SER A C   1 
ATOM   520  O O   . SER A 1 66  ? 11.259  -3.134  4.191   1.00 13.18 ? 66  SER A O   1 
ATOM   521  C CB  . SER A 1 66  ? 11.517  -5.314  6.190   1.00 14.10 ? 66  SER A CB  1 
ATOM   522  O OG  . SER A 1 66  ? 10.273  -5.208  6.887   1.00 11.60 ? 66  SER A OG  1 
ATOM   523  N N   . GLY A 1 67  ? 10.729  -2.020  6.084   1.00 8.63  ? 67  GLY A N   1 
ATOM   524  C CA  . GLY A 1 67  ? 9.777   -1.128  5.438   1.00 11.54 ? 67  GLY A CA  1 
ATOM   525  C C   . GLY A 1 67  ? 8.358   -1.643  5.409   1.00 11.14 ? 67  GLY A C   1 
ATOM   526  O O   . GLY A 1 67  ? 7.489   -1.003  4.798   1.00 11.42 ? 67  GLY A O   1 
ATOM   527  N N   . LYS A 1 68  ? 8.101   -2.778  6.036   1.00 10.05 ? 68  LYS A N   1 
ATOM   528  C CA  . LYS A 1 68  ? 6.770   -3.354  6.171   1.00 10.20 ? 68  LYS A CA  1 
ATOM   529  C C   . LYS A 1 68  ? 6.231   -3.060  7.561   1.00 11.25 ? 68  LYS A C   1 
ATOM   530  O O   . LYS A 1 68  ? 6.991   -2.858  8.511   1.00 11.35 ? 68  LYS A O   1 
ATOM   531  C CB  . LYS A 1 68  ? 6.820   -4.853  5.917   1.00 11.83 ? 68  LYS A CB  1 
ATOM   532  C CG  . LYS A 1 68  ? 7.502   -5.226  4.585   1.00 11.39 ? 68  LYS A CG  1 
ATOM   533  C CD  . LYS A 1 68  ? 7.424   -6.714  4.293   1.00 15.68 ? 68  LYS A CD  1 
ATOM   534  C CE  . LYS A 1 68  ? 8.502   -7.521  5.002   1.00 17.69 ? 68  LYS A CE  1 
ATOM   535  N NZ  . LYS A 1 68  ? 8.396   -8.991  4.655   1.00 15.55 ? 68  LYS A NZ  1 
ATOM   536  N N   . VAL A 1 69  ? 4.908   -3.022  7.683   1.00 8.91  ? 69  VAL A N   1 
ATOM   537  C CA  . VAL A 1 69  ? 4.276   -2.480  8.878   1.00 7.89  ? 69  VAL A CA  1 
ATOM   538  C C   . VAL A 1 69  ? 3.695   -3.611  9.717   1.00 9.37  ? 69  VAL A C   1 
ATOM   539  O O   . VAL A 1 69  ? 3.123   -4.565  9.183   1.00 9.11  ? 69  VAL A O   1 
ATOM   540  C CB  . VAL A 1 69  ? 3.205   -1.447  8.499   1.00 9.87  ? 69  VAL A CB  1 
ATOM   541  C CG1 . VAL A 1 69  ? 2.272   -1.131  9.679   1.00 10.48 ? 69  VAL A CG1 1 
ATOM   542  C CG2 . VAL A 1 69  ? 3.898   -0.172  8.000   1.00 11.65 ? 69  VAL A CG2 1 
ATOM   543  N N   . TYR A 1 70  ? 3.839   -3.484  11.038  1.00 7.59  ? 70  TYR A N   1 
ATOM   544  C CA  . TYR A 1 70  ? 3.228   -4.385  12.009  1.00 9.43  ? 70  TYR A CA  1 
ATOM   545  C C   . TYR A 1 70  ? 2.243   -3.566  12.830  1.00 11.73 ? 70  TYR A C   1 
ATOM   546  O O   . TYR A 1 70  ? 2.652   -2.707  13.614  1.00 10.13 ? 70  TYR A O   1 
ATOM   547  C CB  . TYR A 1 70  ? 4.296   -5.016  12.900  1.00 10.42 ? 70  TYR A CB  1 
ATOM   548  C CG  . TYR A 1 70  ? 3.714   -5.720  14.101  1.00 10.43 ? 70  TYR A CG  1 
ATOM   549  C CD1 . TYR A 1 70  ? 3.294   -7.038  14.022  1.00 16.88 ? 70  TYR A CD1 1 
ATOM   550  C CD2 . TYR A 1 70  ? 3.577   -5.054  15.317  1.00 12.67 ? 70  TYR A CD2 1 
ATOM   551  C CE1 . TYR A 1 70  ? 2.754   -7.679  15.136  1.00 16.64 ? 70  TYR A CE1 1 
ATOM   552  C CE2 . TYR A 1 70  ? 3.050   -5.687  16.421  1.00 16.31 ? 70  TYR A CE2 1 
ATOM   553  C CZ  . TYR A 1 70  ? 2.641   -6.980  16.328  1.00 18.80 ? 70  TYR A CZ  1 
ATOM   554  O OH  . TYR A 1 70  ? 2.113   -7.579  17.450  1.00 20.22 ? 70  TYR A OH  1 
ATOM   555  N N   . SER A 1 71  ? 0.946   -3.809  12.656  1.00 8.86  ? 71  SER A N   1 
ATOM   556  C CA  . SER A 1 71  ? -0.064  -3.160  13.491  1.00 11.32 ? 71  SER A CA  1 
ATOM   557  C C   . SER A 1 71  ? -1.282  -4.055  13.552  1.00 12.97 ? 71  SER A C   1 
ATOM   558  O O   . SER A 1 71  ? -2.189  -3.963  12.714  1.00 11.28 ? 71  SER A O   1 
ATOM   559  C CB  . SER A 1 71  ? -0.438  -1.769  12.981  1.00 14.74 ? 71  SER A CB  1 
ATOM   560  O OG  . SER A 1 71  ? -1.369  -1.161  13.880  1.00 17.53 ? 71  SER A OG  1 
ATOM   561  N N   . PRO A 1 72  ? -1.353  -4.933  14.551  1.00 13.49 ? 72  PRO A N   1 
ATOM   562  C CA  . PRO A 1 72  ? -2.524  -5.819  14.691  1.00 12.77 ? 72  PRO A CA  1 
ATOM   563  C C   . PRO A 1 72  ? -3.858  -5.106  14.696  1.00 14.30 ? 72  PRO A C   1 
ATOM   564  O O   . PRO A 1 72  ? -4.810  -5.600  14.073  1.00 16.62 ? 72  PRO A O   1 
ATOM   565  C CB  . PRO A 1 72  ? -2.265  -6.513  16.035  1.00 17.90 ? 72  PRO A CB  1 
ATOM   566  C CG  . PRO A 1 72  ? -0.793  -6.529  16.154  1.00 14.57 ? 72  PRO A CG  1 
ATOM   567  C CD  . PRO A 1 72  ? -0.321  -5.221  15.558  1.00 12.26 ? 72  PRO A CD  1 
ATOM   568  N N   . ARG A 1 73  ? -3.956  -3.952  15.369  1.00 14.87 ? 73  ARG A N   1 
ATOM   569  C CA  . ARG A 1 73  ? -5.239  -3.256  15.432  1.00 19.22 ? 73  ARG A CA  1 
ATOM   570  C C   . ARG A 1 73  ? -5.731  -2.863  14.049  1.00 17.81 ? 73  ARG A C   1 
ATOM   571  O O   . ARG A 1 73  ? -6.944  -2.833  13.801  1.00 15.57 ? 73  ARG A O   1 
ATOM   572  C CB  . ARG A 1 73  ? -5.137  -2.031  16.354  1.00 21.68 ? 73  ARG A CB  1 
ATOM   573  C CG  . ARG A 1 73  ? -3.989  -1.038  16.124  1.00 29.30 ? 73  ARG A CG  1 
ATOM   574  C CD  . ARG A 1 73  ? -4.101  0.139   17.147  1.00 37.44 ? 73  ARG A CD  1 
ATOM   575  N NE  . ARG A 1 73  ? -3.572  1.425   16.690  1.00 39.14 ? 73  ARG A NE  1 
ATOM   576  C CZ  . ARG A 1 73  ? -2.321  1.847   16.856  1.00 33.69 ? 73  ARG A CZ  1 
ATOM   577  N NH1 . ARG A 1 73  ? -1.419  1.117   17.493  1.00 33.08 ? 73  ARG A NH1 1 
ATOM   578  N NH2 . ARG A 1 73  ? -1.968  3.043   16.385  1.00 24.53 ? 73  ARG A NH2 1 
ATOM   579  N N   . HIS A 1 74  ? -4.814  -2.600  13.120  1.00 12.70 ? 74  HIS A N   1 
ATOM   580  C CA  . HIS A 1 74  ? -5.187  -2.281  11.752  1.00 12.23 ? 74  HIS A CA  1 
ATOM   581  C C   . HIS A 1 74  ? -5.022  -3.450  10.799  1.00 9.02  ? 74  HIS A C   1 
ATOM   582  O O   . HIS A 1 74  ? -5.076  -3.244  9.584   1.00 11.55 ? 74  HIS A O   1 
ATOM   583  C CB  . HIS A 1 74  ? -4.372  -1.089  11.265  1.00 11.37 ? 74  HIS A CB  1 
ATOM   584  C CG  . HIS A 1 74  ? -4.511  0.114   12.135  1.00 15.13 ? 74  HIS A CG  1 
ATOM   585  N ND1 . HIS A 1 74  ? -3.649  0.392   13.170  1.00 16.88 ? 74  HIS A ND1 1 
ATOM   586  C CD2 . HIS A 1 74  ? -5.437  1.102   12.133  1.00 19.77 ? 74  HIS A CD2 1 
ATOM   587  C CE1 . HIS A 1 74  ? -4.027  1.514   13.759  1.00 21.83 ? 74  HIS A CE1 1 
ATOM   588  N NE2 . HIS A 1 74  ? -5.107  1.964   13.149  1.00 19.02 ? 74  HIS A NE2 1 
ATOM   589  N N   . LYS A 1 75  ? -4.862  -4.668  11.322  1.00 10.03 ? 75  LYS A N   1 
ATOM   590  C CA  . LYS A 1 75  ? -4.734  -5.881  10.518  1.00 13.50 ? 75  LYS A CA  1 
ATOM   591  C C   . LYS A 1 75  ? -3.595  -5.768  9.499   1.00 13.20 ? 75  LYS A C   1 
ATOM   592  O O   . LYS A 1 75  ? -3.736  -6.131  8.333   1.00 11.91 ? 75  LYS A O   1 
ATOM   593  C CB  . LYS A 1 75  ? -6.060  -6.223  9.827   1.00 16.11 ? 75  LYS A CB  1 
ATOM   594  C CG  . LYS A 1 75  ? -7.217  -6.401  10.825  1.00 20.81 ? 75  LYS A CG  1 
ATOM   595  C CD  . LYS A 1 75  ? -8.487  -6.781  10.097  1.00 19.50 ? 75  LYS A CD  1 
ATOM   596  C CE  . LYS A 1 75  ? -9.579  -7.294  11.031  1.00 28.65 ? 75  LYS A CE  1 
ATOM   597  N NZ  . LYS A 1 75  ? -9.958  -6.262  12.035  1.00 30.15 ? 75  LYS A NZ  1 
ATOM   598  N N   . LEU A 1 76  ? -2.447  -5.272  9.955   1.00 10.93 ? 76  LEU A N   1 
ATOM   599  C CA  . LEU A 1 76  ? -1.267  -5.140  9.109   1.00 10.35 ? 76  LEU A CA  1 
ATOM   600  C C   . LEU A 1 76  ? -0.133  -5.961  9.709   1.00 10.08 ? 76  LEU A C   1 
ATOM   601  O O   . LEU A 1 76  ? 0.186   -5.804  10.896  1.00 11.16 ? 76  LEU A O   1 
ATOM   602  C CB  . LEU A 1 76  ? -0.847  -3.666  8.992   1.00 8.78  ? 76  LEU A CB  1 
ATOM   603  C CG  . LEU A 1 76  ? -1.869  -2.801  8.253   1.00 10.77 ? 76  LEU A CG  1 
ATOM   604  C CD1 . LEU A 1 76  ? -1.594  -1.352  8.587   1.00 12.94 ? 76  LEU A CD1 1 
ATOM   605  C CD2 . LEU A 1 76  ? -1.791  -2.999  6.737   1.00 14.24 ? 76  LEU A CD2 1 
ATOM   606  N N   . TYR A 1 77  ? 0.479   -6.822  8.899   1.00 8.89  ? 77  TYR A N   1 
ATOM   607  C CA  . TYR A 1 77  ? 1.543   -7.691  9.385   1.00 9.93  ? 77  TYR A CA  1 
ATOM   608  C C   . TYR A 1 77  ? 2.668   -7.752  8.366   1.00 9.37  ? 77  TYR A C   1 
ATOM   609  O O   . TYR A 1 77  ? 2.417   -7.816  7.159   1.00 10.58 ? 77  TYR A O   1 
ATOM   610  C CB  . TYR A 1 77  ? 1.047   -9.119  9.674   1.00 10.71 ? 77  TYR A CB  1 
ATOM   611  C CG  . TYR A 1 77  ? 0.009   -9.153  10.765  1.00 12.60 ? 77  TYR A CG  1 
ATOM   612  C CD1 . TYR A 1 77  ? -1.348  -9.010  10.466  1.00 12.24 ? 77  TYR A CD1 1 
ATOM   613  C CD2 . TYR A 1 77  ? 0.382   -9.307  12.090  1.00 14.14 ? 77  TYR A CD2 1 
ATOM   614  C CE1 . TYR A 1 77  ? -2.302  -9.005  11.468  1.00 15.98 ? 77  TYR A CE1 1 
ATOM   615  C CE2 . TYR A 1 77  ? -0.562  -9.320  13.089  1.00 17.44 ? 77  TYR A CE2 1 
ATOM   616  C CZ  . TYR A 1 77  ? -1.894  -9.163  12.770  1.00 16.00 ? 77  TYR A CZ  1 
ATOM   617  O OH  . TYR A 1 77  ? -2.842  -9.168  13.769  1.00 21.54 ? 77  TYR A OH  1 
ATOM   618  N N   . PRO A 1 78  ? 3.894   -7.767  8.813   1.00 8.97  ? 78  PRO A N   1 
ATOM   619  C CA  . PRO A 1 78  ? 5.022   -7.760  7.869   1.00 8.83  ? 78  PRO A CA  1 
ATOM   620  C C   . PRO A 1 78  ? 5.409   -9.135  7.360   1.00 14.87 ? 78  PRO A C   1 
ATOM   621  O O   . PRO A 1 78  ? 5.968   -9.243  6.262   1.00 13.20 ? 78  PRO A O   1 
ATOM   622  C CB  . PRO A 1 78  ? 6.152   -7.133  8.692   1.00 13.33 ? 78  PRO A CB  1 
ATOM   623  C CG  . PRO A 1 78  ? 5.808   -7.460  10.104  1.00 9.10  ? 78  PRO A CG  1 
ATOM   624  C CD  . PRO A 1 78  ? 4.310   -7.504  10.202  1.00 9.87  ? 78  PRO A CD  1 
ATOM   625  N N   . ILE A 1 79  ? 5.150   -10.183 8.154   1.00 11.45 ? 79  ILE A N   1 
ATOM   626  C CA  . ILE A 1 79  ? 5.404   -11.563 7.750   1.00 13.28 ? 79  ILE A CA  1 
ATOM   627  C C   . ILE A 1 79  ? 4.238   -12.439 8.195   1.00 15.69 ? 79  ILE A C   1 
ATOM   628  O O   . ILE A 1 79  ? 3.438   -12.068 9.056   1.00 13.46 ? 79  ILE A O   1 
ATOM   629  C CB  . ILE A 1 79  ? 6.733   -12.113 8.326   1.00 17.13 ? 79  ILE A CB  1 
ATOM   630  C CG1 . ILE A 1 79  ? 6.727   -12.051 9.856   1.00 17.30 ? 79  ILE A CG1 1 
ATOM   631  C CG2 . ILE A 1 79  ? 7.940   -11.369 7.727   1.00 17.30 ? 79  ILE A CG2 1 
ATOM   632  C CD1 . ILE A 1 79  ? 7.895   -12.789 10.512  1.00 25.13 ? 79  ILE A CD1 1 
ATOM   633  N N   . SER A 1 80  ? 4.135   -13.604 7.559   1.00 16.86 ? 80  SER A N   1 
ATOM   634  C CA  . SER A 1 80  ? 3.221   -14.642 8.023   1.00 19.23 ? 80  SER A CA  1 
ATOM   635  C C   . SER A 1 80  ? 3.361   -14.851 9.524   1.00 17.60 ? 80  SER A C   1 
ATOM   636  O O   . SER A 1 80  ? 4.470   -14.881 10.064  1.00 23.02 ? 80  SER A O   1 
ATOM   637  C CB  . SER A 1 80  ? 3.502   -15.956 7.281   1.00 25.17 ? 80  SER A CB  1 
ATOM   638  O OG  . SER A 1 80  ? 2.321   -16.735 7.159   1.00 33.23 ? 80  SER A OG  1 
ATOM   639  N N   . ARG A 1 81  ? 2.222   -14.989 10.197  1.00 18.64 ? 81  ARG A N   1 
ATOM   640  C CA  . ARG A 1 81  ? 2.188   -15.055 11.647  1.00 24.78 ? 81  ARG A CA  1 
ATOM   641  C C   . ARG A 1 81  ? 1.136   -16.058 12.083  1.00 23.51 ? 81  ARG A C   1 
ATOM   642  O O   . ARG A 1 81  ? 0.063   -16.137 11.479  1.00 20.78 ? 81  ARG A O   1 
ATOM   643  C CB  . ARG A 1 81  ? 1.833   -13.703 12.259  1.00 25.59 ? 81  ARG A CB  1 
ATOM   644  C CG  . ARG A 1 81  ? 2.511   -13.406 13.565  1.00 32.17 ? 81  ARG A CG  1 
ATOM   645  C CD  . ARG A 1 81  ? 2.107   -12.015 14.000  1.00 26.71 ? 81  ARG A CD  1 
ATOM   646  N NE  . ARG A 1 81  ? 1.791   -11.909 15.420  1.00 31.64 ? 81  ARG A NE  1 
ATOM   647  C CZ  . ARG A 1 81  ? 2.701   -11.977 16.381  1.00 36.33 ? 81  ARG A CZ  1 
ATOM   648  N NH1 . ARG A 1 81  ? 3.989   -12.080 16.103  1.00 36.36 ? 81  ARG A NH1 1 
ATOM   649  N NH2 . ARG A 1 81  ? 2.312   -11.914 17.651  1.00 38.56 ? 81  ARG A NH2 1 
ATOM   650  N N   . TYR A 1 82  ? 1.424   -16.772 13.163  1.00 21.37 ? 82  TYR A N   1 
ATOM   651  C CA  . TYR A 1 82  ? 0.437   -17.683 13.734  1.00 21.42 ? 82  TYR A CA  1 
ATOM   652  C C   . TYR A 1 82  ? -0.863  -16.947 14.056  1.00 22.00 ? 82  TYR A C   1 
ATOM   653  O O   . TYR A 1 82  ? -0.858  -15.858 14.647  1.00 21.81 ? 82  TYR A O   1 
ATOM   654  C CB  . TYR A 1 82  ? 1.002   -18.336 14.996  1.00 22.11 ? 82  TYR A CB  1 
ATOM   655  C CG  . TYR A 1 82  ? 0.009   -19.249 15.683  1.00 17.78 ? 82  TYR A CG  1 
ATOM   656  C CD1 . TYR A 1 82  ? -0.278  -20.510 15.158  1.00 17.84 ? 82  TYR A CD1 1 
ATOM   657  C CD2 . TYR A 1 82  ? -0.697  -18.826 16.803  1.00 20.76 ? 82  TYR A CD2 1 
ATOM   658  C CE1 . TYR A 1 82  ? -1.194  -21.349 15.770  1.00 15.47 ? 82  TYR A CE1 1 
ATOM   659  C CE2 . TYR A 1 82  ? -1.625  -19.660 17.421  1.00 18.26 ? 82  TYR A CE2 1 
ATOM   660  C CZ  . TYR A 1 82  ? -1.860  -20.925 16.894  1.00 18.58 ? 82  TYR A CZ  1 
ATOM   661  O OH  . TYR A 1 82  ? -2.780  -21.763 17.481  1.00 15.16 ? 82  TYR A OH  1 
ATOM   662  N N   . GLY A 1 83  ? -1.981  -17.529 13.628  1.00 15.19 ? 83  GLY A N   1 
ATOM   663  C CA  . GLY A 1 83  ? -3.286  -17.028 13.991  1.00 19.25 ? 83  GLY A CA  1 
ATOM   664  C C   . GLY A 1 83  ? -3.794  -15.879 13.155  1.00 17.29 ? 83  GLY A C   1 
ATOM   665  O O   . GLY A 1 83  ? -4.799  -15.269 13.532  1.00 20.64 ? 83  GLY A O   1 
ATOM   666  N N   . ILE A 1 84  ? -3.126  -15.571 12.047  1.00 21.36 ? 84  ILE A N   1 
ATOM   667  C CA  . ILE A 1 84  ? -3.505  -14.519 11.108  1.00 22.42 ? 84  ILE A CA  1 
ATOM   668  C C   . ILE A 1 84  ? -3.603  -15.135 9.722   1.00 16.88 ? 84  ILE A C   1 
ATOM   669  O O   . ILE A 1 84  ? -2.767  -15.960 9.343   1.00 18.30 ? 84  ILE A O   1 
ATOM   670  C CB  . ILE A 1 84  ? -2.471  -13.367 11.089  1.00 24.38 ? 84  ILE A CB  1 
ATOM   671  C CG1 . ILE A 1 84  ? -2.269  -12.790 12.485  1.00 22.38 ? 84  ILE A CG1 1 
ATOM   672  C CG2 . ILE A 1 84  ? -2.893  -12.267 10.117  1.00 27.92 ? 84  ILE A CG2 1 
ATOM   673  C CD1 . ILE A 1 84  ? -3.557  -12.448 13.170  1.00 25.85 ? 84  ILE A CD1 1 
ATOM   674  N N   . ASP A 1 85  ? -4.616  -14.735 8.960   1.00 18.65 ? 85  ASP A N   1 
ATOM   675  C CA  . ASP A 1 85  ? -4.597  -15.019 7.534   1.00 19.47 ? 85  ASP A CA  1 
ATOM   676  C C   . ASP A 1 85  ? -5.279  -13.876 6.811   1.00 17.23 ? 85  ASP A C   1 
ATOM   677  O O   . ASP A 1 85  ? -6.016  -13.099 7.410   1.00 17.04 ? 85  ASP A O   1 
ATOM   678  C CB  . ASP A 1 85  ? -5.281  -16.349 7.193   1.00 19.46 ? 85  ASP A CB  1 
ATOM   679  C CG  . ASP A 1 85  ? -4.671  -17.012 5.984   1.00 23.26 ? 85  ASP A CG  1 
ATOM   680  O OD1 . ASP A 1 85  ? -3.945  -16.324 5.218   1.00 23.15 ? 85  ASP A OD1 1 
ATOM   681  O OD2 . ASP A 1 85  ? -4.893  -18.232 5.801   1.00 23.11 ? 85  ASP A OD2 1 
ATOM   682  N N   . GLY A 1 86  ? -5.017  -13.789 5.513   1.00 16.62 ? 86  GLY A N   1 
ATOM   683  C CA  . GLY A 1 86  ? -5.473  -12.647 4.735   1.00 15.42 ? 86  GLY A CA  1 
ATOM   684  C C   . GLY A 1 86  ? -4.797  -12.672 3.388   1.00 19.08 ? 86  GLY A C   1 
ATOM   685  O O   . GLY A 1 86  ? -4.496  -13.745 2.855   1.00 16.45 ? 86  GLY A O   1 
ATOM   686  N N   . VAL A 1 87  ? -4.545  -11.485 2.841   1.00 14.36 ? 87  VAL A N   1 
ATOM   687  C CA  . VAL A 1 87  ? -3.847  -11.411 1.562   1.00 12.95 ? 87  VAL A CA  1 
ATOM   688  C C   . VAL A 1 87  ? -2.352  -11.294 1.831   1.00 20.05 ? 87  VAL A C   1 
ATOM   689  O O   . VAL A 1 87  ? -1.901  -10.393 2.548   1.00 16.95 ? 87  VAL A O   1 
ATOM   690  C CB  . VAL A 1 87  ? -4.356  -10.258 0.685   1.00 19.73 ? 87  VAL A CB  1 
ATOM   691  C CG1 . VAL A 1 87  ? -4.337  -8.938  1.405   1.00 20.16 ? 87  VAL A CG1 1 
ATOM   692  C CG2 . VAL A 1 87  ? -3.550  -10.195 -0.613  1.00 18.72 ? 87  VAL A CG2 1 
ATOM   693  N N   . CYS A 1 88  ? -1.595  -12.239 1.292   1.00 15.18 ? 88  CYS A N   1 
ATOM   694  C CA  . CYS A 1 88  ? -0.144  -12.228 1.363   1.00 15.35 ? 88  CYS A CA  1 
ATOM   695  C C   . CYS A 1 88  ? 0.362   -11.543 0.105   1.00 20.86 ? 88  CYS A C   1 
ATOM   696  O O   . CYS A 1 88  ? 0.091   -12.010 -1.007  1.00 19.20 ? 88  CYS A O   1 
ATOM   697  C CB  . CYS A 1 88  ? 0.403   -13.653 1.478   1.00 25.46 ? 88  CYS A CB  1 
ATOM   698  S SG  . CYS A 1 88  ? 1.915   -13.819 2.516   1.00 37.01 ? 88  CYS A SG  1 
ATOM   699  N N   . ILE A 1 89  ? 1.083   -10.434 0.271   1.00 17.20 ? 89  ILE A N   1 
ATOM   700  C CA  . ILE A 1 89  ? 1.522   -9.645  -0.880  1.00 16.23 ? 89  ILE A CA  1 
ATOM   701  C C   . ILE A 1 89  ? 2.776   -10.323 -1.421  1.00 26.87 ? 89  ILE A C   1 
ATOM   702  O O   . ILE A 1 89  ? 3.831   -10.301 -0.784  1.00 29.36 ? 89  ILE A O   1 
ATOM   703  C CB  . ILE A 1 89  ? 1.768   -8.178  -0.515  1.00 17.56 ? 89  ILE A CB  1 
ATOM   704  C CG1 . ILE A 1 89  ? 0.537   -7.586  0.170   1.00 25.85 ? 89  ILE A CG1 1 
ATOM   705  C CG2 . ILE A 1 89  ? 2.091   -7.348  -1.745  1.00 14.99 ? 89  ILE A CG2 1 
ATOM   706  C CD1 . ILE A 1 89  ? -0.630  -7.355  -0.709  1.00 21.48 ? 89  ILE A CD1 1 
ATOM   707  N N   . ASN A 1 90  ? 2.635   -10.989 -2.573  1.00 29.52 ? 90  ASN A N   1 
ATOM   708  C CA  . ASN A 1 90  ? 3.739   -11.650 -3.271  1.00 31.78 ? 90  ASN A CA  1 
ATOM   709  C C   . ASN A 1 90  ? 4.437   -12.683 -2.390  1.00 38.11 ? 90  ASN A C   1 
ATOM   710  O O   . ASN A 1 90  ? 5.640   -12.914 -2.525  1.00 39.45 ? 90  ASN A O   1 
ATOM   711  C CB  . ASN A 1 90  ? 4.742   -10.618 -3.794  1.00 33.99 ? 90  ASN A CB  1 
ATOM   712  C CG  . ASN A 1 90  ? 5.605   -11.157 -4.917  1.00 36.30 ? 90  ASN A CG  1 
ATOM   713  O OD1 . ASN A 1 90  ? 5.185   -12.035 -5.675  1.00 29.94 ? 90  ASN A OD1 1 
ATOM   714  N ND2 . ASN A 1 90  ? 6.816   -10.632 -5.029  1.00 37.14 ? 90  ASN A ND2 1 
ATOM   715  N N   . CYS A 1 91  ? 3.692   -13.296 -1.467  1.00 35.65 ? 91  CYS A N   1 
ATOM   716  C CA  . CYS A 1 91  ? 4.205   -14.360 -0.616  1.00 36.97 ? 91  CYS A CA  1 
ATOM   717  C C   . CYS A 1 91  ? 3.191   -15.493 -0.594  1.00 40.94 ? 91  CYS A C   1 
ATOM   718  O O   . CYS A 1 91  ? 2.002   -15.279 -0.836  1.00 38.95 ? 91  CYS A O   1 
ATOM   719  C CB  . CYS A 1 91  ? 4.501   -13.871 0.819   1.00 39.77 ? 91  CYS A CB  1 
ATOM   720  S SG  . CYS A 1 91  ? 3.303   -12.687 1.541   1.00 42.67 ? 91  CYS A SG  1 
ATOM   721  N N   . ASP A 1 92  ? 3.674   -16.707 -0.314  1.00 40.79 ? 92  ASP A N   1 
ATOM   722  C CA  . ASP A 1 92  ? 2.803   -17.879 -0.282  1.00 42.57 ? 92  ASP A CA  1 
ATOM   723  C C   . ASP A 1 92  ? 2.089   -18.063 1.049   1.00 40.80 ? 92  ASP A C   1 
ATOM   724  O O   . ASP A 1 92  ? 1.147   -18.860 1.121   1.00 41.95 ? 92  ASP A O   1 
ATOM   725  C CB  . ASP A 1 92  ? 3.602   -19.147 -0.585  1.00 47.07 ? 92  ASP A CB  1 
ATOM   726  C CG  . ASP A 1 92  ? 4.469   -19.003 -1.805  1.00 46.83 ? 92  ASP A CG  1 
ATOM   727  O OD1 . ASP A 1 92  ? 3.944   -18.545 -2.839  1.00 51.77 ? 92  ASP A OD1 1 
ATOM   728  O OD2 . ASP A 1 92  ? 5.675   -19.317 -1.724  1.00 51.67 ? 92  ASP A OD2 1 
ATOM   729  N N   . GLY A 1 93  ? 2.509   -17.364 2.097   1.00 34.62 ? 93  GLY A N   1 
ATOM   730  C CA  . GLY A 1 93  ? 1.915   -17.592 3.393   1.00 35.16 ? 93  GLY A CA  1 
ATOM   731  C C   . GLY A 1 93  ? 0.568   -16.931 3.583   1.00 33.03 ? 93  GLY A C   1 
ATOM   732  O O   . GLY A 1 93  ? 0.394   -16.191 4.555   1.00 34.54 ? 93  GLY A O   1 
ATOM   733  N N   . GLY A 1 94  ? -0.397  -17.200 2.697   1.00 30.62 ? 94  GLY A N   1 
ATOM   734  C CA  . GLY A 1 94  ? -1.716  -16.608 2.842   1.00 28.80 ? 94  GLY A CA  1 
ATOM   735  C C   . GLY A 1 94  ? -2.797  -17.347 2.084   1.00 24.41 ? 94  GLY A C   1 
ATOM   736  O O   . GLY A 1 94  ? -2.539  -18.044 1.099   1.00 24.97 ? 94  GLY A O   1 
ATOM   737  N N   . LYS A 1 95  ? -4.031  -17.179 2.553   1.00 19.93 ? 95  LYS A N   1 
ATOM   738  C CA  . LYS A 1 95  ? -5.149  -17.797 1.850   1.00 24.41 ? 95  LYS A CA  1 
ATOM   739  C C   . LYS A 1 95  ? -5.512  -17.041 0.579   1.00 25.25 ? 95  LYS A C   1 
ATOM   740  O O   . LYS A 1 95  ? -6.178  -17.604 -0.299  1.00 24.03 ? 95  LYS A O   1 
ATOM   741  C CB  . LYS A 1 95  ? -6.369  -17.909 2.769   1.00 23.38 ? 95  LYS A CB  1 
ATOM   742  C CG  . LYS A 1 95  ? -6.891  -16.598 3.322   1.00 21.32 ? 95  LYS A CG  1 
ATOM   743  C CD  . LYS A 1 95  ? -8.090  -16.886 4.222   1.00 23.18 ? 95  LYS A CD  1 
ATOM   744  C CE  . LYS A 1 95  ? -8.670  -15.628 4.833   1.00 26.76 ? 95  LYS A CE  1 
ATOM   745  N NZ  . LYS A 1 95  ? -9.947  -15.946 5.544   1.00 33.17 ? 95  LYS A NZ  1 
ATOM   746  N N   . ILE A 1 96  ? -5.089  -15.786 0.466   1.00 18.51 ? 96  ILE A N   1 
ATOM   747  C CA  . ILE A 1 96  ? -5.164  -15.012 -0.767  1.00 19.66 ? 96  ILE A CA  1 
ATOM   748  C C   . ILE A 1 96  ? -3.743  -14.582 -1.081  1.00 23.58 ? 96  ILE A C   1 
ATOM   749  O O   . ILE A 1 96  ? -3.026  -14.120 -0.186  1.00 19.95 ? 96  ILE A O   1 
ATOM   750  C CB  . ILE A 1 96  ? -6.079  -13.786 -0.604  1.00 13.66 ? 96  ILE A CB  1 
ATOM   751  C CG1 . ILE A 1 96  ? -7.511  -14.216 -0.268  1.00 20.86 ? 96  ILE A CG1 1 
ATOM   752  C CG2 . ILE A 1 96  ? -6.072  -12.951 -1.873  1.00 17.42 ? 96  ILE A CG2 1 
ATOM   753  C CD1 . ILE A 1 96  ? -8.205  -13.241 0.636   1.00 23.03 ? 96  ILE A CD1 1 
ATOM   754  N N   . ILE A 1 97  ? -3.311  -14.760 -2.322  1.00 18.58 ? 97  ILE A N   1 
ATOM   755  C CA  . ILE A 1 97  ? -1.954  -14.389 -2.701  1.00 19.62 ? 97  ILE A CA  1 
ATOM   756  C C   . ILE A 1 97  ? -2.028  -13.383 -3.839  1.00 21.67 ? 97  ILE A C   1 
ATOM   757  O O   . ILE A 1 97  ? -2.698  -13.630 -4.850  1.00 24.84 ? 97  ILE A O   1 
ATOM   758  C CB  . ILE A 1 97  ? -1.116  -15.613 -3.102  1.00 23.53 ? 97  ILE A CB  1 
ATOM   759  C CG1 . ILE A 1 97  ? -0.837  -16.482 -1.883  1.00 28.84 ? 97  ILE A CG1 1 
ATOM   760  C CG2 . ILE A 1 97  ? 0.211   -15.175 -3.685  1.00 24.76 ? 97  ILE A CG2 1 
ATOM   761  C CD1 . ILE A 1 97  ? -0.754  -17.966 -2.204  1.00 30.65 ? 97  ILE A CD1 1 
ATOM   762  N N   . LEU A 1 98  ? -1.330  -12.265 -3.686  1.00 17.86 ? 98  LEU A N   1 
ATOM   763  C CA  . LEU A 1 98  ? -1.278  -11.222 -4.702  1.00 18.02 ? 98  LEU A CA  1 
ATOM   764  C C   . LEU A 1 98  ? 0.088   -11.225 -5.375  1.00 21.21 ? 98  LEU A C   1 
ATOM   765  O O   . LEU A 1 98  ? 1.116   -11.164 -4.698  1.00 20.24 ? 98  LEU A O   1 
ATOM   766  C CB  . LEU A 1 98  ? -1.566  -9.847  -4.085  1.00 21.95 ? 98  LEU A CB  1 
ATOM   767  C CG  . LEU A 1 98  ? -1.742  -8.705  -5.084  1.00 21.37 ? 98  LEU A CG  1 
ATOM   768  C CD1 . LEU A 1 98  ? -2.687  -7.637  -4.522  1.00 22.43 ? 98  LEU A CD1 1 
ATOM   769  C CD2 . LEU A 1 98  ? -0.379  -8.074  -5.392  1.00 22.45 ? 98  LEU A CD2 1 
ATOM   770  N N   . ARG A 1 99  ? 0.089   -11.250 -6.707  1.00 21.60 ? 99  ARG A N   1 
ATOM   771  C CA  . ARG A 1 99  ? 1.315   -11.243 -7.495  1.00 26.61 ? 99  ARG A CA  1 
ATOM   772  C C   . ARG A 1 99  ? 1.146   -10.323 -8.696  1.00 24.25 ? 99  ARG A C   1 
ATOM   773  O O   . ARG A 1 99  ? 0.030   -9.994  -9.100  1.00 26.76 ? 99  ARG A O   1 
ATOM   774  C CB  . ARG A 1 99  ? 1.700   -12.647 -7.987  1.00 29.72 ? 99  ARG A CB  1 
ATOM   775  C CG  . ARG A 1 99  ? 1.820   -13.668 -6.880  1.00 33.08 ? 99  ARG A CG  1 
ATOM   776  C CD  . ARG A 1 99  ? 3.057   -14.513 -7.030  1.00 40.79 ? 99  ARG A CD  1 
ATOM   777  N NE  . ARG A 1 99  ? 2.837   -15.828 -6.443  1.00 45.28 ? 99  ARG A NE  1 
ATOM   778  C CZ  . ARG A 1 99  ? 3.408   -16.249 -5.324  1.00 42.46 ? 99  ARG A CZ  1 
ATOM   779  N NH1 . ARG A 1 99  ? 4.252   -15.484 -4.647  1.00 43.48 ? 99  ARG A NH1 1 
ATOM   780  N NH2 . ARG A 1 99  ? 3.115   -17.462 -4.865  1.00 44.18 ? 99  ARG A NH2 1 
ATOM   781  N N   . ILE A 1 100 ? 2.278   -9.918  -9.261  1.00 25.33 ? 100 ILE A N   1 
ATOM   782  C CA  . ILE A 1 100 ? 2.329   -9.166  -10.513 1.00 25.76 ? 100 ILE A CA  1 
ATOM   783  C C   . ILE A 1 100 ? 2.262   -10.148 -11.674 1.00 30.50 ? 100 ILE A C   1 
ATOM   784  O O   . ILE A 1 100 ? 2.841   -11.237 -11.604 1.00 30.27 ? 100 ILE A O   1 
ATOM   785  C CB  . ILE A 1 100 ? 3.619   -8.328  -10.583 1.00 27.93 ? 100 ILE A CB  1 
ATOM   786  C CG1 . ILE A 1 100 ? 3.643   -7.265  -9.482  1.00 24.74 ? 100 ILE A CG1 1 
ATOM   787  C CG2 . ILE A 1 100 ? 3.774   -7.674  -11.947 1.00 27.00 ? 100 ILE A CG2 1 
ATOM   788  C CD1 . ILE A 1 100 ? 5.005   -6.691  -9.265  1.00 24.98 ? 100 ILE A CD1 1 
ATOM   789  N N   . SER A 1 101 ? 1.568   -9.771  -12.749 1.00 27.29 ? 101 SER A N   1 
ATOM   790  C CA  . SER A 1 101 ? 1.603   -10.566 -13.974 1.00 35.62 ? 101 SER A CA  1 
ATOM   791  C C   . SER A 1 101 ? 1.183   -9.704  -15.159 1.00 36.31 ? 101 SER A C   1 
ATOM   792  O O   . SER A 1 101 ? 0.538   -8.661  -15.001 1.00 32.43 ? 101 SER A O   1 
ATOM   793  C CB  . SER A 1 101 ? 0.713   -11.809 -13.874 1.00 33.10 ? 101 SER A CB  1 
ATOM   794  O OG  . SER A 1 101 ? -0.655  -11.457 -13.905 1.00 36.40 ? 101 SER A OG  1 
ATOM   795  N N   . ASN A 1 102 ? 1.551   -10.171 -16.357 1.00 38.46 ? 102 ASN A N   1 
ATOM   796  C CA  . ASN A 1 102 ? 1.303   -9.407  -17.577 1.00 36.79 ? 102 ASN A CA  1 
ATOM   797  C C   . ASN A 1 102 ? -0.178  -9.133  -17.772 1.00 37.20 ? 102 ASN A C   1 
ATOM   798  O O   . ASN A 1 102 ? -0.565  -8.069  -18.269 1.00 45.45 ? 102 ASN A O   1 
ATOM   799  C CB  . ASN A 1 102 ? 1.850   -10.165 -18.787 1.00 42.61 ? 102 ASN A CB  1 
ATOM   800  C CG  . ASN A 1 102 ? 3.352   -10.178 -18.830 1.00 43.52 ? 102 ASN A CG  1 
ATOM   801  O OD1 . ASN A 1 102 ? 3.990   -9.134  -18.752 1.00 51.21 ? 102 ASN A OD1 1 
ATOM   802  N ND2 . ASN A 1 102 ? 3.931   -11.362 -18.964 1.00 48.19 ? 102 ASN A ND2 1 
ATOM   803  N N   . LYS A 1 103 ? -1.024  -10.091 -17.404 1.00 31.25 ? 103 LYS A N   1 
ATOM   804  C CA  . LYS A 1 103 ? -2.457  -9.997  -17.616 1.00 35.94 ? 103 LYS A CA  1 
ATOM   805  C C   . LYS A 1 103 ? -3.201  -9.552  -16.357 1.00 34.77 ? 103 LYS A C   1 
ATOM   806  O O   . LYS A 1 103 ? -4.429  -9.681  -16.288 1.00 38.60 ? 103 LYS A O   1 
ATOM   807  C CB  . LYS A 1 103 ? -2.978  -11.342 -18.127 1.00 41.37 ? 103 LYS A CB  1 
ATOM   808  C CG  . LYS A 1 103 ? -2.303  -11.780 -19.439 1.00 42.56 ? 103 LYS A CG  1 
ATOM   809  C CD  . LYS A 1 103 ? -2.303  -13.298 -19.628 1.00 44.85 ? 103 LYS A CD  1 
ATOM   810  C CE  . LYS A 1 103 ? -0.954  -13.910 -19.230 1.00 39.97 ? 103 LYS A CE  1 
ATOM   811  N NZ  . LYS A 1 103 ? 0.133   -13.589 -20.209 1.00 45.58 ? 103 LYS A NZ  1 
ATOM   812  N N   . GLY A 1 104 ? -2.478  -9.010  -15.367 1.00 39.13 ? 104 GLY A N   1 
ATOM   813  C CA  . GLY A 1 104 ? -3.092  -8.601  -14.121 1.00 33.06 ? 104 GLY A CA  1 
ATOM   814  C C   . GLY A 1 104 ? -3.882  -7.303  -14.235 1.00 32.03 ? 104 GLY A C   1 
ATOM   815  O O   . GLY A 1 104 ? -3.777  -6.558  -15.209 1.00 28.55 ? 104 GLY A O   1 
ATOM   816  N N   . TYR A 1 105 ? -4.689  -7.045  -13.201 1.00 31.39 ? 105 TYR A N   1 
ATOM   817  C CA  . TYR A 1 105 ? -5.509  -5.837  -13.151 1.00 29.24 ? 105 TYR A CA  1 
ATOM   818  C C   . TYR A 1 105 ? -4.656  -4.578  -13.202 1.00 27.97 ? 105 TYR A C   1 
ATOM   819  O O   . TYR A 1 105 ? -3.666  -4.456  -12.476 1.00 28.22 ? 105 TYR A O   1 
ATOM   820  C CB  . TYR A 1 105 ? -6.341  -5.797  -11.866 1.00 26.98 ? 105 TYR A CB  1 
ATOM   821  C CG  . TYR A 1 105 ? -7.512  -6.745  -11.759 1.00 30.51 ? 105 TYR A CG  1 
ATOM   822  C CD1 . TYR A 1 105 ? -8.716  -6.469  -12.399 1.00 28.23 ? 105 TYR A CD1 1 
ATOM   823  C CD2 . TYR A 1 105 ? -7.443  -7.874  -10.956 1.00 34.33 ? 105 TYR A CD2 1 
ATOM   824  C CE1 . TYR A 1 105 ? -9.804  -7.312  -12.276 1.00 32.01 ? 105 TYR A CE1 1 
ATOM   825  C CE2 . TYR A 1 105 ? -8.528  -8.727  -10.827 1.00 34.37 ? 105 TYR A CE2 1 
ATOM   826  C CZ  . TYR A 1 105 ? -9.700  -8.445  -11.491 1.00 31.46 ? 105 TYR A CZ  1 
ATOM   827  O OH  . TYR A 1 105 ? -10.773 -9.295  -11.356 1.00 38.59 ? 105 TYR A OH  1 
ATOM   828  N N   . ASP A 1 106 ? -5.073  -3.621  -14.034 1.00 25.40 ? 106 ASP A N   1 
ATOM   829  C CA  . ASP A 1 106 ? -4.637  -2.244  -13.891 1.00 25.33 ? 106 ASP A CA  1 
ATOM   830  C C   . ASP A 1 106 ? -5.314  -1.651  -12.655 1.00 21.42 ? 106 ASP A C   1 
ATOM   831  O O   . ASP A 1 106 ? -6.314  -2.196  -12.171 1.00 22.70 ? 106 ASP A O   1 
ATOM   832  C CB  . ASP A 1 106 ? -5.012  -1.437  -15.138 1.00 27.39 ? 106 ASP A CB  1 
ATOM   833  C CG  . ASP A 1 106 ? -4.052  -1.657  -16.298 1.00 34.97 ? 106 ASP A CG  1 
ATOM   834  O OD1 . ASP A 1 106 ? -2.981  -2.255  -16.084 1.00 33.25 ? 106 ASP A OD1 1 
ATOM   835  O OD2 . ASP A 1 106 ? -4.393  -1.262  -17.440 1.00 33.96 ? 106 ASP A OD2 1 
ATOM   836  N N   . PRO A 1 107 ? -4.799  -0.535  -12.126 1.00 19.92 ? 107 PRO A N   1 
ATOM   837  C CA  . PRO A 1 107 ? -5.391  0.010   -10.890 1.00 18.46 ? 107 PRO A CA  1 
ATOM   838  C C   . PRO A 1 107 ? -6.889  0.235   -10.966 1.00 19.19 ? 107 PRO A C   1 
ATOM   839  O O   . PRO A 1 107 ? -7.618  -0.172  -10.055 1.00 19.98 ? 107 PRO A O   1 
ATOM   840  C CB  . PRO A 1 107 ? -4.632  1.329   -10.708 1.00 15.24 ? 107 PRO A CB  1 
ATOM   841  C CG  . PRO A 1 107 ? -3.281  1.044   -11.276 1.00 18.88 ? 107 PRO A CG  1 
ATOM   842  C CD  . PRO A 1 107 ? -3.544  0.155   -12.473 1.00 17.18 ? 107 PRO A CD  1 
ATOM   843  N N   . GLU A 1 108 ? -7.382  0.890   -12.025 1.00 18.71 ? 108 GLU A N   1 
ATOM   844  C CA  . GLU A 1 108 ? -8.808  1.198   -12.063 1.00 20.41 ? 108 GLU A CA  1 
ATOM   845  C C   . GLU A 1 108 ? -9.652  -0.072  -12.124 1.00 24.77 ? 108 GLU A C   1 
ATOM   846  O O   . GLU A 1 108 ? -10.716 -0.153  -11.496 1.00 21.28 ? 108 GLU A O   1 
ATOM   847  C CB  . GLU A 1 108 ? -9.126  2.117   -13.243 1.00 25.13 ? 108 GLU A CB  1 
ATOM   848  C CG  . GLU A 1 108 ? -10.615 2.451   -13.335 1.00 31.05 ? 108 GLU A CG  1 
ATOM   849  C CD  . GLU A 1 108 ? -10.925 3.590   -14.292 1.00 37.05 ? 108 GLU A CD  1 
ATOM   850  O OE1 . GLU A 1 108 ? -12.049 4.130   -14.213 1.00 41.42 ? 108 GLU A OE1 1 
ATOM   851  O OE2 . GLU A 1 108 ? -10.056 3.942   -15.123 1.00 36.98 ? 108 GLU A OE2 1 
ATOM   852  N N   . ASP A 1 109 ? -9.192  -1.082  -12.862 1.00 21.50 ? 109 ASP A N   1 
ATOM   853  C CA  . ASP A 1 109 ? -9.966  -2.313  -12.983 1.00 23.74 ? 109 ASP A CA  1 
ATOM   854  C C   . ASP A 1 109 ? -9.959  -3.094  -11.673 1.00 23.34 ? 109 ASP A C   1 
ATOM   855  O O   . ASP A 1 109 ? -10.957 -3.729  -11.313 1.00 24.67 ? 109 ASP A O   1 
ATOM   856  C CB  . ASP A 1 109 ? -9.405  -3.146  -14.134 1.00 25.87 ? 109 ASP A CB  1 
ATOM   857  C CG  . ASP A 1 109 ? -9.590  -2.455  -15.480 1.00 35.58 ? 109 ASP A CG  1 
ATOM   858  O OD1 . ASP A 1 109 ? -10.684 -1.897  -15.712 1.00 35.22 ? 109 ASP A OD1 1 
ATOM   859  O OD2 . ASP A 1 109 ? -8.636  -2.439  -16.291 1.00 36.60 ? 109 ASP A OD2 1 
ATOM   860  N N   . LEU A 1 110 ? -8.848  -3.044  -10.937 1.00 23.65 ? 110 LEU A N   1 
ATOM   861  C CA  . LEU A 1 110 ? -8.823  -3.656  -9.613  1.00 21.53 ? 110 LEU A CA  1 
ATOM   862  C C   . LEU A 1 110 ? -9.903  -3.063  -8.723  1.00 19.63 ? 110 LEU A C   1 
ATOM   863  O O   . LEU A 1 110 ? -10.593 -3.790  -8.003  1.00 21.62 ? 110 LEU A O   1 
ATOM   864  C CB  . LEU A 1 110 ? -7.444  -3.476  -8.981  1.00 18.75 ? 110 LEU A CB  1 
ATOM   865  C CG  . LEU A 1 110 ? -7.244  -4.113  -7.610  1.00 20.89 ? 110 LEU A CG  1 
ATOM   866  C CD1 . LEU A 1 110 ? -7.446  -5.623  -7.696  1.00 23.51 ? 110 LEU A CD1 1 
ATOM   867  C CD2 . LEU A 1 110 ? -5.839  -3.789  -7.089  1.00 16.05 ? 110 LEU A CD2 1 
ATOM   868  N N   . LEU A 1 111 ? -10.080 -1.742  -8.771  1.00 18.40 ? 111 LEU A N   1 
ATOM   869  C CA  . LEU A 1 111 ? -11.047 -1.110  -7.889  1.00 18.13 ? 111 LEU A CA  1 
ATOM   870  C C   . LEU A 1 111 ? -12.482 -1.431  -8.273  1.00 25.73 ? 111 LEU A C   1 
ATOM   871  O O   . LEU A 1 111 ? -13.382 -1.212  -7.456  1.00 22.18 ? 111 LEU A O   1 
ATOM   872  C CB  . LEU A 1 111 ? -10.854 0.408   -7.882  1.00 17.54 ? 111 LEU A CB  1 
ATOM   873  C CG  . LEU A 1 111 ? -9.525  0.841   -7.278  1.00 16.12 ? 111 LEU A CG  1 
ATOM   874  C CD1 . LEU A 1 111 ? -9.372  2.329   -7.441  1.00 22.89 ? 111 LEU A CD1 1 
ATOM   875  C CD2 . LEU A 1 111 ? -9.496  0.461   -5.785  1.00 18.16 ? 111 LEU A CD2 1 
ATOM   876  N N   . GLU A 1 112 ? -12.707 -1.940  -9.485  1.00 22.74 ? 112 GLU A N   1 
ATOM   877  C CA  . GLU A 1 112 ? -14.039 -2.328  -9.943  1.00 28.97 ? 112 GLU A CA  1 
ATOM   878  C C   . GLU A 1 112 ? -14.337 -3.809  -9.756  1.00 32.70 ? 112 GLU A C   1 
ATOM   879  O O   . GLU A 1 112 ? -15.483 -4.219  -9.957  1.00 34.03 ? 112 GLU A O   1 
ATOM   880  C CB  . GLU A 1 112 ? -14.227 -1.964  -11.424 1.00 29.39 ? 112 GLU A CB  1 
ATOM   881  C CG  . GLU A 1 112 ? -13.923 -0.518  -11.771 1.00 33.11 ? 112 GLU A CG  1 
ATOM   882  C CD  . GLU A 1 112 ? -15.171 0.295   -12.042 1.00 50.86 ? 112 GLU A CD  1 
ATOM   883  O OE1 . GLU A 1 112 ? -16.036 0.382   -11.139 1.00 50.90 ? 112 GLU A OE1 1 
ATOM   884  O OE2 . GLU A 1 112 ? -15.287 0.836   -13.169 1.00 52.14 ? 112 GLU A OE2 1 
ATOM   885  N N   . SER A 1 113 ? -13.353 -4.621  -9.375  1.00 28.64 ? 113 SER A N   1 
ATOM   886  C CA  . SER A 1 113 ? -13.624 -6.032  -9.142  1.00 34.77 ? 113 SER A CA  1 
ATOM   887  C C   . SER A 1 113 ? -14.599 -6.202  -7.979  1.00 37.19 ? 113 SER A C   1 
ATOM   888  O O   . SER A 1 113 ? -14.463 -5.561  -6.934  1.00 36.22 ? 113 SER A O   1 
ATOM   889  C CB  . SER A 1 113 ? -12.319 -6.782  -8.872  1.00 38.63 ? 113 SER A CB  1 
ATOM   890  O OG  . SER A 1 113 ? -11.551 -6.141  -7.865  1.00 30.53 ? 113 SER A OG  1 
ATOM   891  N N   . LYS A 1 114 ? -15.606 -7.050  -8.170  1.00 46.13 ? 114 LYS A N   1 
ATOM   892  C CA  . LYS A 1 114 ? -16.539 -7.418  -7.103  1.00 44.31 ? 114 LYS A CA  1 
ATOM   893  C C   . LYS A 1 114 ? -16.295 -8.895  -6.811  1.00 48.13 ? 114 LYS A C   1 
ATOM   894  O O   . LYS A 1 114 ? -16.856 -9.774  -7.465  1.00 52.53 ? 114 LYS A O   1 
ATOM   895  C CB  . LYS A 1 114 ? -17.995 -7.165  -7.488  1.00 47.49 ? 114 LYS A CB  1 
ATOM   896  C CG  . LYS A 1 114 ? -18.371 -5.706  -7.677  1.00 49.11 ? 114 LYS A CG  1 
ATOM   897  C CD  . LYS A 1 114 ? -18.177 -4.876  -6.417  1.00 49.62 ? 114 LYS A CD  1 
ATOM   898  C CE  . LYS A 1 114 ? -18.582 -3.428  -6.671  1.00 43.53 ? 114 LYS A CE  1 
ATOM   899  N NZ  . LYS A 1 114 ? -17.644 -2.738  -7.609  1.00 48.03 ? 114 LYS A NZ  1 
ATOM   900  N N   . GLY A 1 115 ? -15.447 -9.163  -5.827  1.00 43.91 ? 115 GLY A N   1 
ATOM   901  C CA  . GLY A 1 115 ? -15.171 -10.534 -5.467  1.00 40.68 ? 115 GLY A CA  1 
ATOM   902  C C   . GLY A 1 115 ? -13.722 -10.761 -5.100  1.00 39.96 ? 115 GLY A C   1 
ATOM   903  O O   . GLY A 1 115 ? -12.807 -10.278 -5.773  1.00 36.54 ? 115 GLY A O   1 
ATOM   904  N N   . LEU A 1 116 ? -13.508 -11.516 -4.037  1.00 41.15 ? 116 LEU A N   1 
ATOM   905  C CA  . LEU A 1 116 ? -12.180 -11.820 -3.534  1.00 35.97 ? 116 LEU A CA  1 
ATOM   906  C C   . LEU A 1 116 ? -11.843 -13.257 -3.916  1.00 42.64 ? 116 LEU A C   1 
ATOM   907  O O   . LEU A 1 116 ? -12.401 -14.201 -3.347  1.00 48.48 ? 116 LEU A O   1 
ATOM   908  C CB  . LEU A 1 116 ? -12.154 -11.614 -2.023  1.00 41.53 ? 116 LEU A CB  1 
ATOM   909  C CG  . LEU A 1 116 ? -10.828 -11.498 -1.292  1.00 37.70 ? 116 LEU A CG  1 
ATOM   910  C CD1 . LEU A 1 116 ? -10.050 -10.312 -1.827  1.00 35.02 ? 116 LEU A CD1 1 
ATOM   911  C CD2 . LEU A 1 116 ? -11.131 -11.308 0.177   1.00 37.22 ? 116 LEU A CD2 1 
ATOM   912  N N   . GLU A 1 117 ? -10.954 -13.422 -4.895  1.00 37.86 ? 117 GLU A N   1 
ATOM   913  C CA  . GLU A 1 117 ? -10.482 -14.744 -5.284  1.00 39.69 ? 117 GLU A CA  1 
ATOM   914  C C   . GLU A 1 117 ? -9.252  -15.128 -4.467  1.00 38.49 ? 117 GLU A C   1 
ATOM   915  O O   . GLU A 1 117 ? -8.621  -14.297 -3.809  1.00 33.82 ? 117 GLU A O   1 
ATOM   916  C CB  . GLU A 1 117 ? -10.160 -14.797 -6.780  1.00 44.96 ? 117 GLU A CB  1 
ATOM   917  C CG  . GLU A 1 117 ? -11.371 -14.917 -7.708  1.00 45.73 ? 117 GLU A CG  1 
ATOM   918  C CD  . GLU A 1 117 ? -12.044 -16.285 -7.649  1.00 51.48 ? 117 GLU A CD  1 
ATOM   919  O OE1 . GLU A 1 117 ? -11.373 -17.283 -7.302  1.00 51.77 ? 117 GLU A OE1 1 
ATOM   920  O OE2 . GLU A 1 117 ? -13.251 -16.360 -7.965  1.00 57.22 ? 117 GLU A OE2 1 
ATOM   921  N N   . SER A 1 118 ? -8.906  -16.417 -4.516  1.00 36.71 ? 118 SER A N   1 
ATOM   922  C CA  . SER A 1 118 ? -7.739  -16.894 -3.781  1.00 31.00 ? 118 SER A CA  1 
ATOM   923  C C   . SER A 1 118 ? -6.428  -16.430 -4.409  1.00 31.25 ? 118 SER A C   1 
ATOM   924  O O   . SER A 1 118 ? -5.383  -16.469 -3.748  1.00 29.56 ? 118 SER A O   1 
ATOM   925  C CB  . SER A 1 118 ? -7.772  -18.416 -3.693  1.00 33.39 ? 118 SER A CB  1 
ATOM   926  O OG  . SER A 1 118 ? -7.720  -18.977 -4.987  1.00 38.42 ? 118 SER A OG  1 
ATOM   927  N N   . ARG A 1 119 ? -6.452  -15.986 -5.662  1.00 31.14 ? 119 ARG A N   1 
ATOM   928  C CA  . ARG A 1 119 ? -5.245  -15.509 -6.329  1.00 30.87 ? 119 ARG A CA  1 
ATOM   929  C C   . ARG A 1 119 ? -5.575  -14.203 -7.031  1.00 35.12 ? 119 ARG A C   1 
ATOM   930  O O   . ARG A 1 119 ? -6.458  -14.168 -7.898  1.00 35.08 ? 119 ARG A O   1 
ATOM   931  C CB  . ARG A 1 119 ? -4.713  -16.546 -7.324  1.00 29.98 ? 119 ARG A CB  1 
ATOM   932  C CG  . ARG A 1 119 ? -3.595  -17.415 -6.746  1.00 37.06 ? 119 ARG A CG  1 
ATOM   933  C CD  . ARG A 1 119 ? -3.536  -18.782 -7.420  1.00 44.51 ? 119 ARG A CD  1 
ATOM   934  N NE  . ARG A 1 119 ? -2.626  -18.808 -8.562  1.00 47.81 ? 119 ARG A NE  1 
ATOM   935  C CZ  . ARG A 1 119 ? -3.001  -18.900 -9.832  1.00 47.37 ? 119 ARG A CZ  1 
ATOM   936  N NH1 . ARG A 1 119 ? -4.280  -18.958 -10.178 1.00 46.88 ? 119 ARG A NH1 1 
ATOM   937  N NH2 . ARG A 1 119 ? -2.071  -18.937 -10.780 1.00 41.23 ? 119 ARG A NH2 1 
ATOM   938  N N   . ILE A 1 120 ? -4.885  -13.133 -6.642  1.00 25.98 ? 120 ILE A N   1 
ATOM   939  C CA  . ILE A 1 120 ? -5.062  -11.810 -7.224  1.00 22.45 ? 120 ILE A CA  1 
ATOM   940  C C   . ILE A 1 120 ? -3.822  -11.485 -8.040  1.00 26.84 ? 120 ILE A C   1 
ATOM   941  O O   . ILE A 1 120 ? -2.694  -11.597 -7.541  1.00 23.09 ? 120 ILE A O   1 
ATOM   942  C CB  . ILE A 1 120 ? -5.274  -10.729 -6.149  1.00 25.33 ? 120 ILE A CB  1 
ATOM   943  C CG1 . ILE A 1 120 ? -6.506  -11.011 -5.299  1.00 24.38 ? 120 ILE A CG1 1 
ATOM   944  C CG2 . ILE A 1 120 ? -5.396  -9.344  -6.793  1.00 23.86 ? 120 ILE A CG2 1 
ATOM   945  C CD1 . ILE A 1 120 ? -6.635  -10.025 -4.136  1.00 22.28 ? 120 ILE A CD1 1 
ATOM   946  N N   . PHE A 1 121 ? -4.022  -11.053 -9.278  1.00 25.29 ? 121 PHE A N   1 
ATOM   947  C CA  . PHE A 1 121 ? -2.918  -10.667 -10.142 1.00 23.72 ? 121 PHE A CA  1 
ATOM   948  C C   . PHE A 1 121 ? -3.080  -9.206  -10.532 1.00 20.89 ? 121 PHE A C   1 
ATOM   949  O O   . PHE A 1 121 ? -4.149  -8.801  -10.999 1.00 28.08 ? 121 PHE A O   1 
ATOM   950  C CB  . PHE A 1 121 ? -2.860  -11.547 -11.398 1.00 27.76 ? 121 PHE A CB  1 
ATOM   951  C CG  . PHE A 1 121 ? -2.616  -12.998 -11.102 1.00 27.97 ? 121 PHE A CG  1 
ATOM   952  C CD1 . PHE A 1 121 ? -1.339  -13.454 -10.825 1.00 28.87 ? 121 PHE A CD1 1 
ATOM   953  C CD2 . PHE A 1 121 ? -3.666  -13.900 -11.081 1.00 32.68 ? 121 PHE A CD2 1 
ATOM   954  C CE1 . PHE A 1 121 ? -1.111  -14.791 -10.540 1.00 32.39 ? 121 PHE A CE1 1 
ATOM   955  C CE2 . PHE A 1 121 ? -3.445  -15.239 -10.802 1.00 32.57 ? 121 PHE A CE2 1 
ATOM   956  C CZ  . PHE A 1 121 ? -2.166  -15.679 -10.529 1.00 31.82 ? 121 PHE A CZ  1 
ATOM   957  N N   . VAL A 1 122 ? -2.027  -8.423  -10.342 1.00 22.58 ? 122 VAL A N   1 
ATOM   958  C CA  . VAL A 1 122 ? -2.035  -7.020  -10.732 1.00 25.48 ? 122 VAL A CA  1 
ATOM   959  C C   . VAL A 1 122 ? -1.085  -6.845  -11.905 1.00 26.65 ? 122 VAL A C   1 
ATOM   960  O O   . VAL A 1 122 ? -0.129  -7.609  -12.087 1.00 28.85 ? 122 VAL A O   1 
ATOM   961  C CB  . VAL A 1 122 ? -1.672  -6.064  -9.570  1.00 24.63 ? 122 VAL A CB  1 
ATOM   962  C CG1 . VAL A 1 122 ? -2.620  -6.290  -8.394  1.00 25.14 ? 122 VAL A CG1 1 
ATOM   963  C CG2 . VAL A 1 122 ? -0.224  -6.247  -9.137  1.00 22.42 ? 122 VAL A CG2 1 
ATOM   964  N N   . SER A 1 123 ? -1.374  -5.837  -12.722 1.00 27.59 ? 123 SER A N   1 
ATOM   965  C CA  . SER A 1 123 ? -0.600  -5.578  -13.922 1.00 31.87 ? 123 SER A CA  1 
ATOM   966  C C   . SER A 1 123 ? 0.822   -5.134  -13.584 1.00 30.31 ? 123 SER A C   1 
ATOM   967  O O   . SER A 1 123 ? 1.123   -4.674  -12.477 1.00 32.63 ? 123 SER A O   1 
ATOM   968  C CB  . SER A 1 123 ? -1.305  -4.519  -14.768 1.00 30.63 ? 123 SER A CB  1 
ATOM   969  O OG  . SER A 1 123 ? -1.017  -3.216  -14.283 1.00 33.99 ? 123 SER A OG  1 
ATOM   970  N N   . LYS A 1 124 ? 1.714   -5.294  -14.555 1.00 29.06 ? 124 LYS A N   1 
ATOM   971  C CA  . LYS A 1 124 ? 3.007   -4.640  -14.445 1.00 25.01 ? 124 LYS A CA  1 
ATOM   972  C C   . LYS A 1 124 ? 2.824   -3.127  -14.520 1.00 29.63 ? 124 LYS A C   1 
ATOM   973  O O   . LYS A 1 124 ? 1.774   -2.623  -14.927 1.00 31.66 ? 124 LYS A O   1 
ATOM   974  C CB  . LYS A 1 124 ? 3.964   -5.094  -15.550 1.00 39.89 ? 124 LYS A CB  1 
ATOM   975  C CG  . LYS A 1 124 ? 4.729   -6.373  -15.249 1.00 34.63 ? 124 LYS A CG  1 
ATOM   976  C CD  . LYS A 1 124 ? 4.779   -7.284  -16.452 1.00 43.57 ? 124 LYS A CD  1 
ATOM   977  C CE  . LYS A 1 124 ? 6.034   -7.006  -17.280 1.00 44.45 ? 124 LYS A CE  1 
ATOM   978  N NZ  . LYS A 1 124 ? 5.900   -7.446  -18.704 1.00 49.39 ? 124 LYS A NZ  1 
ATOM   979  N N   . ASN A 1 125 ? 3.855   -2.395  -14.105 1.00 33.79 ? 125 ASN A N   1 
ATOM   980  C CA  . ASN A 1 125 ? 3.810   -0.930  -14.107 1.00 29.81 ? 125 ASN A CA  1 
ATOM   981  C C   . ASN A 1 125 ? 2.660   -0.403  -13.250 1.00 27.61 ? 125 ASN A C   1 
ATOM   982  O O   . ASN A 1 125 ? 2.120   0.673   -13.514 1.00 25.58 ? 125 ASN A O   1 
ATOM   983  C CB  . ASN A 1 125 ? 3.685   -0.373  -15.527 1.00 36.71 ? 125 ASN A CB  1 
ATOM   984  C CG  . ASN A 1 125 ? 4.598   -1.073  -16.513 1.00 40.92 ? 125 ASN A CG  1 
ATOM   985  O OD1 . ASN A 1 125 ? 5.792   -1.235  -16.265 1.00 43.36 ? 125 ASN A OD1 1 
ATOM   986  N ND2 . ASN A 1 125 ? 4.028   -1.512  -17.630 1.00 36.87 ? 125 ASN A ND2 1 
ATOM   987  N N   . PHE A 1 126 ? 2.252   -1.171  -12.239 1.00 28.22 ? 126 PHE A N   1 
ATOM   988  C CA  . PHE A 1 126 ? 1.152   -0.739  -11.382 1.00 25.82 ? 126 PHE A CA  1 
ATOM   989  C C   . PHE A 1 126 ? 1.440   0.621   -10.755 1.00 20.70 ? 126 PHE A C   1 
ATOM   990  O O   . PHE A 1 126 ? 0.575   1.510   -10.742 1.00 20.90 ? 126 PHE A O   1 
ATOM   991  C CB  . PHE A 1 126 ? 0.893   -1.797  -10.305 1.00 24.53 ? 126 PHE A CB  1 
ATOM   992  C CG  . PHE A 1 126 ? -0.492  -1.758  -9.734  1.00 17.64 ? 126 PHE A CG  1 
ATOM   993  C CD1 . PHE A 1 126 ? -1.536  -2.428  -10.348 1.00 22.26 ? 126 PHE A CD1 1 
ATOM   994  C CD2 . PHE A 1 126 ? -0.742  -1.064  -8.556  1.00 20.75 ? 126 PHE A CD2 1 
ATOM   995  C CE1 . PHE A 1 126 ? -2.809  -2.398  -9.804  1.00 21.75 ? 126 PHE A CE1 1 
ATOM   996  C CE2 . PHE A 1 126 ? -1.997  -1.024  -8.007  1.00 18.99 ? 126 PHE A CE2 1 
ATOM   997  C CZ  . PHE A 1 126 ? -3.043  -1.704  -8.630  1.00 21.01 ? 126 PHE A CZ  1 
ATOM   998  N N   . LYS A 1 127 ? 2.660   0.809   -10.233 1.00 21.80 ? 127 LYS A N   1 
ATOM   999  C CA  . LYS A 1 127 ? 3.044   2.101   -9.670  1.00 19.76 ? 127 LYS A CA  1 
ATOM   1000 C C   . LYS A 1 127 ? 3.019   3.198   -10.722 1.00 20.33 ? 127 LYS A C   1 
ATOM   1001 O O   . LYS A 1 127 ? 2.534   4.308   -10.474 1.00 18.87 ? 127 LYS A O   1 
ATOM   1002 C CB  . LYS A 1 127 ? 4.445   2.028   -9.058  1.00 21.56 ? 127 LYS A CB  1 
ATOM   1003 C CG  . LYS A 1 127 ? 5.003   3.395   -8.713  1.00 21.23 ? 127 LYS A CG  1 
ATOM   1004 C CD  . LYS A 1 127 ? 6.115   3.333   -7.683  1.00 24.64 ? 127 LYS A CD  1 
ATOM   1005 C CE  . LYS A 1 127 ? 7.260   4.251   -8.040  1.00 32.83 ? 127 LYS A CE  1 
ATOM   1006 N NZ  . LYS A 1 127 ? 8.388   4.142   -7.080  1.00 31.72 ? 127 LYS A NZ  1 
ATOM   1007 N N   . LYS A 1 128 ? 3.596   2.921   -11.890 1.00 22.70 ? 128 LYS A N   1 
ATOM   1008 C CA  . LYS A 1 128 ? 3.661   3.925   -12.946 1.00 24.29 ? 128 LYS A CA  1 
ATOM   1009 C C   . LYS A 1 128 ? 2.261   4.437   -13.266 1.00 15.74 ? 128 LYS A C   1 
ATOM   1010 O O   . LYS A 1 128 ? 2.031   5.647   -13.372 1.00 18.38 ? 128 LYS A O   1 
ATOM   1011 C CB  . LYS A 1 128 ? 4.318   3.285   -14.175 1.00 26.35 ? 128 LYS A CB  1 
ATOM   1012 C CG  . LYS A 1 128 ? 4.081   3.890   -15.549 1.00 36.53 ? 128 LYS A CG  1 
ATOM   1013 C CD  . LYS A 1 128 ? 4.310   5.381   -15.594 1.00 39.61 ? 128 LYS A CD  1 
ATOM   1014 C CE  . LYS A 1 128 ? 4.913   5.754   -16.944 1.00 43.55 ? 128 LYS A CE  1 
ATOM   1015 N NZ  . LYS A 1 128 ? 4.376   4.834   -18.000 1.00 45.26 ? 128 LYS A NZ  1 
ATOM   1016 N N   . LYS A 1 129 ? 1.304   3.520   -13.393 1.00 18.38 ? 129 LYS A N   1 
ATOM   1017 C CA  . LYS A 1 129 ? -0.054  3.909   -13.760 1.00 18.20 ? 129 LYS A CA  1 
ATOM   1018 C C   . LYS A 1 129 ? -0.733  4.662   -12.626 1.00 22.29 ? 129 LYS A C   1 
ATOM   1019 O O   . LYS A 1 129 ? -1.460  5.631   -12.866 1.00 19.00 ? 129 LYS A O   1 
ATOM   1020 C CB  . LYS A 1 129 ? -0.870  2.674   -14.141 1.00 22.76 ? 129 LYS A CB  1 
ATOM   1021 C CG  . LYS A 1 129 ? -0.388  1.936   -15.391 1.00 24.20 ? 129 LYS A CG  1 
ATOM   1022 C CD  . LYS A 1 129 ? -0.709  0.452   -15.306 1.00 27.73 ? 129 LYS A CD  1 
ATOM   1023 C CE  . LYS A 1 129 ? -0.026  -0.324  -16.417 1.00 35.27 ? 129 LYS A CE  1 
ATOM   1024 N NZ  . LYS A 1 129 ? -0.712  -1.615  -16.710 1.00 36.55 ? 129 LYS A NZ  1 
ATOM   1025 N N   . SER A 1 130 ? -0.538  4.205   -11.388 1.00 16.99 ? 130 SER A N   1 
ATOM   1026 C CA  . SER A 1 130 ? -1.083  4.920   -10.240 1.00 16.34 ? 130 SER A CA  1 
ATOM   1027 C C   . SER A 1 130 ? -0.488  6.322   -10.153 1.00 17.01 ? 130 SER A C   1 
ATOM   1028 O O   . SER A 1 130 ? -1.213  7.321   -10.033 1.00 19.48 ? 130 SER A O   1 
ATOM   1029 C CB  . SER A 1 130 ? -0.813  4.095   -8.971  1.00 17.83 ? 130 SER A CB  1 
ATOM   1030 O OG  . SER A 1 130 ? -1.261  4.751   -7.806  1.00 20.31 ? 130 SER A OG  1 
ATOM   1031 N N   . MET A 1 131 ? 0.840   6.430   -10.281 1.00 15.54 ? 131 MET A N   1 
ATOM   1032 C CA  . MET A 1 131 ? 1.488   7.734   -10.156 1.00 17.62 ? 131 MET A CA  1 
ATOM   1033 C C   . MET A 1 131 ? 1.096   8.669   -11.302 1.00 20.01 ? 131 MET A C   1 
ATOM   1034 O O   . MET A 1 131 ? 0.932   9.876   -11.092 1.00 19.35 ? 131 MET A O   1 
ATOM   1035 C CB  . MET A 1 131 ? 3.008   7.545   -10.096 1.00 24.65 ? 131 MET A CB  1 
ATOM   1036 C CG  . MET A 1 131 ? 3.580   7.162   -8.721  1.00 23.81 ? 131 MET A CG  1 
ATOM   1037 S SD  . MET A 1 131 ? 2.920   8.019   -7.270  1.00 30.11 ? 131 MET A SD  1 
ATOM   1038 C CE  . MET A 1 131 ? 4.199   7.653   -6.051  1.00 29.26 ? 131 MET A CE  1 
ATOM   1039 N N   . GLU A 1 132 ? 0.954   8.144   -12.524 1.00 19.81 ? 132 GLU A N   1 
ATOM   1040 C CA  . GLU A 1 132 ? 0.531   9.003   -13.638 1.00 24.69 ? 132 GLU A CA  1 
ATOM   1041 C C   . GLU A 1 132 ? -0.824  9.634   -13.366 1.00 23.07 ? 132 GLU A C   1 
ATOM   1042 O O   . GLU A 1 132 ? -1.042  10.819  -13.662 1.00 22.62 ? 132 GLU A O   1 
ATOM   1043 C CB  . GLU A 1 132 ? 0.447   8.224   -14.950 1.00 26.44 ? 132 GLU A CB  1 
ATOM   1044 C CG  . GLU A 1 132 ? 1.747   7.747   -15.554 1.00 31.48 ? 132 GLU A CG  1 
ATOM   1045 C CD  . GLU A 1 132 ? 1.496   6.843   -16.757 1.00 37.03 ? 132 GLU A CD  1 
ATOM   1046 O OE1 . GLU A 1 132 ? 0.498   6.084   -16.754 1.00 36.12 ? 132 GLU A OE1 1 
ATOM   1047 O OE2 . GLU A 1 132 ? 2.277   6.917   -17.725 1.00 42.78 ? 132 GLU A OE2 1 
ATOM   1048 N N   . ILE A 1 133 ? -1.753  8.844   -12.832 1.00 19.48 ? 133 ILE A N   1 
ATOM   1049 C CA  . ILE A 1 133 ? -3.089  9.345   -12.515 1.00 19.11 ? 133 ILE A CA  1 
ATOM   1050 C C   . ILE A 1 133 ? -3.014  10.447  -11.476 1.00 21.63 ? 133 ILE A C   1 
ATOM   1051 O O   . ILE A 1 133 ? -3.625  11.507  -11.639 1.00 20.35 ? 133 ILE A O   1 
ATOM   1052 C CB  . ILE A 1 133 ? -3.996  8.190   -12.054 1.00 20.67 ? 133 ILE A CB  1 
ATOM   1053 C CG1 . ILE A 1 133 ? -4.461  7.359   -13.257 1.00 28.18 ? 133 ILE A CG1 1 
ATOM   1054 C CG2 . ILE A 1 133 ? -5.115  8.698   -11.159 1.00 26.73 ? 133 ILE A CG2 1 
ATOM   1055 C CD1 . ILE A 1 133 ? -4.715  8.178   -14.503 1.00 34.38 ? 133 ILE A CD1 1 
ATOM   1056 N N   . ILE A 1 134 ? -2.255  10.219  -10.394 1.00 17.79 ? 134 ILE A N   1 
ATOM   1057 C CA  . ILE A 1 134 ? -2.206  11.186  -9.301  1.00 19.44 ? 134 ILE A CA  1 
ATOM   1058 C C   . ILE A 1 134 ? -1.561  12.499  -9.748  1.00 19.26 ? 134 ILE A C   1 
ATOM   1059 O O   . ILE A 1 134 ? -2.060  13.582  -9.422  1.00 20.86 ? 134 ILE A O   1 
ATOM   1060 C CB  . ILE A 1 134 ? -1.489  10.574  -8.083  1.00 18.65 ? 134 ILE A CB  1 
ATOM   1061 C CG1 . ILE A 1 134 ? -2.230  9.323   -7.614  1.00 16.94 ? 134 ILE A CG1 1 
ATOM   1062 C CG2 . ILE A 1 134 ? -1.420  11.589  -6.942  1.00 20.28 ? 134 ILE A CG2 1 
ATOM   1063 C CD1 . ILE A 1 134 ? -1.562  8.594   -6.456  1.00 18.25 ? 134 ILE A CD1 1 
ATOM   1064 N N   . GLU A 1 135 ? -0.444  12.439  -10.482 1.00 20.85 ? 135 GLU A N   1 
ATOM   1065 C CA  . GLU A 1 135 ? 0.160   13.678  -10.979 1.00 20.37 ? 135 GLU A CA  1 
ATOM   1066 C C   . GLU A 1 135 ? -0.762  14.416  -11.939 1.00 22.93 ? 135 GLU A C   1 
ATOM   1067 O O   . GLU A 1 135 ? -0.688  15.645  -12.043 1.00 27.14 ? 135 GLU A O   1 
ATOM   1068 C CB  . GLU A 1 135 ? 1.510   13.411  -11.654 1.00 29.98 ? 135 GLU A CB  1 
ATOM   1069 C CG  . GLU A 1 135 ? 2.443   12.495  -10.883 1.00 29.81 ? 135 GLU A CG  1 
ATOM   1070 C CD  . GLU A 1 135 ? 3.755   12.264  -11.600 1.00 44.05 ? 135 GLU A CD  1 
ATOM   1071 O OE1 . GLU A 1 135 ? 3.786   12.349  -12.850 1.00 44.37 ? 135 GLU A OE1 1 
ATOM   1072 O OE2 . GLU A 1 135 ? 4.760   12.004  -10.908 1.00 43.81 ? 135 GLU A OE2 1 
ATOM   1073 N N   . LYS A 1 136 ? -1.633  13.698  -12.647 1.00 21.55 ? 136 LYS A N   1 
ATOM   1074 C CA  . LYS A 1 136 ? -2.575  14.365  -13.542 1.00 27.08 ? 136 LYS A CA  1 
ATOM   1075 C C   . LYS A 1 136 ? -3.543  15.257  -12.778 1.00 27.53 ? 136 LYS A C   1 
ATOM   1076 O O   . LYS A 1 136 ? -3.856  16.373  -13.216 1.00 26.09 ? 136 LYS A O   1 
ATOM   1077 C CB  . LYS A 1 136 ? -3.347  13.331  -14.365 1.00 26.33 ? 136 LYS A CB  1 
ATOM   1078 C CG  . LYS A 1 136 ? -3.888  13.892  -15.670 1.00 31.98 ? 136 LYS A CG  1 
ATOM   1079 C CD  . LYS A 1 136 ? -4.176  12.797  -16.697 1.00 41.56 ? 136 LYS A CD  1 
ATOM   1080 C CE  . LYS A 1 136 ? -2.964  11.896  -16.918 1.00 42.24 ? 136 LYS A CE  1 
ATOM   1081 N NZ  . LYS A 1 136 ? -2.169  12.291  -18.115 1.00 44.85 ? 136 LYS A NZ  1 
ATOM   1082 N N   . ILE A 1 137 ? -4.028  14.790  -11.632 1.00 21.78 ? 137 ILE A N   1 
ATOM   1083 C CA  . ILE A 1 137 ? -5.131  15.455  -10.955 1.00 21.83 ? 137 ILE A CA  1 
ATOM   1084 C C   . ILE A 1 137 ? -4.687  16.389  -9.843  1.00 20.55 ? 137 ILE A C   1 
ATOM   1085 O O   . ILE A 1 137 ? -5.433  17.318  -9.500  1.00 21.57 ? 137 ILE A O   1 
ATOM   1086 C CB  . ILE A 1 137 ? -6.128  14.414  -10.407 1.00 22.35 ? 137 ILE A CB  1 
ATOM   1087 C CG1 . ILE A 1 137 ? -5.467  13.543  -9.330  1.00 21.14 ? 137 ILE A CG1 1 
ATOM   1088 C CG2 . ILE A 1 137 ? -6.690  13.571  -11.546 1.00 24.02 ? 137 ILE A CG2 1 
ATOM   1089 C CD1 . ILE A 1 137 ? -6.448  12.648  -8.591  1.00 23.17 ? 137 ILE A CD1 1 
ATOM   1090 N N   . TRP A 1 138 ? -3.514  16.168  -9.260  1.00 20.99 ? 138 TRP A N   1 
ATOM   1091 C CA  . TRP A 1 138 ? -3.068  16.883  -8.082  1.00 18.79 ? 138 TRP A CA  1 
ATOM   1092 C C   . TRP A 1 138 ? -1.738  17.579  -8.328  1.00 21.34 ? 138 TRP A C   1 
ATOM   1093 O O   . TRP A 1 138 ? -0.949  17.186  -9.196  1.00 23.52 ? 138 TRP A O   1 
ATOM   1094 C CB  . TRP A 1 138 ? -2.919  15.931  -6.888  1.00 19.77 ? 138 TRP A CB  1 
ATOM   1095 C CG  . TRP A 1 138 ? -4.208  15.543  -6.209  1.00 18.62 ? 138 TRP A CG  1 
ATOM   1096 C CD1 . TRP A 1 138 ? -5.490  15.798  -6.641  1.00 20.44 ? 138 TRP A CD1 1 
ATOM   1097 C CD2 . TRP A 1 138 ? -4.338  14.832  -4.975  1.00 17.93 ? 138 TRP A CD2 1 
ATOM   1098 N NE1 . TRP A 1 138 ? -6.396  15.303  -5.739  1.00 20.23 ? 138 TRP A NE1 1 
ATOM   1099 C CE2 . TRP A 1 138 ? -5.716  14.703  -4.707  1.00 20.06 ? 138 TRP A CE2 1 
ATOM   1100 C CE3 . TRP A 1 138 ? -3.417  14.298  -4.059  1.00 19.23 ? 138 TRP A CE3 1 
ATOM   1101 C CZ2 . TRP A 1 138 ? -6.203  14.050  -3.568  1.00 21.54 ? 138 TRP A CZ2 1 
ATOM   1102 C CZ3 . TRP A 1 138 ? -3.897  13.662  -2.930  1.00 20.33 ? 138 TRP A CZ3 1 
ATOM   1103 C CH2 . TRP A 1 138 ? -5.280  13.542  -2.692  1.00 19.81 ? 138 TRP A CH2 1 
ATOM   1104 N N   . ASP A 1 139 ? -1.492  18.607  -7.517  1.00 21.34 ? 139 ASP A N   1 
ATOM   1105 C CA  . ASP A 1 139 ? -0.191  19.273  -7.455  1.00 26.10 ? 139 ASP A CA  1 
ATOM   1106 C C   . ASP A 1 139 ? 0.683   18.449  -6.517  1.00 22.83 ? 139 ASP A C   1 
ATOM   1107 O O   . ASP A 1 139 ? 0.806   18.728  -5.325  1.00 24.04 ? 139 ASP A O   1 
ATOM   1108 C CB  . ASP A 1 139 ? -0.349  20.707  -6.970  1.00 26.43 ? 139 ASP A CB  1 
ATOM   1109 C CG  . ASP A 1 139 ? 0.952   21.490  -7.005  1.00 30.27 ? 139 ASP A CG  1 
ATOM   1110 O OD1 . ASP A 1 139 ? 2.013   20.918  -7.361  1.00 29.39 ? 139 ASP A OD1 1 
ATOM   1111 O OD2 . ASP A 1 139 ? 0.909   22.692  -6.661  1.00 33.46 ? 139 ASP A OD2 1 
ATOM   1112 N N   . VAL A 1 140 ? 1.274   17.391  -7.074  1.00 23.37 ? 140 VAL A N   1 
ATOM   1113 C CA  . VAL A 1 140 ? 1.939   16.380  -6.255  1.00 21.18 ? 140 VAL A CA  1 
ATOM   1114 C C   . VAL A 1 140 ? 3.195   16.927  -5.580  1.00 24.40 ? 140 VAL A C   1 
ATOM   1115 O O   . VAL A 1 140 ? 3.523   16.536  -4.451  1.00 23.43 ? 140 VAL A O   1 
ATOM   1116 C CB  . VAL A 1 140 ? 2.250   15.148  -7.118  1.00 19.75 ? 140 VAL A CB  1 
ATOM   1117 C CG1 . VAL A 1 140 ? 3.063   14.116  -6.325  1.00 24.09 ? 140 VAL A CG1 1 
ATOM   1118 C CG2 . VAL A 1 140 ? 0.950   14.535  -7.617  1.00 20.83 ? 140 VAL A CG2 1 
ATOM   1119 N N   . ASN A 1 141 ? 3.923   17.821  -6.247  1.00 25.71 ? 141 ASN A N   1 
ATOM   1120 C CA  . ASN A 1 141 ? 5.117   18.383  -5.624  1.00 24.67 ? 141 ASN A CA  1 
ATOM   1121 C C   . ASN A 1 141 ? 4.752   19.131  -4.350  1.00 26.54 ? 141 ASN A C   1 
ATOM   1122 O O   . ASN A 1 141 ? 5.449   19.020  -3.334  1.00 29.17 ? 141 ASN A O   1 
ATOM   1123 C CB  . ASN A 1 141 ? 5.845   19.296  -6.611  1.00 32.35 ? 141 ASN A CB  1 
ATOM   1124 C CG  . ASN A 1 141 ? 6.552   18.516  -7.714  1.00 39.21 ? 141 ASN A CG  1 
ATOM   1125 O OD1 . ASN A 1 141 ? 7.192   17.494  -7.460  1.00 45.78 ? 141 ASN A OD1 1 
ATOM   1126 N ND2 . ASN A 1 141 ? 6.445   19.005  -8.947  1.00 47.77 ? 141 ASN A ND2 1 
ATOM   1127 N N   . LYS A 1 142 ? 3.629   19.855  -4.364  1.00 26.10 ? 142 LYS A N   1 
ATOM   1128 C CA  . LYS A 1 142 ? 3.204   20.576  -3.168  1.00 24.59 ? 142 LYS A CA  1 
ATOM   1129 C C   . LYS A 1 142 ? 2.783   19.612  -2.064  1.00 21.64 ? 142 LYS A C   1 
ATOM   1130 O O   . LYS A 1 142 ? 3.130   19.811  -0.897  1.00 23.64 ? 142 LYS A O   1 
ATOM   1131 C CB  . LYS A 1 142 ? 2.066   21.540  -3.510  1.00 29.33 ? 142 LYS A CB  1 
ATOM   1132 C CG  . LYS A 1 142 ? 1.064   21.771  -2.386  1.00 31.00 ? 142 LYS A CG  1 
ATOM   1133 C CD  . LYS A 1 142 ? -0.163  22.532  -2.898  1.00 44.00 ? 142 LYS A CD  1 
ATOM   1134 C CE  . LYS A 1 142 ? -1.454  21.793  -2.547  1.00 38.65 ? 142 LYS A CE  1 
ATOM   1135 N NZ  . LYS A 1 142 ? -2.675  22.649  -2.649  1.00 50.48 ? 142 LYS A NZ  1 
ATOM   1136 N N   . ILE A 1 143 ? 2.035   18.561  -2.414  1.00 21.45 ? 143 ILE A N   1 
ATOM   1137 C CA  . ILE A 1 143 ? 1.614   17.583  -1.416  1.00 19.61 ? 143 ILE A CA  1 
ATOM   1138 C C   . ILE A 1 143 ? 2.818   16.845  -0.844  1.00 19.37 ? 143 ILE A C   1 
ATOM   1139 O O   . ILE A 1 143 ? 2.880   16.588  0.361   1.00 21.08 ? 143 ILE A O   1 
ATOM   1140 C CB  . ILE A 1 143 ? 0.593   16.607  -2.032  1.00 25.43 ? 143 ILE A CB  1 
ATOM   1141 C CG1 . ILE A 1 143 ? -0.597  17.382  -2.606  1.00 27.43 ? 143 ILE A CG1 1 
ATOM   1142 C CG2 . ILE A 1 143 ? 0.124   15.587  -0.987  1.00 22.66 ? 143 ILE A CG2 1 
ATOM   1143 C CD1 . ILE A 1 143 ? -1.341  18.190  -1.581  1.00 32.67 ? 143 ILE A CD1 1 
ATOM   1144 N N   . ARG A 1 144 ? 3.777   16.471  -1.700  1.00 20.21 ? 144 ARG A N   1 
ATOM   1145 C CA  . ARG A 1 144 ? 4.996   15.818  -1.227  1.00 20.78 ? 144 ARG A CA  1 
ATOM   1146 C C   . ARG A 1 144 ? 5.723   16.675  -0.198  1.00 22.56 ? 144 ARG A C   1 
ATOM   1147 O O   . ARG A 1 144 ? 6.212   16.166  0.816   1.00 20.83 ? 144 ARG A O   1 
ATOM   1148 C CB  . ARG A 1 144 ? 5.929   15.511  -2.403  1.00 23.73 ? 144 ARG A CB  1 
ATOM   1149 C CG  . ARG A 1 144 ? 5.488   14.379  -3.314  1.00 25.00 ? 144 ARG A CG  1 
ATOM   1150 C CD  . ARG A 1 144 ? 6.517   14.126  -4.417  1.00 24.38 ? 144 ARG A CD  1 
ATOM   1151 N NE  . ARG A 1 144 ? 6.152   13.014  -5.290  1.00 24.72 ? 144 ARG A NE  1 
ATOM   1152 C CZ  . ARG A 1 144 ? 6.310   11.738  -4.964  1.00 25.20 ? 144 ARG A CZ  1 
ATOM   1153 N NH1 . ARG A 1 144 ? 6.756   11.380  -3.768  1.00 24.27 ? 144 ARG A NH1 1 
ATOM   1154 N NH2 . ARG A 1 144 ? 5.991   10.797  -5.849  1.00 27.66 ? 144 ARG A NH2 1 
ATOM   1155 N N   . LEU A 1 145 ? 5.785   17.987  -0.431  1.00 20.01 ? 145 LEU A N   1 
ATOM   1156 C CA  . LEU A 1 145 ? 6.480   18.876  0.490   1.00 22.68 ? 145 LEU A CA  1 
ATOM   1157 C C   . LEU A 1 145 ? 5.764   18.933  1.832   1.00 22.72 ? 145 LEU A C   1 
ATOM   1158 O O   . LEU A 1 145 ? 6.402   18.887  2.890   1.00 22.50 ? 145 LEU A O   1 
ATOM   1159 C CB  . LEU A 1 145 ? 6.578   20.264  -0.139  1.00 25.61 ? 145 LEU A CB  1 
ATOM   1160 C CG  . LEU A 1 145 ? 7.937   20.665  -0.703  1.00 36.29 ? 145 LEU A CG  1 
ATOM   1161 C CD1 . LEU A 1 145 ? 7.847   22.049  -1.330  1.00 32.78 ? 145 LEU A CD1 1 
ATOM   1162 C CD2 . LEU A 1 145 ? 8.994   20.626  0.369   1.00 32.08 ? 145 LEU A CD2 1 
ATOM   1163 N N   . ILE A 1 146 ? 4.432   19.010  1.803   1.00 21.80 ? 146 ILE A N   1 
ATOM   1164 C CA  . ILE A 1 146 ? 3.655   18.997  3.037   1.00 19.08 ? 146 ILE A CA  1 
ATOM   1165 C C   . ILE A 1 146 ? 3.838   17.664  3.756   1.00 18.56 ? 146 ILE A C   1 
ATOM   1166 O O   . ILE A 1 146 ? 4.063   17.612  4.970   1.00 20.10 ? 146 ILE A O   1 
ATOM   1167 C CB  . ILE A 1 146 ? 2.170   19.270  2.734   1.00 23.61 ? 146 ILE A CB  1 
ATOM   1168 C CG1 . ILE A 1 146 ? 1.968   20.684  2.195   1.00 25.76 ? 146 ILE A CG1 1 
ATOM   1169 C CG2 . ILE A 1 146 ? 1.339   19.102  3.988   1.00 22.87 ? 146 ILE A CG2 1 
ATOM   1170 C CD1 . ILE A 1 146 ? 0.752   20.791  1.280   1.00 27.64 ? 146 ILE A CD1 1 
ATOM   1171 N N   . ALA A 1 147 ? 3.749   16.565  3.007   1.00 18.28 ? 147 ALA A N   1 
ATOM   1172 C CA  . ALA A 1 147 ? 3.886   15.241  3.604   1.00 20.60 ? 147 ALA A CA  1 
ATOM   1173 C C   . ALA A 1 147 ? 5.245   15.081  4.272   1.00 19.27 ? 147 ALA A C   1 
ATOM   1174 O O   . ALA A 1 147 ? 5.337   14.634  5.417   1.00 18.37 ? 147 ALA A O   1 
ATOM   1175 C CB  . ALA A 1 147 ? 3.675   14.163  2.538   1.00 20.14 ? 147 ALA A CB  1 
ATOM   1176 N N   . ARG A 1 148 ? 6.313   15.462  3.570   1.00 19.40 ? 148 ARG A N   1 
ATOM   1177 C CA  . ARG A 1 148 ? 7.649   15.401  4.154   1.00 17.64 ? 148 ARG A CA  1 
ATOM   1178 C C   . ARG A 1 148 ? 7.726   16.190  5.457   1.00 22.79 ? 148 ARG A C   1 
ATOM   1179 O O   . ARG A 1 148 ? 8.272   15.708  6.455   1.00 21.45 ? 148 ARG A O   1 
ATOM   1180 C CB  . ARG A 1 148 ? 8.671   15.933  3.147   1.00 22.49 ? 148 ARG A CB  1 
ATOM   1181 C CG  . ARG A 1 148 ? 10.108  15.645  3.499   1.00 30.77 ? 148 ARG A CG  1 
ATOM   1182 C CD  . ARG A 1 148 ? 10.959  15.595  2.237   1.00 34.76 ? 148 ARG A CD  1 
ATOM   1183 N NE  . ARG A 1 148 ? 11.986  16.628  2.266   1.00 44.34 ? 148 ARG A NE  1 
ATOM   1184 C CZ  . ARG A 1 148 ? 13.138  16.538  2.918   1.00 44.70 ? 148 ARG A CZ  1 
ATOM   1185 N NH1 . ARG A 1 148 ? 13.482  15.438  3.569   1.00 46.27 ? 148 ARG A NH1 1 
ATOM   1186 N NH2 . ARG A 1 148 ? 13.970  17.577  2.913   1.00 47.02 ? 148 ARG A NH2 1 
ATOM   1187 N N   . LYS A 1 149 ? 7.206   17.420  5.458   1.00 21.21 ? 149 LYS A N   1 
ATOM   1188 C CA  . LYS A 1 149 ? 7.247   18.224  6.674   1.00 22.17 ? 149 LYS A CA  1 
ATOM   1189 C C   . LYS A 1 149 ? 6.510   17.523  7.807   1.00 24.10 ? 149 LYS A C   1 
ATOM   1190 O O   . LYS A 1 149 ? 7.038   17.392  8.915   1.00 25.62 ? 149 LYS A O   1 
ATOM   1191 C CB  . LYS A 1 149 ? 6.652   19.612  6.411   1.00 28.46 ? 149 LYS A CB  1 
ATOM   1192 C CG  . LYS A 1 149 ? 6.234   20.356  7.686   1.00 36.92 ? 149 LYS A CG  1 
ATOM   1193 C CD  . LYS A 1 149 ? 5.017   21.247  7.463   1.00 41.38 ? 149 LYS A CD  1 
ATOM   1194 C CE  . LYS A 1 149 ? 4.943   22.380  8.482   1.00 46.63 ? 149 LYS A CE  1 
ATOM   1195 N NZ  . LYS A 1 149 ? 6.063   23.355  8.326   1.00 50.35 ? 149 LYS A NZ  1 
ATOM   1196 N N   . GLU A 1 150 ? 5.311   16.999  7.520   1.00 20.00 ? 150 GLU A N   1 
ATOM   1197 C CA  . GLU A 1 150 ? 4.491   16.363  8.548   1.00 22.43 ? 150 GLU A CA  1 
ATOM   1198 C C   . GLU A 1 150 ? 5.112   15.069  9.047   1.00 19.06 ? 150 GLU A C   1 
ATOM   1199 O O   . GLU A 1 150 ? 5.033   14.753  10.240  1.00 23.31 ? 150 GLU A O   1 
ATOM   1200 C CB  . GLU A 1 150 ? 3.089   16.097  8.002   1.00 22.23 ? 150 GLU A CB  1 
ATOM   1201 C CG  . GLU A 1 150 ? 2.323   17.356  7.601   1.00 26.54 ? 150 GLU A CG  1 
ATOM   1202 C CD  . GLU A 1 150 ? 0.891   17.059  7.234   1.00 29.70 ? 150 GLU A CD  1 
ATOM   1203 O OE1 . GLU A 1 150 ? 0.608   15.897  6.882   1.00 26.91 ? 150 GLU A OE1 1 
ATOM   1204 O OE2 . GLU A 1 150 ? 0.050   17.985  7.273   1.00 32.48 ? 150 GLU A OE2 1 
ATOM   1205 N N   . ILE A 1 151 ? 5.710   14.288  8.142   1.00 18.44 ? 151 ILE A N   1 
ATOM   1206 C CA  . ILE A 1 151 ? 6.398   13.065  8.544   1.00 16.90 ? 151 ILE A CA  1 
ATOM   1207 C C   . ILE A 1 151 ? 7.581   13.394  9.448   1.00 24.66 ? 151 ILE A C   1 
ATOM   1208 O O   . ILE A 1 151 ? 7.800   12.757  10.485  1.00 20.85 ? 151 ILE A O   1 
ATOM   1209 C CB  . ILE A 1 151 ? 6.848   12.284  7.294   1.00 17.24 ? 151 ILE A CB  1 
ATOM   1210 C CG1 . ILE A 1 151 ? 5.639   11.669  6.591   1.00 17.96 ? 151 ILE A CG1 1 
ATOM   1211 C CG2 . ILE A 1 151 ? 7.904   11.244  7.656   1.00 19.23 ? 151 ILE A CG2 1 
ATOM   1212 C CD1 . ILE A 1 151 ? 5.907   11.271  5.113   1.00 16.71 ? 151 ILE A CD1 1 
ATOM   1213 N N   . LEU A 1 152 ? 8.374   14.386  9.056   1.00 22.72 ? 152 LEU A N   1 
ATOM   1214 C CA  . LEU A 1 152 ? 9.568   14.697  9.823   1.00 23.38 ? 152 LEU A CA  1 
ATOM   1215 C C   . LEU A 1 152 ? 9.228   15.259  11.205  1.00 22.45 ? 152 LEU A C   1 
ATOM   1216 O O   . LEU A 1 152 ? 9.993   15.040  12.147  1.00 30.78 ? 152 LEU A O   1 
ATOM   1217 C CB  . LEU A 1 152 ? 10.463  15.646  9.021   1.00 21.77 ? 152 LEU A CB  1 
ATOM   1218 C CG  . LEU A 1 152 ? 11.123  15.040  7.768   1.00 23.96 ? 152 LEU A CG  1 
ATOM   1219 C CD1 . LEU A 1 152 ? 11.838  16.100  6.936   1.00 28.61 ? 152 LEU A CD1 1 
ATOM   1220 C CD2 . LEU A 1 152 ? 12.104  13.940  8.128   1.00 25.15 ? 152 LEU A CD2 1 
ATOM   1221 N N   . GLU A 1 153 ? 8.087   15.945  11.362  1.00 23.88 ? 153 GLU A N   1 
ATOM   1222 C CA  . GLU A 1 153 ? 7.683   16.370  12.706  1.00 24.92 ? 153 GLU A CA  1 
ATOM   1223 C C   . GLU A 1 153 ? 7.361   15.195  13.619  1.00 29.90 ? 153 GLU A C   1 
ATOM   1224 O O   . GLU A 1 153 ? 7.457   15.344  14.840  1.00 32.42 ? 153 GLU A O   1 
ATOM   1225 C CB  . GLU A 1 153 ? 6.464   17.304  12.687  1.00 31.74 ? 153 GLU A CB  1 
ATOM   1226 C CG  . GLU A 1 153 ? 6.338   18.204  11.490  1.00 36.34 ? 153 GLU A CG  1 
ATOM   1227 C CD  . GLU A 1 153 ? 5.603   19.510  11.759  1.00 49.25 ? 153 GLU A CD  1 
ATOM   1228 O OE1 . GLU A 1 153 ? 4.416   19.605  11.361  1.00 48.10 ? 153 GLU A OE1 1 
ATOM   1229 O OE2 . GLU A 1 153 ? 6.210   20.444  12.332  1.00 50.76 ? 153 GLU A OE2 1 
ATOM   1230 N N   . ARG A 1 154 ? 6.949   14.049  13.067  1.00 30.66 ? 154 ARG A N   1 
ATOM   1231 C CA  . ARG A 1 154 ? 6.692   12.863  13.879  1.00 28.39 ? 154 ARG A CA  1 
ATOM   1232 C C   . ARG A 1 154 ? 7.955   12.059  14.135  1.00 31.99 ? 154 ARG A C   1 
ATOM   1233 O O   . ARG A 1 154 ? 8.118   11.511  15.231  1.00 37.43 ? 154 ARG A O   1 
ATOM   1234 C CB  . ARG A 1 154 ? 5.663   11.940  13.207  1.00 24.45 ? 154 ARG A CB  1 
ATOM   1235 C CG  . ARG A 1 154 ? 4.320   12.554  12.827  1.00 31.29 ? 154 ARG A CG  1 
ATOM   1236 C CD  . ARG A 1 154 ? 3.391   12.599  14.019  1.00 36.75 ? 154 ARG A CD  1 
ATOM   1237 N NE  . ARG A 1 154 ? 2.000   12.858  13.665  1.00 31.23 ? 154 ARG A NE  1 
ATOM   1238 C CZ  . ARG A 1 154 ? 1.058   11.926  13.629  1.00 24.04 ? 154 ARG A CZ  1 
ATOM   1239 N NH1 . ARG A 1 154 ? 1.339   10.650  13.832  1.00 27.86 ? 154 ARG A NH1 1 
ATOM   1240 N NH2 . ARG A 1 154 ? -0.201  12.284  13.403  1.00 24.96 ? 154 ARG A NH2 1 
ATOM   1241 N N   . ILE A 1 155 ? 8.837   11.971  13.141  1.00 25.35 ? 155 ILE A N   1 
ATOM   1242 C CA  . ILE A 1 155 ? 10.116  11.283  13.251  1.00 33.25 ? 155 ILE A CA  1 
ATOM   1243 C C   . ILE A 1 155 ? 11.025  12.017  14.232  1.00 43.18 ? 155 ILE A C   1 
ATOM   1244 O O   . ILE A 1 155 ? 11.394  13.171  13.996  1.00 43.40 ? 155 ILE A O   1 
ATOM   1245 C CB  . ILE A 1 155 ? 10.805  11.164  11.880  1.00 35.71 ? 155 ILE A CB  1 
ATOM   1246 C CG1 . ILE A 1 155 ? 10.162  10.064  11.044  1.00 34.76 ? 155 ILE A CG1 1 
ATOM   1247 C CG2 . ILE A 1 155 ? 12.306  10.893  12.040  1.00 43.34 ? 155 ILE A CG2 1 
ATOM   1248 C CD1 . ILE A 1 155 ? 10.852  9.851   9.722   1.00 29.66 ? 155 ILE A CD1 1 
HETATM 1249 O O   . HOH B 2 .   ? -0.066  17.636  -11.235 1.00 21.51 ? 201 HOH A O   1 
HETATM 1250 O O   . HOH B 2 .   ? 8.425   3.087   12.898  1.00 28.49 ? 202 HOH A O   1 
HETATM 1251 O O   . HOH B 2 .   ? 7.896   -3.493  -8.706  1.00 34.56 ? 203 HOH A O   1 
HETATM 1252 O O   . HOH B 2 .   ? 10.753  12.154  1.180   1.00 26.80 ? 204 HOH A O   1 
HETATM 1253 O O   . HOH B 2 .   ? -3.903  9.127   16.109  1.00 31.18 ? 205 HOH A O   1 
HETATM 1254 O O   . HOH B 2 .   ? 1.081   -11.157 19.610  1.00 48.07 ? 206 HOH A O   1 
HETATM 1255 O O   . HOH B 2 .   ? -12.170 6.583   -13.926 1.00 34.64 ? 207 HOH A O   1 
HETATM 1256 O O   . HOH B 2 .   ? 7.919   -1.707  -12.072 1.00 43.40 ? 208 HOH A O   1 
HETATM 1257 O O   . HOH B 2 .   ? 4.892   -10.851 -7.872  1.00 34.52 ? 209 HOH A O   1 
HETATM 1258 O O   . HOH B 2 .   ? -4.147  -20.796 19.381  1.00 22.54 ? 210 HOH A O   1 
HETATM 1259 O O   . HOH B 2 .   ? -0.533  -1.213  17.036  1.00 23.79 ? 211 HOH A O   1 
HETATM 1260 O O   . HOH B 2 .   ? -8.543  -0.538  4.629   1.00 16.76 ? 212 HOH A O   1 
HETATM 1261 O O   . HOH B 2 .   ? 5.710   -8.983  0.335   1.00 30.58 ? 213 HOH A O   1 
HETATM 1262 O O   . HOH B 2 .   ? 5.882   11.700  17.192  1.00 30.90 ? 214 HOH A O   1 
HETATM 1263 O O   . HOH B 2 .   ? -12.288 11.767  -1.822  1.00 33.28 ? 215 HOH A O   1 
HETATM 1264 O O   . HOH B 2 .   ? -6.489  7.367   5.379   1.00 23.63 ? 216 HOH A O   1 
HETATM 1265 O O   . HOH B 2 .   ? -10.889 10.659  -7.771  1.00 18.76 ? 217 HOH A O   1 
HETATM 1266 O O   . HOH B 2 .   ? -15.236 -3.043  -6.584  1.00 36.76 ? 218 HOH A O   1 
HETATM 1267 O O   . HOH B 2 .   ? -12.822 -4.869  -12.803 1.00 34.17 ? 219 HOH A O   1 
HETATM 1268 O O   . HOH B 2 .   ? -3.114  -19.895 4.756   1.00 29.11 ? 220 HOH A O   1 
HETATM 1269 O O   . HOH B 2 .   ? -5.333  -8.315  13.250  1.00 29.92 ? 221 HOH A O   1 
HETATM 1270 O O   . HOH B 2 .   ? 16.233  -0.651  7.769   1.00 16.49 ? 222 HOH A O   1 
HETATM 1271 O O   . HOH B 2 .   ? 6.023   -2.265  2.745   1.00 13.02 ? 223 HOH A O   1 
HETATM 1272 O O   . HOH B 2 .   ? 6.524   9.962   -10.966 1.00 40.96 ? 224 HOH A O   1 
HETATM 1273 O O   . HOH B 2 .   ? 3.256   19.143  -8.995  1.00 31.34 ? 225 HOH A O   1 
HETATM 1274 O O   . HOH B 2 .   ? -0.486  10.325  16.892  1.00 32.89 ? 226 HOH A O   1 
HETATM 1275 O O   . HOH B 2 .   ? -6.862  -4.506  -16.179 1.00 34.13 ? 227 HOH A O   1 
HETATM 1276 O O   . HOH B 2 .   ? -3.428  5.199   15.250  1.00 31.36 ? 228 HOH A O   1 
HETATM 1277 O O   . HOH B 2 .   ? 7.040   -17.066 -2.459  1.00 54.16 ? 229 HOH A O   1 
HETATM 1278 O O   . HOH B 2 .   ? -6.484  -11.302 -10.482 1.00 31.76 ? 230 HOH A O   1 
HETATM 1279 O O   . HOH B 2 .   ? 3.936   -10.574 11.338  1.00 16.26 ? 231 HOH A O   1 
HETATM 1280 O O   . HOH B 2 .   ? 5.763   0.704   -12.294 1.00 30.43 ? 232 HOH A O   1 
HETATM 1281 O O   . HOH B 2 .   ? 5.984   13.699  -13.882 1.00 49.95 ? 233 HOH A O   1 
HETATM 1282 O O   . HOH B 2 .   ? 11.333  1.621   -5.460  1.00 29.77 ? 234 HOH A O   1 
HETATM 1283 O O   . HOH B 2 .   ? -4.860  8.528   3.486   1.00 18.90 ? 235 HOH A O   1 
HETATM 1284 O O   . HOH B 2 .   ? -7.388  4.744   -14.850 1.00 34.69 ? 236 HOH A O   1 
HETATM 1285 O O   . HOH B 2 .   ? 8.578   7.032   -6.140  1.00 32.02 ? 237 HOH A O   1 
HETATM 1286 O O   . HOH B 2 .   ? -3.203  17.694  -15.602 1.00 32.27 ? 238 HOH A O   1 
HETATM 1287 O O   . HOH B 2 .   ? -5.969  4.654   13.384  1.00 31.32 ? 239 HOH A O   1 
HETATM 1288 O O   . HOH B 2 .   ? 11.595  -1.054  -3.325  1.00 36.75 ? 240 HOH A O   1 
HETATM 1289 O O   . HOH B 2 .   ? 3.999   -16.286 14.356  1.00 27.73 ? 241 HOH A O   1 
HETATM 1290 O O   . HOH B 2 .   ? -3.629  -18.740 -3.516  1.00 37.01 ? 242 HOH A O   1 
HETATM 1291 O O   . HOH B 2 .   ? 11.862  -2.217  -0.554  1.00 30.56 ? 243 HOH A O   1 
HETATM 1292 O O   . HOH B 2 .   ? 5.498   -14.753 12.757  1.00 29.21 ? 244 HOH A O   1 
HETATM 1293 O O   . HOH B 2 .   ? 12.118  0.028   12.419  1.00 28.43 ? 245 HOH A O   1 
HETATM 1294 O O   . HOH B 2 .   ? -0.073  -15.007 8.427   1.00 30.46 ? 246 HOH A O   1 
HETATM 1295 O O   . HOH B 2 .   ? -2.149  -10.433 16.286  1.00 38.36 ? 247 HOH A O   1 
HETATM 1296 O O   . HOH B 2 .   ? -2.284  -3.237  17.649  1.00 24.26 ? 248 HOH A O   1 
HETATM 1297 O O   . HOH B 2 .   ? 0.492   12.400  -15.603 1.00 34.96 ? 249 HOH A O   1 
HETATM 1298 O O   . HOH B 2 .   ? 10.626  -9.859  6.387   1.00 35.87 ? 250 HOH A O   1 
HETATM 1299 O O   . HOH B 2 .   ? -11.077 -11.211 -9.117  1.00 46.42 ? 251 HOH A O   1 
HETATM 1300 O O   . HOH B 2 .   ? 0.779   -5.557  -17.409 1.00 37.56 ? 252 HOH A O   1 
HETATM 1301 O O   . HOH B 2 .   ? -15.222 -3.834  -1.957  1.00 37.05 ? 253 HOH A O   1 
HETATM 1302 O O   . HOH B 2 .   ? -2.938  11.346  9.479   1.00 25.64 ? 254 HOH A O   1 
HETATM 1303 O O   . HOH B 2 .   ? -14.530 -2.906  3.070   1.00 38.71 ? 255 HOH A O   1 
HETATM 1304 O O   . HOH B 2 .   ? -2.123  18.612  -12.120 1.00 33.46 ? 256 HOH A O   1 
HETATM 1305 O O   . HOH B 2 .   ? -13.011 -6.535  4.197   1.00 23.12 ? 257 HOH A O   1 
HETATM 1306 O O   . HOH B 2 .   ? 13.169  5.433   -5.847  1.00 31.68 ? 258 HOH A O   1 
HETATM 1307 O O   . HOH B 2 .   ? 12.279  -5.886  9.530   1.00 18.57 ? 259 HOH A O   1 
HETATM 1308 O O   . HOH B 2 .   ? -6.575  2.027   16.606  1.00 45.05 ? 260 HOH A O   1 
HETATM 1309 O O   . HOH B 2 .   ? 15.866  10.772  1.024   1.00 37.12 ? 261 HOH A O   1 
HETATM 1310 O O   . HOH B 2 .   ? 5.881   14.440  -8.011  1.00 36.90 ? 262 HOH A O   1 
HETATM 1311 O O   . HOH B 2 .   ? -4.415  9.128   11.885  1.00 35.98 ? 263 HOH A O   1 
HETATM 1312 O O   . HOH B 2 .   ? -11.516 9.934   0.830   1.00 35.67 ? 264 HOH A O   1 
HETATM 1313 O O   . HOH B 2 .   ? 8.456   -13.809 -3.631  1.00 52.78 ? 265 HOH A O   1 
HETATM 1314 O O   . HOH B 2 .   ? 0.774   17.665  -13.986 1.00 42.42 ? 266 HOH A O   1 
HETATM 1315 O O   . HOH B 2 .   ? 6.262   -13.984 5.252   1.00 24.48 ? 267 HOH A O   1 
HETATM 1316 O O   . HOH B 2 .   ? 5.441   -11.749 13.302  1.00 31.49 ? 268 HOH A O   1 
HETATM 1317 O O   . HOH B 2 .   ? 2.034   17.383  -10.302 1.00 31.83 ? 269 HOH A O   1 
HETATM 1318 O O   . HOH B 2 .   ? 7.049   -4.673  -6.417  1.00 27.22 ? 270 HOH A O   1 
HETATM 1319 O O   . HOH B 2 .   ? 0.929   21.030  6.693   1.00 40.38 ? 271 HOH A O   1 
HETATM 1320 O O   . HOH B 2 .   ? -12.852 -16.684 6.736   1.00 39.07 ? 272 HOH A O   1 
HETATM 1321 O O   . HOH B 2 .   ? 8.410   -0.347  -8.704  1.00 35.55 ? 273 HOH A O   1 
HETATM 1322 O O   . HOH B 2 .   ? -6.614  -12.981 10.845  1.00 27.67 ? 274 HOH A O   1 
HETATM 1323 O O   . HOH B 2 .   ? 15.349  8.135   8.610   1.00 27.09 ? 275 HOH A O   1 
HETATM 1324 O O   . HOH B 2 .   ? -9.996  -8.394  -6.067  1.00 40.97 ? 276 HOH A O   1 
HETATM 1325 O O   . HOH B 2 .   ? 7.020   8.544   -8.010  1.00 39.09 ? 277 HOH A O   1 
HETATM 1326 O O   . HOH B 2 .   ? 5.423   -16.182 3.167   1.00 40.78 ? 278 HOH A O   1 
HETATM 1327 O O   . HOH B 2 .   ? -9.537  1.841   6.367   1.00 35.74 ? 279 HOH A O   1 
HETATM 1328 O O   . HOH B 2 .   ? 8.905   13.546  -7.162  1.00 39.05 ? 280 HOH A O   1 
HETATM 1329 O O   . HOH B 2 .   ? 9.953   -5.159  1.832   1.00 34.42 ? 281 HOH A O   1 
HETATM 1330 O O   . HOH B 2 .   ? -3.912  19.788  -5.481  1.00 28.30 ? 282 HOH A O   1 
HETATM 1331 O O   . HOH B 2 .   ? 8.135   10.704  18.530  1.00 39.82 ? 283 HOH A O   1 
HETATM 1332 O O   . HOH B 2 .   ? -3.515  15.119  1.490   1.00 38.78 ? 284 HOH A O   1 
HETATM 1333 O O   . HOH B 2 .   ? -7.183  6.821   10.082  1.00 47.70 ? 285 HOH A O   1 
HETATM 1334 O O   . HOH B 2 .   ? 4.543   -18.356 -8.021  1.00 54.43 ? 286 HOH A O   1 
HETATM 1335 O O   . HOH B 2 .   ? -5.558  2.543   -14.419 1.00 25.62 ? 287 HOH A O   1 
HETATM 1336 O O   . HOH B 2 .   ? -2.047  9.448   4.391   1.00 27.46 ? 288 HOH A O   1 
HETATM 1337 O O   . HOH B 2 .   ? 0.403   19.957  -10.792 1.00 34.53 ? 289 HOH A O   1 
HETATM 1338 O O   . HOH B 2 .   ? 3.077   -14.698 -11.763 1.00 45.31 ? 290 HOH A O   1 
HETATM 1339 O O   . HOH B 2 .   ? 9.298   14.519  17.679  1.00 42.79 ? 291 HOH A O   1 
HETATM 1340 O O   . HOH B 2 .   ? 11.390  16.572  15.119  1.00 45.67 ? 292 HOH A O   1 
HETATM 1341 O O   . HOH B 2 .   ? -15.576 -5.812  -3.296  1.00 49.34 ? 293 HOH A O   1 
HETATM 1342 O O   . HOH B 2 .   ? 12.687  11.770  -6.021  1.00 49.30 ? 294 HOH A O   1 
HETATM 1343 O O   . HOH B 2 .   ? -11.659 -19.206 -4.138  1.00 51.26 ? 295 HOH A O   1 
HETATM 1344 O O   . HOH B 2 .   ? 18.381  8.850   -1.098  1.00 36.83 ? 296 HOH A O   1 
HETATM 1345 O O   . HOH B 2 .   ? -0.950  -18.772 6.934   1.00 37.58 ? 297 HOH A O   1 
HETATM 1346 O O   . HOH B 2 .   ? 14.957  -5.321  0.270   1.00 39.16 ? 298 HOH A O   1 
HETATM 1347 O O   . HOH B 2 .   ? -14.121 2.507   -8.517  1.00 32.16 ? 299 HOH A O   1 
HETATM 1348 O O   . HOH B 2 .   ? -6.137  11.522  4.149   1.00 34.21 ? 300 HOH A O   1 
HETATM 1349 O O   . HOH B 2 .   ? 5.991   22.934  -4.001  1.00 40.25 ? 301 HOH A O   1 
HETATM 1350 O O   . HOH B 2 .   ? -10.024 -16.848 -0.432  1.00 36.68 ? 302 HOH A O   1 
HETATM 1351 O O   . HOH B 2 .   ? -18.547 -2.833  -11.982 1.00 54.92 ? 303 HOH A O   1 
HETATM 1352 O O   . HOH B 2 .   ? -14.530 2.827   -0.236  1.00 41.18 ? 304 HOH A O   1 
HETATM 1353 O O   . HOH B 2 .   ? -7.215  7.927   8.107   1.00 44.36 ? 305 HOH A O   1 
HETATM 1354 O O   . HOH B 2 .   ? 9.415   16.437  -2.317  1.00 39.72 ? 306 HOH A O   1 
HETATM 1355 O O   . HOH B 2 .   ? -3.657  14.035  5.490   1.00 45.81 ? 307 HOH A O   1 
HETATM 1356 O O   . HOH B 2 .   ? 10.615  11.131  18.397  1.00 44.40 ? 308 HOH A O   1 
HETATM 1357 O O   . HOH B 2 .   ? 9.830   -7.301  -4.905  1.00 46.77 ? 309 HOH A O   1 
HETATM 1358 O O   . HOH B 2 .   ? -7.976  -0.408  9.998   1.00 24.56 ? 310 HOH A O   1 
HETATM 1359 O O   . HOH B 2 .   ? -2.919  10.821  6.025   1.00 29.00 ? 311 HOH A O   1 
HETATM 1360 O O   . HOH B 2 .   ? -10.872 12.059  3.209   1.00 48.34 ? 312 HOH A O   1 
HETATM 1361 O O   . HOH B 2 .   ? 6.488   5.781   -10.953 1.00 39.50 ? 313 HOH A O   1 
HETATM 1362 O O   . HOH B 2 .   ? -13.854 -7.388  -13.542 1.00 41.47 ? 314 HOH A O   1 
HETATM 1363 O O   . HOH B 2 .   ? -2.514  -15.068 -15.140 1.00 52.55 ? 315 HOH A O   1 
HETATM 1364 O O   . HOH B 2 .   ? -5.463  18.533  -2.919  1.00 37.20 ? 316 HOH A O   1 
HETATM 1365 O O   . HOH B 2 .   ? -7.409  -9.427  13.901  1.00 39.14 ? 317 HOH A O   1 
HETATM 1366 O O   . HOH B 2 .   ? 1.890   -14.632 -16.063 1.00 53.64 ? 318 HOH A O   1 
HETATM 1367 O O   . HOH B 2 .   ? 12.715  9.153   15.652  1.00 50.03 ? 319 HOH A O   1 
HETATM 1368 O O   . HOH B 2 .   ? -3.311  3.441   -16.793 1.00 40.73 ? 320 HOH A O   1 
HETATM 1369 O O   . HOH B 2 .   ? 0.370   25.033  0.160   1.00 50.91 ? 321 HOH A O   1 
HETATM 1370 O O   . HOH B 2 .   ? -5.707  -14.268 -14.794 1.00 57.03 ? 322 HOH A O   1 
HETATM 1371 O O   . HOH B 2 .   ? 3.724   15.312  18.211  1.00 47.77 ? 323 HOH A O   1 
HETATM 1372 O O   . HOH B 2 .   ? 18.224  7.198   -6.672  1.00 56.05 ? 324 HOH A O   1 
HETATM 1373 O O   . HOH B 2 .   ? -21.059 1.821   -11.790 1.00 56.93 ? 325 HOH A O   1 
HETATM 1374 O O   . HOH B 2 .   ? 7.293   -9.286  13.072  1.00 36.29 ? 326 HOH A O   1 
HETATM 1375 O O   . HOH B 2 .   ? 9.310   -8.723  11.143  1.00 31.44 ? 327 HOH A O   1 
# 
